data_7UT9
#
_entry.id   7UT9
#
_cell.length_a   1.00
_cell.length_b   1.00
_cell.length_c   1.00
_cell.angle_alpha   90.00
_cell.angle_beta   90.00
_cell.angle_gamma   90.00
#
_symmetry.space_group_name_H-M   'P 1'
#
loop_
_entity.id
_entity.type
_entity.pdbx_description
1 polymer 'Nitrogenase molybdenum-iron protein alpha chain'
2 polymer 'Nitrogenase molybdenum-iron protein beta chain'
3 polymer 'Nitrogenase iron protein gamma chain'
4 non-polymer '3-HYDROXY-3-CARBOXY-ADIPIC ACID'
5 non-polymer 'iron-sulfur-molybdenum cluster with interstitial carbon'
6 non-polymer 'FE(8)-S(7) CLUSTER'
7 non-polymer 'FE (III) ION'
8 non-polymer 'MAGNESIUM ION'
9 non-polymer "ADENOSINE-5'-DIPHOSPHATE"
10 non-polymer 'IRON/SULFUR CLUSTER'
11 non-polymer "ADENOSINE-5'-TRIPHOSPHATE"
12 water water
#
loop_
_entity_poly.entity_id
_entity_poly.type
_entity_poly.pdbx_seq_one_letter_code
_entity_poly.pdbx_strand_id
1 'polypeptide(L)'
;MTGMSREEVESLIQEVLEVYPEKARKDRNKHLAVNDPAVTQSKKCIISNKKSQPGLMTIRGCAYAGSKGVVWGPIKDMIH
ISHGPVGCGQYSRAGRRNYYIGTTGVNAFVTMNFTSDFQEKDIVFGGDKKLAKLIDEVETLFPLNKGISVQSECPIGLIG
DDIESVSKVKGAELSKTIVPVRCEGFRGVSQSLGHHIANDAVRDWVLGKRDEDTTFASTPYDVAIIGDYNIGGDAWSSRI
LLEEMGLRCVAQWSGDGSISEIELTPKVKLNLVHCYRSMNYISRHMEEKYGIPWMEYNFFGPTKTIESLRAIAAKFDESI
QKKCEEVIAKYKPEWEAVVAKYRPRLEGKRVMLYIGGLRPRHVIGAYEDLGMEVVGTGYEFAHNDDYDRTMKEMGDSTLL
YDDVTGYEFEEFVKRIKPDLIGSGIKEKFIFQKMGIPFREMHSWDYSGPYHGFDGFAIFARDMDMTLNNPCWKKLQAPWE
ASEGAEKVAASA
;
A,C
2 'polypeptide(L)'
;MSQQVDKIKASYPLFLDQDYKDMLAKKRDGFEEKYPQDKIDEVFQWTTTKEYQELNFQREALTVNPAKACQPLGAVLCAL
GFEKTMPYVHGSQGCVAYFRSYFNRHFREPVSCVSDSMTEDAAVFGGQQNMKDGLQNCKATYKPDMIAVSTTCMAEVIGD
DLNAFINNSKKEGFIPDEFPVPFAHTPSFVGSHVTGWDNMFEGIARYFTLKSMDDKVVGSNKKINIVPGFETYLGNFRVI
KRMLSEMGVGYSLLSDPEEVLDTPADGQFRMYAGGTTQEEMKDAPNALNTVLLQPWHLEKTKKFVEGTWKHEVPKLNIPM
GLDWTDEFLMKVSEISGQPIPASLTKERGRLVDMMTDSHTWLHGKRFALWGDPDFVMGLVKFLLELGCEPVHILCHNGNK
RWKKAVDAILAASPYGKNATVYIGKDLWHLRSLVFTDKPDFMIGNSYGKFIQRDTLHKGKEFEVPLIRIGFPIFDRHHLH
RSTTLGYEGAMQILTTLVNSILERLDEETRGMQATDYNHDLVR
;
B,D
3 'polypeptide(L)'
;MAMRQCAIYGKGGIGKSTTTQNLVAALAEMGKKVMIVGCDPKADSTRLILHSKAQNTIMEMAAEAGTVEDLELEDVLKAG
YGGVKCVESGGPEPGVGCAGRGVITAINFLEEEGAYEDDLDFVFYDVLGDVVCGGFAMPIRENKAQEIYIVCSGEMMAMY
AANNISKGIVKYANSGSVRLGGLICNSRNTDREDELIIALANKLGTQMIHFVPRDNVVQRAEIRRMTVIEYDPKAKQADE
YRALARKVVDNKLLVIPNPITMDELEELLMEFGIMEVEDESIVGKTAEEV
;
E,F
#
# COMPACT_ATOMS: atom_id res chain seq x y z
N MET A 4 -34.45 -13.09 25.88
CA MET A 4 -34.22 -13.50 27.26
C MET A 4 -35.09 -12.71 28.22
N SER A 5 -35.31 -13.27 29.41
CA SER A 5 -36.06 -12.58 30.43
C SER A 5 -35.21 -11.49 31.07
N ARG A 6 -35.89 -10.57 31.77
CA ARG A 6 -35.19 -9.48 32.43
C ARG A 6 -34.26 -9.99 33.53
N GLU A 7 -34.66 -11.03 34.25
CA GLU A 7 -33.83 -11.61 35.28
C GLU A 7 -32.58 -12.28 34.72
N GLU A 8 -32.57 -12.60 33.43
CA GLU A 8 -31.43 -13.25 32.81
C GLU A 8 -30.40 -12.27 32.27
N VAL A 9 -30.85 -11.11 31.78
CA VAL A 9 -29.93 -10.09 31.32
C VAL A 9 -29.08 -9.58 32.48
N GLU A 10 -29.70 -9.38 33.65
CA GLU A 10 -28.95 -8.95 34.82
C GLU A 10 -27.95 -10.01 35.25
N SER A 11 -28.34 -11.29 35.20
CA SER A 11 -27.42 -12.36 35.55
C SER A 11 -26.23 -12.40 34.59
N LEU A 12 -26.49 -12.23 33.29
CA LEU A 12 -25.41 -12.18 32.32
C LEU A 12 -24.49 -11.00 32.59
N ILE A 13 -25.07 -9.84 32.93
CA ILE A 13 -24.27 -8.66 33.21
C ILE A 13 -23.37 -8.90 34.41
N GLN A 14 -23.91 -9.51 35.46
CA GLN A 14 -23.11 -9.80 36.66
C GLN A 14 -22.01 -10.82 36.36
N GLU A 15 -22.34 -11.87 35.60
CA GLU A 15 -21.33 -12.88 35.27
C GLU A 15 -20.21 -12.28 34.43
N VAL A 16 -20.55 -11.38 33.51
CA VAL A 16 -19.53 -10.71 32.71
C VAL A 16 -18.68 -9.79 33.58
N LEU A 17 -19.31 -9.04 34.48
CA LEU A 17 -18.59 -8.12 35.35
C LEU A 17 -17.74 -8.81 36.40
N GLU A 18 -17.98 -10.10 36.65
CA GLU A 18 -17.27 -10.81 37.71
C GLU A 18 -15.76 -10.85 37.51
N VAL A 19 -15.27 -10.62 36.30
CA VAL A 19 -13.83 -10.76 36.05
C VAL A 19 -13.03 -9.50 36.37
N TYR A 20 -13.68 -8.34 36.42
CA TYR A 20 -12.95 -7.10 36.67
C TYR A 20 -12.48 -7.02 38.11
N PRO A 21 -11.42 -6.25 38.37
CA PRO A 21 -11.10 -5.89 39.75
C PRO A 21 -12.23 -5.05 40.37
N GLU A 22 -12.08 -4.76 41.66
CA GLU A 22 -13.15 -4.11 42.41
C GLU A 22 -13.50 -2.75 41.82
N LYS A 23 -12.49 -1.91 41.59
CA LYS A 23 -12.74 -0.57 41.07
C LYS A 23 -13.33 -0.64 39.66
N ALA A 24 -12.75 -1.47 38.79
CA ALA A 24 -13.25 -1.60 37.43
C ALA A 24 -14.67 -2.16 37.41
N ARG A 25 -14.94 -3.17 38.24
CA ARG A 25 -16.28 -3.74 38.30
C ARG A 25 -17.30 -2.71 38.77
N LYS A 26 -16.95 -1.96 39.82
CA LYS A 26 -17.87 -0.95 40.34
C LYS A 26 -18.12 0.15 39.32
N ASP A 27 -17.08 0.54 38.57
CA ASP A 27 -17.27 1.58 37.55
C ASP A 27 -18.13 1.07 36.40
N ARG A 28 -17.87 -0.16 35.93
CA ARG A 28 -18.58 -0.68 34.77
C ARG A 28 -20.01 -1.12 35.09
N ASN A 29 -20.32 -1.38 36.36
CA ASN A 29 -21.69 -1.73 36.71
C ASN A 29 -22.66 -0.59 36.45
N LYS A 30 -22.17 0.64 36.38
CA LYS A 30 -23.03 1.79 36.13
C LYS A 30 -23.29 2.03 34.65
N HIS A 31 -22.58 1.34 33.76
CA HIS A 31 -22.69 1.58 32.32
C HIS A 31 -23.46 0.47 31.61
N LEU A 32 -24.04 -0.47 32.34
CA LEU A 32 -24.83 -1.55 31.77
C LEU A 32 -26.21 -1.55 32.40
N ALA A 33 -27.24 -1.60 31.56
CA ALA A 33 -28.61 -1.52 32.06
C ALA A 33 -29.54 -2.37 31.20
N VAL A 34 -30.65 -2.76 31.78
CA VAL A 34 -31.73 -3.46 31.08
C VAL A 34 -32.81 -2.43 30.76
N ASN A 35 -33.17 -2.35 29.48
CA ASN A 35 -34.05 -1.27 29.02
C ASN A 35 -35.44 -1.37 29.64
N ASP A 36 -36.02 -0.21 29.93
CA ASP A 36 -37.40 -0.09 30.38
C ASP A 36 -37.98 1.16 29.74
N PRO A 37 -38.78 1.01 28.68
CA PRO A 37 -39.28 2.19 27.97
C PRO A 37 -40.17 3.10 28.81
N ALA A 38 -40.73 2.60 29.91
CA ALA A 38 -41.55 3.44 30.77
C ALA A 38 -40.74 4.56 31.40
N VAL A 39 -39.50 4.27 31.81
CA VAL A 39 -38.66 5.26 32.46
C VAL A 39 -38.23 6.31 31.46
N THR A 40 -38.48 7.58 31.78
CA THR A 40 -38.15 8.69 30.91
C THR A 40 -36.85 9.38 31.28
N GLN A 41 -36.23 9.01 32.41
CA GLN A 41 -34.97 9.59 32.85
C GLN A 41 -33.91 8.49 32.81
N SER A 42 -32.93 8.63 31.92
CA SER A 42 -31.91 7.60 31.76
C SER A 42 -30.90 7.61 32.90
N LYS A 43 -30.87 8.67 33.71
CA LYS A 43 -29.91 8.73 34.81
C LYS A 43 -30.19 7.66 35.86
N LYS A 44 -31.46 7.25 36.00
CA LYS A 44 -31.83 6.27 37.00
C LYS A 44 -31.45 4.84 36.62
N CYS A 45 -31.08 4.60 35.37
CA CYS A 45 -30.74 3.27 34.91
C CYS A 45 -29.30 3.14 34.42
N ILE A 46 -28.80 4.13 33.68
CA ILE A 46 -27.47 4.07 33.10
C ILE A 46 -26.74 5.37 33.39
N ILE A 47 -25.41 5.30 33.36
CA ILE A 47 -24.53 6.45 33.59
C ILE A 47 -23.63 6.60 32.38
N SER A 48 -23.52 7.83 31.87
CA SER A 48 -22.82 8.09 30.63
C SER A 48 -21.87 9.27 30.77
N ASN A 49 -20.96 9.40 29.80
CA ASN A 49 -20.05 10.54 29.68
C ASN A 49 -19.09 10.62 30.87
N LYS A 50 -18.43 9.50 31.15
CA LYS A 50 -17.34 9.44 32.13
C LYS A 50 -16.09 8.90 31.47
N LYS A 51 -14.98 9.01 32.18
CA LYS A 51 -13.70 8.56 31.65
C LYS A 51 -13.66 7.04 31.51
N SER A 52 -12.97 6.57 30.47
CA SER A 52 -12.84 5.14 30.24
C SER A 52 -11.86 4.53 31.24
N GLN A 53 -12.14 3.30 31.64
CA GLN A 53 -11.24 2.59 32.55
C GLN A 53 -9.93 2.27 31.84
N PRO A 54 -8.79 2.46 32.50
CA PRO A 54 -7.51 2.20 31.84
C PRO A 54 -7.32 0.72 31.54
N GLY A 55 -6.78 0.43 30.35
CA GLY A 55 -6.39 -0.91 30.00
C GLY A 55 -7.51 -1.88 29.70
N LEU A 56 -8.72 -1.38 29.43
CA LEU A 56 -9.87 -2.25 29.17
C LEU A 56 -10.24 -2.31 27.70
N MET A 57 -9.39 -1.81 26.80
CA MET A 57 -9.62 -1.88 25.35
C MET A 57 -10.93 -1.20 24.97
N THR A 58 -11.00 0.10 25.21
CA THR A 58 -12.17 0.86 24.80
C THR A 58 -12.12 1.12 23.29
N ILE A 59 -13.29 1.46 22.74
CA ILE A 59 -13.40 1.78 21.32
C ILE A 59 -13.47 3.29 21.07
N ARG A 60 -13.59 4.09 22.13
CA ARG A 60 -13.71 5.54 22.00
C ARG A 60 -12.47 6.12 21.31
N GLY A 61 -12.67 7.30 20.72
CA GLY A 61 -11.59 8.03 20.10
C GLY A 61 -11.11 9.19 20.96
N CYS A 62 -10.67 10.27 20.32
CA CYS A 62 -10.15 11.43 21.02
C CYS A 62 -10.84 12.69 20.50
N ALA A 63 -10.51 13.83 21.11
CA ALA A 63 -11.10 15.10 20.69
C ALA A 63 -10.64 15.51 19.31
N TYR A 64 -9.40 15.17 18.94
CA TYR A 64 -8.92 15.48 17.61
C TYR A 64 -9.77 14.80 16.55
N ALA A 65 -10.14 13.53 16.77
CA ALA A 65 -11.04 12.87 15.86
C ALA A 65 -12.38 13.60 15.79
N GLY A 66 -13.00 13.81 16.95
CA GLY A 66 -14.32 14.41 17.02
C GLY A 66 -14.40 15.80 16.43
N SER A 67 -13.29 16.52 16.37
CA SER A 67 -13.31 17.80 15.68
C SER A 67 -12.91 17.68 14.23
N LYS A 68 -11.65 17.28 13.97
CA LYS A 68 -11.12 17.30 12.62
C LYS A 68 -11.84 16.31 11.71
N GLY A 69 -11.93 15.04 12.12
CA GLY A 69 -12.49 14.06 11.21
C GLY A 69 -14.00 14.06 11.14
N VAL A 70 -14.67 14.81 12.01
CA VAL A 70 -16.12 14.79 12.12
C VAL A 70 -16.73 16.09 11.62
N VAL A 71 -16.38 17.21 12.24
CA VAL A 71 -17.08 18.47 11.98
C VAL A 71 -16.37 19.27 10.90
N TRP A 72 -15.11 19.63 11.15
CA TRP A 72 -14.39 20.52 10.24
C TRP A 72 -13.96 19.82 8.96
N GLY A 73 -13.63 18.52 9.03
CA GLY A 73 -13.10 17.79 7.91
C GLY A 73 -13.97 17.74 6.67
N PRO A 74 -15.28 17.46 6.83
CA PRO A 74 -16.15 17.41 5.64
C PRO A 74 -16.21 18.72 4.87
N ILE A 75 -15.91 19.85 5.50
CA ILE A 75 -15.89 21.12 4.77
C ILE A 75 -14.82 21.04 3.69
N LYS A 76 -15.23 21.28 2.44
CA LYS A 76 -14.37 20.97 1.30
C LYS A 76 -13.54 22.15 0.82
N ASP A 77 -14.05 23.37 0.88
CA ASP A 77 -13.31 24.50 0.36
C ASP A 77 -12.24 25.01 1.32
N MET A 78 -12.22 24.51 2.55
CA MET A 78 -11.24 24.92 3.54
C MET A 78 -10.04 23.99 3.53
N ILE A 79 -8.95 24.44 4.15
CA ILE A 79 -7.75 23.65 4.34
C ILE A 79 -7.57 23.45 5.84
N HIS A 80 -7.48 22.21 6.27
CA HIS A 80 -7.42 21.86 7.69
C HIS A 80 -6.01 21.36 8.02
N ILE A 81 -5.36 22.04 8.96
CA ILE A 81 -3.98 21.76 9.31
C ILE A 81 -3.96 20.89 10.56
N SER A 82 -3.29 19.74 10.45
CA SER A 82 -3.08 18.86 11.60
C SER A 82 -1.81 19.34 12.30
N HIS A 83 -1.96 20.32 13.19
CA HIS A 83 -0.83 20.96 13.84
C HIS A 83 -0.29 20.03 14.92
N GLY A 84 0.93 19.51 14.70
CA GLY A 84 1.53 18.57 15.61
C GLY A 84 2.28 17.48 14.88
N PRO A 85 2.54 16.37 15.57
CA PRO A 85 3.20 15.23 14.92
C PRO A 85 2.37 14.68 13.77
N VAL A 86 3.00 13.84 12.99
CA VAL A 86 2.34 13.35 11.75
C VAL A 86 1.20 12.38 12.08
N GLY A 87 1.44 11.29 12.78
CA GLY A 87 0.44 10.25 13.02
C GLY A 87 -1.01 10.60 12.78
N CYS A 88 -1.60 11.40 13.64
CA CYS A 88 -3.05 11.70 13.56
C CYS A 88 -3.56 11.97 12.17
N GLY A 89 -2.94 12.91 11.47
CA GLY A 89 -3.43 13.28 10.15
C GLY A 89 -3.38 12.10 9.26
N GLN A 90 -2.30 11.36 9.34
CA GLN A 90 -2.12 10.18 8.50
C GLN A 90 -3.16 9.10 8.81
N TYR A 91 -3.41 8.85 10.09
CA TYR A 91 -4.38 7.82 10.45
C TYR A 91 -5.80 8.23 10.11
N SER A 92 -6.09 9.53 10.10
CA SER A 92 -7.42 10.03 9.84
C SER A 92 -7.65 10.45 8.39
N ARG A 93 -6.67 10.25 7.51
CA ARG A 93 -6.81 10.69 6.13
C ARG A 93 -7.71 9.75 5.35
N ALA A 94 -8.79 10.29 4.79
CA ALA A 94 -9.71 9.58 3.90
C ALA A 94 -10.30 8.33 4.54
N GLY A 95 -10.30 8.24 5.86
CA GLY A 95 -10.91 7.12 6.54
C GLY A 95 -12.41 7.23 6.71
N ARG A 96 -12.94 8.45 6.65
CA ARG A 96 -14.37 8.69 6.77
C ARG A 96 -14.92 9.10 5.41
N ARG A 97 -16.01 8.47 5.01
CA ARG A 97 -16.56 8.63 3.66
C ARG A 97 -17.51 9.81 3.57
N ASN A 98 -17.07 10.98 4.01
CA ASN A 98 -17.85 12.21 3.86
C ASN A 98 -17.72 12.68 2.42
N TYR A 99 -18.69 12.30 1.60
CA TYR A 99 -18.59 12.51 0.16
C TYR A 99 -18.73 14.00 -0.18
N TYR A 100 -18.14 14.39 -1.30
CA TYR A 100 -18.14 15.77 -1.75
C TYR A 100 -17.93 15.80 -3.25
N ILE A 101 -18.21 16.96 -3.84
CA ILE A 101 -17.99 17.20 -5.26
C ILE A 101 -17.01 18.37 -5.39
N GLY A 102 -15.91 18.13 -6.09
CA GLY A 102 -14.93 19.17 -6.29
C GLY A 102 -13.66 18.60 -6.89
N THR A 103 -12.75 19.50 -7.25
CA THR A 103 -11.45 19.13 -7.82
C THR A 103 -10.44 19.11 -6.68
N THR A 104 -10.10 17.92 -6.21
CA THR A 104 -9.17 17.78 -5.10
C THR A 104 -7.80 18.30 -5.50
N GLY A 105 -7.19 19.10 -4.62
CA GLY A 105 -5.92 19.72 -4.90
C GLY A 105 -6.02 21.10 -5.53
N VAL A 106 -7.23 21.54 -5.91
CA VAL A 106 -7.42 22.85 -6.52
C VAL A 106 -8.38 23.66 -5.67
N ASN A 107 -9.61 23.19 -5.52
CA ASN A 107 -10.64 23.88 -4.76
C ASN A 107 -11.28 23.02 -3.68
N ALA A 108 -10.92 21.74 -3.59
CA ALA A 108 -11.42 20.84 -2.56
C ALA A 108 -10.24 20.11 -1.93
N PHE A 109 -10.30 19.91 -0.60
CA PHE A 109 -9.16 19.35 0.11
C PHE A 109 -9.60 18.37 1.19
N VAL A 110 -10.71 17.67 0.99
CA VAL A 110 -11.24 16.78 2.02
C VAL A 110 -10.33 15.56 2.20
N THR A 111 -9.94 14.93 1.10
CA THR A 111 -9.16 13.70 1.16
C THR A 111 -7.67 13.97 1.34
N MET A 112 -7.27 15.22 1.42
CA MET A 112 -5.87 15.60 1.58
C MET A 112 -5.49 15.65 3.05
N ASN A 113 -4.19 15.55 3.31
CA ASN A 113 -3.65 15.63 4.67
C ASN A 113 -2.61 16.74 4.72
N PHE A 114 -2.94 17.84 5.38
CA PHE A 114 -2.02 18.92 5.63
C PHE A 114 -1.57 18.86 7.09
N THR A 115 -0.26 18.83 7.30
CA THR A 115 0.27 18.68 8.65
C THR A 115 1.55 19.50 8.80
N SER A 116 1.81 19.92 10.03
CA SER A 116 3.05 20.64 10.34
C SER A 116 4.23 19.70 10.54
N ASP A 117 3.98 18.43 10.89
CA ASP A 117 5.02 17.41 11.06
C ASP A 117 6.06 17.85 12.10
N PHE A 118 5.58 17.98 13.33
CA PHE A 118 6.41 18.47 14.42
C PHE A 118 7.59 17.54 14.69
N GLN A 119 8.75 18.15 14.91
CA GLN A 119 9.97 17.47 15.31
C GLN A 119 10.29 17.82 16.76
N GLU A 120 11.43 17.32 17.24
CA GLU A 120 11.84 17.61 18.61
C GLU A 120 12.13 19.08 18.82
N LYS A 121 12.77 19.73 17.84
CA LYS A 121 13.04 21.16 17.97
C LYS A 121 11.76 21.98 17.98
N ASP A 122 10.72 21.50 17.29
CA ASP A 122 9.43 22.19 17.36
C ASP A 122 8.83 22.12 18.75
N ILE A 123 8.97 20.96 19.41
CA ILE A 123 8.49 20.83 20.79
C ILE A 123 9.30 21.71 21.73
N VAL A 124 10.62 21.70 21.58
CA VAL A 124 11.48 22.40 22.53
C VAL A 124 11.37 23.91 22.37
N PHE A 125 11.31 24.40 21.13
CA PHE A 125 11.39 25.83 20.86
C PHE A 125 10.06 26.47 20.51
N GLY A 126 9.07 25.70 20.10
CA GLY A 126 7.77 26.24 19.75
C GLY A 126 7.39 25.96 18.31
N GLY A 127 6.17 26.35 17.98
CA GLY A 127 5.64 26.14 16.65
C GLY A 127 4.92 27.32 16.04
N ASP A 128 5.03 28.49 16.67
CA ASP A 128 4.33 29.68 16.17
C ASP A 128 4.93 30.14 14.85
N LYS A 129 6.26 30.27 14.80
CA LYS A 129 6.92 30.68 13.57
C LYS A 129 6.71 29.65 12.46
N LYS A 130 6.80 28.37 12.80
CA LYS A 130 6.54 27.32 11.84
C LYS A 130 5.10 27.37 11.35
N LEU A 131 4.15 27.67 12.24
CA LEU A 131 2.76 27.78 11.83
C LEU A 131 2.55 28.94 10.87
N ALA A 132 3.18 30.09 11.14
CA ALA A 132 3.06 31.23 10.24
C ALA A 132 3.66 30.91 8.87
N LYS A 133 4.83 30.27 8.85
CA LYS A 133 5.44 29.87 7.59
C LYS A 133 4.54 28.87 6.85
N LEU A 134 3.94 27.94 7.58
CA LEU A 134 3.05 26.96 6.97
C LEU A 134 1.83 27.63 6.35
N ILE A 135 1.27 28.64 7.04
CA ILE A 135 0.14 29.37 6.48
C ILE A 135 0.55 30.09 5.20
N ASP A 136 1.74 30.72 5.21
CA ASP A 136 2.22 31.42 4.03
C ASP A 136 2.38 30.45 2.84
N GLU A 137 2.96 29.28 3.10
CA GLU A 137 3.13 28.29 2.03
C GLU A 137 1.79 27.73 1.56
N VAL A 138 0.83 27.55 2.47
CA VAL A 138 -0.50 27.09 2.09
C VAL A 138 -1.14 28.09 1.14
N GLU A 139 -1.05 29.37 1.46
CA GLU A 139 -1.62 30.39 0.58
C GLU A 139 -0.86 30.48 -0.74
N THR A 140 0.46 30.25 -0.72
CA THR A 140 1.23 30.30 -1.96
C THR A 140 0.89 29.14 -2.89
N LEU A 141 0.79 27.92 -2.36
CA LEU A 141 0.65 26.74 -3.19
C LEU A 141 -0.80 26.36 -3.47
N PHE A 142 -1.75 26.80 -2.65
CA PHE A 142 -3.17 26.47 -2.83
C PHE A 142 -3.97 27.77 -2.81
N PRO A 143 -3.93 28.53 -3.91
CA PRO A 143 -4.55 29.87 -3.90
C PRO A 143 -6.07 29.86 -3.88
N LEU A 144 -6.73 28.75 -4.24
CA LEU A 144 -8.17 28.72 -4.38
C LEU A 144 -8.90 28.25 -3.12
N ASN A 145 -8.19 28.08 -2.01
CA ASN A 145 -8.84 27.73 -0.76
C ASN A 145 -9.59 28.94 -0.21
N LYS A 146 -10.72 28.66 0.45
CA LYS A 146 -11.56 29.70 1.01
C LYS A 146 -11.47 29.78 2.53
N GLY A 147 -10.38 29.29 3.11
CA GLY A 147 -10.20 29.37 4.54
C GLY A 147 -9.26 28.29 5.04
N ILE A 148 -8.72 28.53 6.22
CA ILE A 148 -7.76 27.63 6.86
C ILE A 148 -8.23 27.34 8.28
N SER A 149 -8.12 26.08 8.68
CA SER A 149 -8.41 25.68 10.05
C SER A 149 -7.18 24.98 10.63
N VAL A 150 -6.91 25.24 11.90
CA VAL A 150 -5.76 24.68 12.60
C VAL A 150 -6.28 23.74 13.67
N GLN A 151 -6.15 22.44 13.43
CA GLN A 151 -6.60 21.43 14.38
C GLN A 151 -5.42 21.02 15.26
N SER A 152 -5.52 21.34 16.55
CA SER A 152 -4.42 21.11 17.48
C SER A 152 -4.39 19.67 17.96
N GLU A 153 -3.21 19.06 17.83
CA GLU A 153 -3.01 17.69 18.35
C GLU A 153 -2.40 17.83 19.74
N CYS A 154 -2.39 16.79 20.54
CA CYS A 154 -1.92 16.85 21.94
C CYS A 154 -0.75 17.74 22.31
N PRO A 155 0.43 17.63 21.69
CA PRO A 155 1.58 18.39 22.16
C PRO A 155 1.32 19.90 22.14
N ILE A 156 0.59 20.40 21.14
CA ILE A 156 0.26 21.81 20.97
C ILE A 156 -0.42 22.34 22.23
N GLY A 157 -1.38 21.58 22.77
CA GLY A 157 -2.00 21.97 24.01
C GLY A 157 -1.05 21.92 25.20
N LEU A 158 -0.16 20.91 25.22
CA LEU A 158 0.74 20.76 26.35
C LEU A 158 1.73 21.92 26.44
N ILE A 159 2.42 22.23 25.34
CA ILE A 159 3.51 23.19 25.38
C ILE A 159 3.03 24.64 25.32
N GLY A 160 1.73 24.87 25.30
CA GLY A 160 1.19 26.22 25.31
C GLY A 160 1.51 27.03 24.07
N ASP A 161 1.45 26.42 22.89
CA ASP A 161 1.62 27.16 21.66
C ASP A 161 0.41 28.07 21.44
N ASP A 162 0.67 29.34 21.17
CA ASP A 162 -0.38 30.35 21.04
C ASP A 162 -0.79 30.44 19.58
N ILE A 163 -1.73 29.59 19.18
CA ILE A 163 -2.23 29.60 17.81
C ILE A 163 -3.32 30.63 17.59
N GLU A 164 -3.96 31.13 18.65
CA GLU A 164 -4.98 32.15 18.50
C GLU A 164 -4.39 33.44 17.91
N SER A 165 -3.28 33.91 18.48
CA SER A 165 -2.66 35.14 18.00
C SER A 165 -2.10 34.97 16.59
N VAL A 166 -1.48 33.82 16.31
CA VAL A 166 -0.95 33.56 14.97
C VAL A 166 -2.09 33.57 13.95
N SER A 167 -3.20 32.89 14.28
CA SER A 167 -4.34 32.87 13.38
C SER A 167 -4.89 34.26 13.15
N LYS A 168 -5.05 35.05 14.23
CA LYS A 168 -5.59 36.39 14.11
C LYS A 168 -4.71 37.27 13.23
N VAL A 169 -3.40 37.25 13.49
CA VAL A 169 -2.48 38.12 12.75
C VAL A 169 -2.43 37.72 11.29
N LYS A 170 -2.29 36.41 11.01
CA LYS A 170 -2.19 35.97 9.62
C LYS A 170 -3.49 36.20 8.87
N GLY A 171 -4.63 36.02 9.53
CA GLY A 171 -5.90 36.31 8.89
C GLY A 171 -6.10 37.78 8.60
N ALA A 172 -5.71 38.65 9.54
CA ALA A 172 -5.83 40.08 9.32
C ALA A 172 -4.92 40.54 8.19
N GLU A 173 -3.68 40.04 8.15
CA GLU A 173 -2.74 40.49 7.14
C GLU A 173 -3.02 39.90 5.77
N LEU A 174 -3.52 38.66 5.72
CA LEU A 174 -3.82 37.99 4.46
C LEU A 174 -5.30 38.07 4.07
N SER A 175 -6.14 38.71 4.89
CA SER A 175 -7.57 38.83 4.62
C SER A 175 -8.23 37.46 4.44
N LYS A 176 -7.83 36.50 5.27
CA LYS A 176 -8.33 35.13 5.19
C LYS A 176 -8.94 34.72 6.52
N THR A 177 -9.90 33.80 6.45
CA THR A 177 -10.54 33.26 7.64
C THR A 177 -9.71 32.06 8.13
N ILE A 178 -8.96 32.28 9.20
CA ILE A 178 -8.14 31.24 9.81
C ILE A 178 -8.74 30.92 11.17
N VAL A 179 -9.21 29.68 11.34
CA VAL A 179 -9.94 29.27 12.52
C VAL A 179 -9.01 28.40 13.37
N PRO A 180 -8.58 28.86 14.55
CA PRO A 180 -7.78 28.00 15.43
C PRO A 180 -8.67 27.15 16.33
N VAL A 181 -8.43 25.84 16.34
CA VAL A 181 -9.23 24.89 17.09
C VAL A 181 -8.33 24.17 18.09
N ARG A 182 -8.72 24.19 19.36
CA ARG A 182 -8.00 23.49 20.42
C ARG A 182 -8.67 22.14 20.64
N CYS A 183 -8.35 21.18 19.77
CA CYS A 183 -8.93 19.85 19.79
C CYS A 183 -7.92 18.80 20.22
N GLU A 184 -7.12 19.12 21.25
CA GLU A 184 -6.14 18.18 21.77
C GLU A 184 -6.83 16.91 22.27
N GLY A 185 -6.21 15.77 21.98
CA GLY A 185 -6.86 14.49 22.26
C GLY A 185 -7.09 14.24 23.74
N PHE A 186 -6.15 14.67 24.58
CA PHE A 186 -6.29 14.40 26.01
C PHE A 186 -7.41 15.20 26.66
N ARG A 187 -7.96 16.20 25.97
CA ARG A 187 -9.12 16.91 26.49
C ARG A 187 -10.36 16.01 26.41
N GLY A 188 -11.16 16.05 27.47
CA GLY A 188 -12.38 15.27 27.48
C GLY A 188 -12.12 13.79 27.65
N VAL A 189 -13.09 13.00 27.19
CA VAL A 189 -13.04 11.55 27.35
C VAL A 189 -13.27 10.85 26.02
N SER A 190 -13.76 11.59 25.03
CA SER A 190 -14.20 10.98 23.77
C SER A 190 -14.38 12.09 22.73
N GLN A 191 -14.98 11.73 21.59
CA GLN A 191 -15.17 12.65 20.48
C GLN A 191 -16.20 13.73 20.76
N SER A 192 -17.03 13.57 21.79
CA SER A 192 -18.09 14.53 22.06
C SER A 192 -17.53 15.92 22.38
N LEU A 193 -16.48 15.98 23.20
CA LEU A 193 -15.87 17.28 23.47
C LEU A 193 -15.21 17.84 22.22
N GLY A 194 -14.74 16.98 21.31
CA GLY A 194 -14.29 17.48 20.03
C GLY A 194 -15.39 18.12 19.22
N HIS A 195 -16.58 17.50 19.23
CA HIS A 195 -17.76 18.10 18.62
C HIS A 195 -18.02 19.48 19.22
N HIS A 196 -17.99 19.56 20.55
CA HIS A 196 -18.28 20.83 21.23
C HIS A 196 -17.24 21.90 20.88
N ILE A 197 -15.97 21.53 20.84
CA ILE A 197 -14.91 22.48 20.53
C ILE A 197 -15.03 22.96 19.09
N ALA A 198 -15.32 22.06 18.16
CA ALA A 198 -15.48 22.45 16.77
C ALA A 198 -16.69 23.37 16.60
N ASN A 199 -17.78 23.09 17.31
CA ASN A 199 -18.95 23.96 17.24
C ASN A 199 -18.64 25.34 17.81
N ASP A 200 -17.87 25.40 18.90
CA ASP A 200 -17.46 26.68 19.46
C ASP A 200 -16.60 27.46 18.46
N ALA A 201 -15.68 26.76 17.78
CA ALA A 201 -14.85 27.42 16.78
C ALA A 201 -15.70 27.98 15.64
N VAL A 202 -16.67 27.18 15.16
CA VAL A 202 -17.58 27.65 14.12
C VAL A 202 -18.33 28.88 14.57
N ARG A 203 -18.83 28.86 15.82
CA ARG A 203 -19.58 30.00 16.34
C ARG A 203 -18.71 31.25 16.41
N ASP A 204 -17.48 31.11 16.92
CA ASP A 204 -16.67 32.28 17.21
C ASP A 204 -16.04 32.87 15.94
N TRP A 205 -15.62 32.03 15.00
CA TRP A 205 -14.75 32.51 13.92
C TRP A 205 -15.39 32.51 12.54
N VAL A 206 -16.52 31.82 12.33
CA VAL A 206 -17.11 31.63 11.01
C VAL A 206 -18.54 32.12 10.95
N LEU A 207 -19.36 31.76 11.94
CA LEU A 207 -20.81 31.89 11.81
C LEU A 207 -21.24 33.34 11.65
N GLY A 208 -20.62 34.26 12.37
CA GLY A 208 -21.08 35.64 12.39
C GLY A 208 -20.40 36.55 11.38
N LYS A 209 -19.76 35.97 10.36
CA LYS A 209 -19.06 36.77 9.37
C LYS A 209 -20.02 37.65 8.57
N ARG A 210 -21.16 37.10 8.17
CA ARG A 210 -22.16 37.82 7.38
C ARG A 210 -23.29 38.37 8.23
N ASP A 211 -23.01 38.77 9.47
CA ASP A 211 -24.03 39.32 10.35
C ASP A 211 -24.58 40.64 9.86
N GLU A 212 -23.83 41.37 9.02
CA GLU A 212 -24.26 42.66 8.51
C GLU A 212 -24.61 42.65 7.03
N ASP A 213 -24.21 41.61 6.30
CA ASP A 213 -24.52 41.52 4.88
C ASP A 213 -26.01 41.22 4.70
N THR A 214 -26.66 41.99 3.82
CA THR A 214 -28.08 41.83 3.55
C THR A 214 -28.36 41.59 2.08
N THR A 215 -27.35 41.16 1.31
CA THR A 215 -27.55 40.94 -0.11
C THR A 215 -28.30 39.64 -0.39
N PHE A 216 -28.22 38.66 0.51
CA PHE A 216 -28.86 37.37 0.28
C PHE A 216 -30.36 37.50 0.42
N ALA A 217 -31.09 37.16 -0.64
CA ALA A 217 -32.55 37.18 -0.61
C ALA A 217 -33.06 35.88 0.00
N SER A 218 -33.91 35.99 1.02
CA SER A 218 -34.40 34.84 1.76
C SER A 218 -35.87 34.59 1.42
N THR A 219 -36.19 33.34 1.14
CA THR A 219 -37.55 32.87 0.88
C THR A 219 -38.12 32.19 2.14
N PRO A 220 -39.44 32.21 2.31
CA PRO A 220 -40.03 31.57 3.50
C PRO A 220 -39.87 30.06 3.54
N TYR A 221 -39.20 29.45 2.56
CA TYR A 221 -38.99 28.01 2.52
C TYR A 221 -37.50 27.68 2.58
N ASP A 222 -36.77 28.38 3.43
CA ASP A 222 -35.32 28.20 3.56
C ASP A 222 -35.03 27.29 4.76
N VAL A 223 -34.28 26.22 4.51
CA VAL A 223 -33.91 25.27 5.54
C VAL A 223 -32.42 24.99 5.44
N ALA A 224 -31.87 24.44 6.51
CA ALA A 224 -30.47 24.03 6.55
C ALA A 224 -30.37 22.64 7.18
N ILE A 225 -29.68 21.73 6.51
CA ILE A 225 -29.43 20.41 7.07
C ILE A 225 -28.26 20.52 8.04
N ILE A 226 -28.52 20.16 9.30
CA ILE A 226 -27.55 20.33 10.38
C ILE A 226 -27.17 18.95 10.91
N GLY A 227 -25.89 18.62 10.84
CA GLY A 227 -25.40 17.39 11.41
C GLY A 227 -25.37 16.19 10.50
N ASP A 228 -25.59 16.36 9.20
CA ASP A 228 -25.46 15.28 8.24
C ASP A 228 -24.16 15.46 7.47
N TYR A 229 -23.36 14.38 7.40
CA TYR A 229 -22.00 14.47 6.88
C TYR A 229 -21.79 13.68 5.59
N ASN A 230 -22.87 13.26 4.92
CA ASN A 230 -22.80 12.71 3.57
C ASN A 230 -21.91 11.47 3.50
N ILE A 231 -22.28 10.46 4.28
CA ILE A 231 -21.48 9.24 4.33
C ILE A 231 -21.89 8.35 3.16
N GLY A 232 -21.31 8.59 1.99
CA GLY A 232 -21.74 7.89 0.80
C GLY A 232 -22.92 8.50 0.10
N GLY A 233 -23.28 9.74 0.42
CA GLY A 233 -24.37 10.43 -0.24
C GLY A 233 -25.67 10.52 0.53
N ASP A 234 -25.65 10.27 1.84
CA ASP A 234 -26.88 10.36 2.63
C ASP A 234 -27.42 11.79 2.67
N ALA A 235 -26.54 12.77 2.78
CA ALA A 235 -26.98 14.16 2.76
C ALA A 235 -27.64 14.51 1.45
N TRP A 236 -27.09 14.03 0.33
CA TRP A 236 -27.69 14.27 -0.97
C TRP A 236 -29.06 13.58 -1.09
N SER A 237 -29.16 12.35 -0.57
CA SER A 237 -30.42 11.64 -0.61
C SER A 237 -31.50 12.37 0.20
N SER A 238 -31.13 12.89 1.37
CA SER A 238 -32.08 13.67 2.17
C SER A 238 -32.42 14.99 1.47
N ARG A 239 -31.44 15.61 0.84
CA ARG A 239 -31.65 16.90 0.18
C ARG A 239 -32.59 16.77 -1.00
N ILE A 240 -32.52 15.65 -1.73
CA ILE A 240 -33.43 15.49 -2.86
C ILE A 240 -34.87 15.38 -2.38
N LEU A 241 -35.10 14.70 -1.25
CA LEU A 241 -36.44 14.64 -0.68
C LEU A 241 -36.90 16.00 -0.18
N LEU A 242 -36.00 16.75 0.46
CA LEU A 242 -36.37 18.06 0.98
C LEU A 242 -36.69 19.04 -0.15
N GLU A 243 -35.89 19.02 -1.23
CA GLU A 243 -36.15 19.90 -2.36
C GLU A 243 -37.39 19.49 -3.14
N GLU A 244 -37.66 18.19 -3.21
CA GLU A 244 -38.90 17.75 -3.85
C GLU A 244 -40.14 18.18 -3.06
N MET A 245 -39.98 18.60 -1.81
CA MET A 245 -41.07 19.11 -1.00
C MET A 245 -41.34 20.59 -1.24
N GLY A 246 -40.55 21.24 -2.08
CA GLY A 246 -40.65 22.68 -2.27
C GLY A 246 -39.80 23.51 -1.33
N LEU A 247 -39.06 22.87 -0.44
CA LEU A 247 -38.18 23.57 0.49
C LEU A 247 -36.82 23.80 -0.13
N ARG A 248 -36.20 24.93 0.23
CA ARG A 248 -34.90 25.31 -0.30
C ARG A 248 -33.85 25.12 0.78
N CYS A 249 -32.90 24.23 0.53
CA CYS A 249 -31.78 24.00 1.44
C CYS A 249 -30.63 24.92 1.06
N VAL A 250 -30.18 25.73 2.01
CA VAL A 250 -29.10 26.67 1.78
C VAL A 250 -27.77 26.14 2.27
N ALA A 251 -27.77 25.40 3.38
CA ALA A 251 -26.54 24.97 4.02
C ALA A 251 -26.60 23.48 4.36
N GLN A 252 -25.46 22.82 4.23
CA GLN A 252 -25.27 21.44 4.68
C GLN A 252 -24.08 21.42 5.63
N TRP A 253 -24.31 20.96 6.86
CA TRP A 253 -23.28 20.92 7.90
C TRP A 253 -23.00 19.46 8.24
N SER A 254 -21.84 18.96 7.83
CA SER A 254 -20.86 19.69 7.05
C SER A 254 -20.48 18.89 5.80
N GLY A 255 -21.14 17.75 5.61
CA GLY A 255 -20.91 16.92 4.45
C GLY A 255 -21.21 17.64 3.15
N ASP A 256 -20.25 17.66 2.24
CA ASP A 256 -20.32 18.43 1.00
C ASP A 256 -20.54 19.92 1.27
N GLY A 257 -20.31 20.35 2.50
CA GLY A 257 -20.57 21.73 2.85
C GLY A 257 -19.45 22.66 2.42
N SER A 258 -19.82 23.92 2.20
CA SER A 258 -18.88 24.97 1.85
C SER A 258 -18.95 26.06 2.90
N ILE A 259 -17.86 26.84 3.00
CA ILE A 259 -17.80 27.91 4.00
C ILE A 259 -18.90 28.93 3.74
N SER A 260 -19.30 29.10 2.47
CA SER A 260 -20.39 30.01 2.14
C SER A 260 -21.71 29.53 2.72
N GLU A 261 -21.96 28.22 2.70
CA GLU A 261 -23.17 27.68 3.29
C GLU A 261 -23.20 27.93 4.80
N ILE A 262 -22.06 27.74 5.47
CA ILE A 262 -21.97 28.04 6.89
C ILE A 262 -22.26 29.51 7.15
N GLU A 263 -21.73 30.38 6.29
CA GLU A 263 -21.96 31.82 6.47
C GLU A 263 -23.43 32.19 6.21
N LEU A 264 -24.07 31.51 5.26
CA LEU A 264 -25.45 31.80 4.88
C LEU A 264 -26.48 31.16 5.81
N THR A 265 -26.07 30.20 6.64
CA THR A 265 -27.00 29.54 7.54
C THR A 265 -27.83 30.48 8.41
N PRO A 266 -27.28 31.54 9.03
CA PRO A 266 -28.11 32.37 9.92
C PRO A 266 -29.29 33.07 9.25
N LYS A 267 -29.45 32.90 7.95
CA LYS A 267 -30.55 33.51 7.21
C LYS A 267 -31.71 32.55 6.95
N VAL A 268 -31.62 31.30 7.40
CA VAL A 268 -32.65 30.30 7.11
C VAL A 268 -33.82 30.46 8.07
N LYS A 269 -34.93 29.81 7.75
CA LYS A 269 -36.13 29.87 8.58
C LYS A 269 -36.28 28.67 9.51
N LEU A 270 -35.57 27.57 9.26
CA LEU A 270 -35.68 26.39 10.08
C LEU A 270 -34.40 25.57 9.96
N ASN A 271 -33.97 25.00 11.07
CA ASN A 271 -32.78 24.14 11.11
C ASN A 271 -33.22 22.69 11.25
N LEU A 272 -32.84 21.86 10.28
CA LEU A 272 -33.16 20.44 10.29
C LEU A 272 -31.94 19.69 10.81
N VAL A 273 -31.96 19.36 12.10
CA VAL A 273 -30.83 18.72 12.76
C VAL A 273 -30.99 17.21 12.66
N HIS A 274 -30.02 16.55 12.04
CA HIS A 274 -30.02 15.10 11.98
C HIS A 274 -29.28 14.49 13.16
N CYS A 275 -28.02 14.88 13.35
CA CYS A 275 -27.23 14.42 14.49
C CYS A 275 -27.33 15.46 15.60
N TYR A 276 -28.15 15.16 16.60
CA TYR A 276 -28.27 16.05 17.75
C TYR A 276 -26.96 16.13 18.52
N ARG A 277 -26.29 14.99 18.69
CA ARG A 277 -25.12 14.94 19.57
C ARG A 277 -24.00 15.87 19.09
N SER A 278 -23.79 15.95 17.78
CA SER A 278 -22.66 16.69 17.23
C SER A 278 -22.91 18.18 17.11
N MET A 279 -24.15 18.60 16.83
CA MET A 279 -24.41 20.00 16.48
C MET A 279 -25.51 20.63 17.33
N ASN A 280 -25.89 20.01 18.45
CA ASN A 280 -26.92 20.59 19.29
C ASN A 280 -26.49 21.95 19.85
N TYR A 281 -25.20 22.10 20.16
CA TYR A 281 -24.71 23.37 20.70
C TYR A 281 -24.86 24.50 19.70
N ILE A 282 -24.48 24.26 18.45
CA ILE A 282 -24.59 25.31 17.43
C ILE A 282 -26.06 25.56 17.10
N SER A 283 -26.90 24.51 17.13
CA SER A 283 -28.33 24.72 16.90
C SER A 283 -28.93 25.61 17.99
N ARG A 284 -28.58 25.36 19.26
CA ARG A 284 -29.08 26.18 20.35
C ARG A 284 -28.54 27.61 20.24
N HIS A 285 -27.28 27.78 19.87
CA HIS A 285 -26.73 29.12 19.71
C HIS A 285 -27.47 29.89 18.62
N MET A 286 -27.73 29.24 17.49
CA MET A 286 -28.45 29.91 16.41
C MET A 286 -29.87 30.25 16.84
N GLU A 287 -30.53 29.35 17.58
CA GLU A 287 -31.87 29.63 18.07
C GLU A 287 -31.88 30.82 19.02
N GLU A 288 -30.88 30.90 19.90
CA GLU A 288 -30.86 31.98 20.88
C GLU A 288 -30.48 33.32 20.26
N LYS A 289 -29.56 33.31 19.29
CA LYS A 289 -29.01 34.55 18.77
C LYS A 289 -29.80 35.09 17.58
N TYR A 290 -30.18 34.24 16.62
CA TYR A 290 -30.88 34.67 15.43
C TYR A 290 -32.36 34.33 15.45
N GLY A 291 -32.83 33.56 16.44
CA GLY A 291 -34.23 33.20 16.50
C GLY A 291 -34.66 32.11 15.55
N ILE A 292 -33.72 31.32 15.03
CA ILE A 292 -34.02 30.27 14.07
C ILE A 292 -34.38 29.00 14.84
N PRO A 293 -35.60 28.49 14.72
CA PRO A 293 -35.95 27.24 15.39
C PRO A 293 -35.25 26.05 14.76
N TRP A 294 -35.05 25.01 15.56
CA TRP A 294 -34.43 23.78 15.10
C TRP A 294 -35.27 22.59 15.53
N MET A 295 -35.21 21.51 14.74
CA MET A 295 -35.97 20.31 15.02
C MET A 295 -35.17 19.10 14.58
N GLU A 296 -35.41 17.97 15.26
CA GLU A 296 -34.74 16.72 14.93
C GLU A 296 -35.55 15.95 13.89
N TYR A 297 -34.86 15.41 12.90
CA TYR A 297 -35.48 14.61 11.86
C TYR A 297 -34.68 13.35 11.64
N ASN A 298 -35.38 12.28 11.22
CA ASN A 298 -34.76 10.98 11.01
C ASN A 298 -35.21 10.45 9.66
N PHE A 299 -34.26 10.13 8.81
CA PHE A 299 -34.56 9.65 7.44
C PHE A 299 -33.96 8.26 7.28
N PHE A 300 -34.16 7.38 8.26
CA PHE A 300 -33.62 6.00 8.23
C PHE A 300 -34.79 5.02 8.18
N GLY A 301 -35.18 4.61 6.98
CA GLY A 301 -36.30 3.70 6.80
C GLY A 301 -37.52 4.45 6.36
N PRO A 302 -38.51 3.81 5.73
CA PRO A 302 -39.68 4.53 5.19
C PRO A 302 -40.56 5.17 6.25
N THR A 303 -40.79 4.49 7.37
CA THR A 303 -41.68 5.02 8.39
C THR A 303 -41.11 6.29 9.02
N LYS A 304 -39.84 6.23 9.44
CA LYS A 304 -39.20 7.40 10.01
C LYS A 304 -39.12 8.54 9.00
N THR A 305 -38.81 8.21 7.74
CA THR A 305 -38.73 9.25 6.72
C THR A 305 -40.08 9.93 6.51
N ILE A 306 -41.16 9.14 6.43
CA ILE A 306 -42.48 9.72 6.22
C ILE A 306 -42.88 10.60 7.41
N GLU A 307 -42.63 10.11 8.62
CA GLU A 307 -42.96 10.90 9.81
C GLU A 307 -42.17 12.21 9.84
N SER A 308 -40.88 12.15 9.49
CA SER A 308 -40.05 13.34 9.47
C SER A 308 -40.52 14.33 8.40
N LEU A 309 -40.87 13.82 7.21
CA LEU A 309 -41.36 14.72 6.16
C LEU A 309 -42.65 15.41 6.59
N ARG A 310 -43.57 14.65 7.21
CA ARG A 310 -44.81 15.26 7.68
C ARG A 310 -44.55 16.30 8.77
N ALA A 311 -43.65 15.99 9.70
CA ALA A 311 -43.33 16.94 10.77
C ALA A 311 -42.70 18.21 10.20
N ILE A 312 -41.82 18.06 9.21
CA ILE A 312 -41.18 19.23 8.59
C ILE A 312 -42.21 20.05 7.83
N ALA A 313 -43.09 19.40 7.08
CA ALA A 313 -44.12 20.12 6.33
C ALA A 313 -45.11 20.81 7.26
N ALA A 314 -45.29 20.28 8.48
CA ALA A 314 -46.19 20.92 9.44
C ALA A 314 -45.69 22.29 9.88
N LYS A 315 -44.43 22.62 9.62
CA LYS A 315 -43.87 23.91 9.98
C LYS A 315 -44.12 24.99 8.94
N PHE A 316 -44.77 24.67 7.83
CA PHE A 316 -44.97 25.63 6.75
C PHE A 316 -46.42 25.68 6.30
N ASP A 317 -46.69 26.36 5.19
CA ASP A 317 -48.05 26.58 4.72
C ASP A 317 -48.57 25.33 4.01
N GLU A 318 -49.73 25.46 3.36
CA GLU A 318 -50.43 24.31 2.80
C GLU A 318 -49.74 23.75 1.55
N SER A 319 -49.06 24.60 0.78
CA SER A 319 -48.37 24.12 -0.40
C SER A 319 -47.27 23.12 -0.04
N ILE A 320 -46.54 23.38 1.04
CA ILE A 320 -45.49 22.48 1.47
C ILE A 320 -46.08 21.13 1.88
N GLN A 321 -47.21 21.15 2.58
CA GLN A 321 -47.86 19.90 2.96
C GLN A 321 -48.35 19.13 1.73
N LYS A 322 -48.89 19.84 0.75
CA LYS A 322 -49.34 19.18 -0.48
C LYS A 322 -48.16 18.54 -1.20
N LYS A 323 -47.03 19.25 -1.29
CA LYS A 323 -45.85 18.68 -1.93
C LYS A 323 -45.32 17.49 -1.15
N CYS A 324 -45.38 17.54 0.19
CA CYS A 324 -44.96 16.41 1.00
C CYS A 324 -45.84 15.18 0.74
N GLU A 325 -47.15 15.39 0.65
CA GLU A 325 -48.05 14.30 0.30
C GLU A 325 -47.74 13.74 -1.08
N GLU A 326 -47.44 14.63 -2.04
CA GLU A 326 -47.09 14.17 -3.38
C GLU A 326 -45.83 13.32 -3.37
N VAL A 327 -44.80 13.76 -2.62
CA VAL A 327 -43.55 12.99 -2.55
C VAL A 327 -43.79 11.65 -1.89
N ILE A 328 -44.57 11.62 -0.81
CA ILE A 328 -44.84 10.36 -0.11
C ILE A 328 -45.58 9.39 -1.03
N ALA A 329 -46.59 9.89 -1.74
CA ALA A 329 -47.33 9.04 -2.67
C ALA A 329 -46.44 8.54 -3.79
N LYS A 330 -45.56 9.40 -4.31
CA LYS A 330 -44.66 8.99 -5.38
C LYS A 330 -43.71 7.90 -4.92
N TYR A 331 -43.16 8.03 -3.72
CA TYR A 331 -42.14 7.10 -3.24
C TYR A 331 -42.71 5.87 -2.53
N LYS A 332 -44.02 5.82 -2.28
CA LYS A 332 -44.59 4.65 -1.61
C LYS A 332 -44.34 3.34 -2.37
N PRO A 333 -44.65 3.21 -3.66
CA PRO A 333 -44.51 1.90 -4.31
C PRO A 333 -43.09 1.35 -4.28
N GLU A 334 -42.07 2.21 -4.37
CA GLU A 334 -40.70 1.73 -4.42
C GLU A 334 -40.31 1.05 -3.12
N TRP A 335 -40.56 1.71 -1.98
CA TRP A 335 -40.19 1.11 -0.70
C TRP A 335 -41.12 -0.04 -0.35
N GLU A 336 -42.38 -0.01 -0.81
CA GLU A 336 -43.25 -1.16 -0.62
C GLU A 336 -42.71 -2.38 -1.37
N ALA A 337 -42.22 -2.18 -2.60
CA ALA A 337 -41.61 -3.29 -3.34
C ALA A 337 -40.34 -3.77 -2.67
N VAL A 338 -39.54 -2.85 -2.14
CA VAL A 338 -38.32 -3.24 -1.43
C VAL A 338 -38.67 -4.09 -0.22
N VAL A 339 -39.69 -3.68 0.54
CA VAL A 339 -40.13 -4.47 1.69
C VAL A 339 -40.61 -5.84 1.24
N ALA A 340 -41.44 -5.89 0.20
CA ALA A 340 -41.96 -7.17 -0.28
C ALA A 340 -40.82 -8.09 -0.71
N LYS A 341 -39.76 -7.53 -1.28
CA LYS A 341 -38.64 -8.36 -1.71
C LYS A 341 -37.82 -8.87 -0.53
N TYR A 342 -37.52 -8.01 0.45
CA TYR A 342 -36.48 -8.34 1.41
C TYR A 342 -36.95 -8.68 2.82
N ARG A 343 -38.19 -8.33 3.19
CA ARG A 343 -38.66 -8.67 4.53
C ARG A 343 -38.77 -10.17 4.76
N PRO A 344 -39.28 -10.99 3.84
CA PRO A 344 -39.32 -12.44 4.10
C PRO A 344 -37.95 -13.04 4.42
N ARG A 345 -36.90 -12.55 3.78
CA ARG A 345 -35.56 -13.07 4.04
C ARG A 345 -34.97 -12.58 5.37
N LEU A 346 -35.56 -11.54 5.95
CA LEU A 346 -34.99 -10.90 7.15
C LEU A 346 -35.96 -10.86 8.32
N GLU A 347 -37.10 -11.52 8.23
CA GLU A 347 -38.09 -11.46 9.30
C GLU A 347 -37.65 -12.28 10.50
N GLY A 348 -37.78 -11.71 11.69
CA GLY A 348 -37.50 -12.40 12.93
C GLY A 348 -36.04 -12.39 13.36
N LYS A 349 -35.16 -11.82 12.57
CA LYS A 349 -33.74 -11.81 12.90
C LYS A 349 -33.43 -10.80 14.00
N ARG A 350 -32.47 -11.14 14.84
CA ARG A 350 -32.10 -10.31 15.98
C ARG A 350 -30.80 -9.58 15.70
N VAL A 351 -30.73 -8.31 16.09
CA VAL A 351 -29.62 -7.43 15.76
C VAL A 351 -29.05 -6.83 17.05
N MET A 352 -27.73 -6.83 17.16
CA MET A 352 -27.02 -6.13 18.23
C MET A 352 -26.19 -5.02 17.61
N LEU A 353 -26.25 -3.83 18.20
CA LEU A 353 -25.62 -2.65 17.64
C LEU A 353 -24.68 -2.01 18.65
N TYR A 354 -23.56 -1.48 18.15
CA TYR A 354 -22.66 -0.66 18.97
C TYR A 354 -22.01 0.36 18.04
N ILE A 355 -22.49 1.60 18.12
CA ILE A 355 -22.07 2.69 17.25
C ILE A 355 -21.78 3.88 18.15
N GLY A 356 -21.59 5.06 17.58
CA GLY A 356 -21.08 6.19 18.33
C GLY A 356 -22.16 6.97 19.04
N GLY A 357 -22.50 8.16 18.57
CA GLY A 357 -23.40 9.02 19.33
C GLY A 357 -24.85 9.09 18.88
N LEU A 358 -25.14 8.82 17.62
CA LEU A 358 -26.50 8.99 17.10
C LEU A 358 -27.12 7.73 16.54
N ARG A 359 -26.40 7.01 15.68
CA ARG A 359 -26.95 5.91 14.88
C ARG A 359 -27.50 4.71 15.65
N PRO A 360 -27.07 4.42 16.88
CA PRO A 360 -27.67 3.28 17.59
C PRO A 360 -29.18 3.36 17.75
N ARG A 361 -29.75 4.55 17.87
CA ARG A 361 -31.20 4.68 17.97
C ARG A 361 -31.87 5.09 16.68
N HIS A 362 -31.13 5.69 15.75
CA HIS A 362 -31.73 6.18 14.52
C HIS A 362 -32.03 5.05 13.54
N VAL A 363 -31.24 3.97 13.56
CA VAL A 363 -31.38 2.91 12.56
C VAL A 363 -32.33 1.80 13.02
N ILE A 364 -32.90 1.89 14.23
CA ILE A 364 -33.81 0.86 14.70
C ILE A 364 -35.07 0.82 13.84
N GLY A 365 -35.51 1.99 13.37
CA GLY A 365 -36.72 2.05 12.57
C GLY A 365 -36.62 1.25 11.29
N ALA A 366 -35.48 1.35 10.59
CA ALA A 366 -35.31 0.60 9.36
C ALA A 366 -35.29 -0.90 9.62
N TYR A 367 -34.60 -1.32 10.68
CA TYR A 367 -34.55 -2.75 11.02
C TYR A 367 -35.95 -3.27 11.36
N GLU A 368 -36.75 -2.46 12.05
CA GLU A 368 -38.14 -2.85 12.30
C GLU A 368 -38.97 -2.87 11.02
N ASP A 369 -38.68 -1.95 10.09
CA ASP A 369 -39.38 -1.95 8.81
C ASP A 369 -39.07 -3.21 8.01
N LEU A 370 -37.87 -3.76 8.16
CA LEU A 370 -37.49 -4.98 7.47
C LEU A 370 -37.86 -6.24 8.24
N GLY A 371 -38.51 -6.11 9.40
CA GLY A 371 -38.96 -7.26 10.16
C GLY A 371 -37.99 -7.79 11.17
N MET A 372 -36.86 -7.11 11.40
CA MET A 372 -35.86 -7.55 12.35
C MET A 372 -35.98 -6.74 13.65
N GLU A 373 -35.56 -7.35 14.75
CA GLU A 373 -35.62 -6.72 16.05
C GLU A 373 -34.20 -6.48 16.58
N VAL A 374 -34.06 -5.44 17.38
CA VAL A 374 -32.79 -5.06 17.98
C VAL A 374 -32.80 -5.54 19.42
N VAL A 375 -31.95 -6.51 19.73
CA VAL A 375 -31.89 -7.07 21.08
C VAL A 375 -30.92 -6.33 21.99
N GLY A 376 -30.07 -5.46 21.44
CA GLY A 376 -29.15 -4.69 22.25
C GLY A 376 -28.46 -3.59 21.47
N THR A 377 -28.47 -2.38 22.01
CA THR A 377 -27.82 -1.24 21.39
C THR A 377 -26.89 -0.58 22.41
N GLY A 378 -25.95 0.20 21.91
CA GLY A 378 -24.99 0.84 22.78
C GLY A 378 -24.33 2.03 22.12
N TYR A 379 -23.83 2.92 22.96
CA TYR A 379 -23.28 4.20 22.52
C TYR A 379 -21.80 4.28 22.92
N GLU A 380 -21.00 4.88 22.05
CA GLU A 380 -19.59 5.09 22.37
C GLU A 380 -19.42 6.25 23.34
N PHE A 381 -20.05 7.39 23.04
CA PHE A 381 -19.83 8.61 23.82
C PHE A 381 -21.09 9.43 24.04
N ALA A 382 -22.27 8.86 23.83
CA ALA A 382 -23.49 9.66 23.92
C ALA A 382 -23.79 10.04 25.36
N HIS A 383 -24.42 11.20 25.53
CA HIS A 383 -24.78 11.70 26.84
C HIS A 383 -26.11 11.09 27.29
N ASN A 384 -26.58 11.52 28.45
CA ASN A 384 -27.79 10.95 29.03
C ASN A 384 -29.05 11.32 28.24
N ASP A 385 -29.02 12.43 27.52
CA ASP A 385 -30.18 12.80 26.70
C ASP A 385 -30.37 11.84 25.53
N ASP A 386 -29.27 11.40 24.92
CA ASP A 386 -29.38 10.42 23.84
C ASP A 386 -29.95 9.11 24.36
N TYR A 387 -29.52 8.67 25.55
CA TYR A 387 -30.10 7.48 26.14
C TYR A 387 -31.56 7.69 26.50
N ASP A 388 -31.92 8.88 26.95
CA ASP A 388 -33.32 9.21 27.21
C ASP A 388 -34.16 8.99 25.97
N ARG A 389 -33.68 9.48 24.82
CA ARG A 389 -34.38 9.21 23.56
C ARG A 389 -34.31 7.74 23.18
N THR A 390 -33.27 7.03 23.61
CA THR A 390 -33.08 5.63 23.20
C THR A 390 -34.02 4.68 23.92
N MET A 391 -34.35 4.95 25.19
CA MET A 391 -35.23 4.04 25.91
C MET A 391 -36.59 3.90 25.24
N LYS A 392 -37.10 4.98 24.65
CA LYS A 392 -38.40 4.91 23.99
C LYS A 392 -38.37 3.98 22.78
N GLU A 393 -37.27 4.00 22.03
CA GLU A 393 -37.18 3.26 20.78
C GLU A 393 -36.85 1.78 20.97
N MET A 394 -36.40 1.38 22.16
CA MET A 394 -36.01 0.00 22.40
C MET A 394 -37.06 -0.75 23.20
N GLY A 395 -37.17 -2.05 22.94
CA GLY A 395 -38.17 -2.88 23.57
C GLY A 395 -37.80 -3.32 24.97
N ASP A 396 -38.69 -4.11 25.55
CA ASP A 396 -38.50 -4.60 26.92
C ASP A 396 -37.36 -5.60 26.99
N SER A 397 -36.66 -5.59 28.13
CA SER A 397 -35.61 -6.57 28.43
C SER A 397 -34.52 -6.60 27.37
N THR A 398 -34.12 -5.42 26.90
CA THR A 398 -33.03 -5.29 25.94
C THR A 398 -31.85 -4.60 26.62
N LEU A 399 -30.64 -5.06 26.29
CA LEU A 399 -29.44 -4.62 26.99
C LEU A 399 -28.96 -3.27 26.46
N LEU A 400 -28.64 -2.36 27.36
CA LEU A 400 -28.04 -1.08 27.01
C LEU A 400 -26.66 -0.98 27.65
N TYR A 401 -25.65 -0.67 26.84
CA TYR A 401 -24.27 -0.59 27.30
C TYR A 401 -23.63 0.69 26.79
N ASP A 402 -22.84 1.32 27.66
CA ASP A 402 -22.09 2.53 27.32
C ASP A 402 -20.60 2.27 27.51
N ASP A 403 -19.80 2.72 26.54
CA ASP A 403 -18.35 2.55 26.58
C ASP A 403 -17.97 1.09 26.82
N VAL A 404 -18.67 0.20 26.10
CA VAL A 404 -18.48 -1.23 26.31
C VAL A 404 -17.06 -1.62 25.90
N THR A 405 -16.51 -2.61 26.60
CA THR A 405 -15.19 -3.12 26.29
C THR A 405 -15.28 -4.28 25.31
N GLY A 406 -14.14 -4.63 24.72
CA GLY A 406 -14.11 -5.78 23.83
C GLY A 406 -14.48 -7.06 24.54
N TYR A 407 -14.01 -7.23 25.78
CA TYR A 407 -14.38 -8.39 26.58
C TYR A 407 -15.89 -8.43 26.82
N GLU A 408 -16.45 -7.30 27.27
CA GLU A 408 -17.87 -7.25 27.60
C GLU A 408 -18.71 -7.53 26.37
N PHE A 409 -18.38 -6.90 25.24
CA PHE A 409 -19.13 -7.11 24.02
C PHE A 409 -19.00 -8.55 23.53
N GLU A 410 -17.80 -9.12 23.63
CA GLU A 410 -17.59 -10.49 23.21
C GLU A 410 -18.47 -11.46 23.98
N GLU A 411 -18.47 -11.37 25.31
CA GLU A 411 -19.29 -12.32 26.07
C GLU A 411 -20.78 -11.99 26.01
N PHE A 412 -21.15 -10.72 25.86
CA PHE A 412 -22.56 -10.40 25.63
C PHE A 412 -23.07 -11.03 24.34
N VAL A 413 -22.26 -10.96 23.28
CA VAL A 413 -22.63 -11.61 22.03
C VAL A 413 -22.64 -13.13 22.18
N LYS A 414 -21.67 -13.67 22.93
CA LYS A 414 -21.62 -15.11 23.15
C LYS A 414 -22.87 -15.62 23.88
N ARG A 415 -23.39 -14.83 24.81
CA ARG A 415 -24.57 -15.23 25.56
C ARG A 415 -25.88 -14.91 24.83
N ILE A 416 -25.87 -13.92 23.94
CA ILE A 416 -27.08 -13.56 23.22
C ILE A 416 -27.21 -14.31 21.89
N LYS A 417 -26.10 -14.58 21.21
CA LYS A 417 -26.09 -15.13 19.87
C LYS A 417 -26.97 -14.33 18.91
N PRO A 418 -26.64 -13.05 18.67
CA PRO A 418 -27.43 -12.27 17.72
C PRO A 418 -27.21 -12.75 16.29
N ASP A 419 -28.24 -12.52 15.46
CA ASP A 419 -28.13 -12.89 14.05
C ASP A 419 -27.26 -11.91 13.27
N LEU A 420 -27.18 -10.66 13.72
CA LEU A 420 -26.36 -9.67 13.05
C LEU A 420 -25.78 -8.72 14.09
N ILE A 421 -24.58 -8.22 13.81
CA ILE A 421 -23.92 -7.23 14.64
C ILE A 421 -23.53 -6.04 13.77
N GLY A 422 -23.93 -4.85 14.19
CA GLY A 422 -23.53 -3.64 13.49
C GLY A 422 -22.65 -2.74 14.34
N SER A 423 -21.37 -2.68 14.01
CA SER A 423 -20.41 -1.90 14.79
C SER A 423 -19.30 -1.44 13.86
N GLY A 424 -18.17 -1.03 14.44
CA GLY A 424 -17.08 -0.46 13.69
C GLY A 424 -16.07 -1.48 13.19
N ILE A 425 -14.99 -0.95 12.61
CA ILE A 425 -13.95 -1.80 12.03
C ILE A 425 -13.13 -2.52 13.10
N LYS A 426 -13.15 -2.04 14.34
CA LYS A 426 -12.35 -2.64 15.40
C LYS A 426 -13.03 -3.83 16.05
N GLU A 427 -14.25 -4.16 15.64
CA GLU A 427 -14.93 -5.38 16.08
C GLU A 427 -15.40 -6.25 14.91
N LYS A 428 -15.28 -5.75 13.67
CA LYS A 428 -15.79 -6.46 12.52
C LYS A 428 -15.18 -7.84 12.40
N PHE A 429 -13.86 -7.93 12.42
CA PHE A 429 -13.19 -9.21 12.21
C PHE A 429 -13.27 -10.09 13.45
N ILE A 430 -13.32 -9.48 14.63
CA ILE A 430 -13.53 -10.24 15.85
C ILE A 430 -14.83 -11.02 15.78
N PHE A 431 -15.90 -10.36 15.35
CA PHE A 431 -17.19 -11.04 15.28
C PHE A 431 -17.38 -11.84 14.00
N GLN A 432 -16.63 -11.53 12.94
CA GLN A 432 -16.66 -12.37 11.74
C GLN A 432 -16.01 -13.71 11.99
N LYS A 433 -14.90 -13.73 12.74
CA LYS A 433 -14.25 -14.98 13.07
C LYS A 433 -15.05 -15.81 14.07
N MET A 434 -16.05 -15.22 14.71
CA MET A 434 -16.94 -15.94 15.62
C MET A 434 -18.12 -16.58 14.88
N GLY A 435 -18.27 -16.32 13.58
CA GLY A 435 -19.35 -16.90 12.83
C GLY A 435 -20.64 -16.09 12.82
N ILE A 436 -20.59 -14.82 13.18
CA ILE A 436 -21.76 -13.96 13.24
C ILE A 436 -21.66 -12.93 12.14
N PRO A 437 -22.66 -12.79 11.28
CA PRO A 437 -22.61 -11.77 10.23
C PRO A 437 -22.46 -10.37 10.83
N PHE A 438 -21.64 -9.56 10.17
CA PHE A 438 -21.28 -8.24 10.67
C PHE A 438 -21.46 -7.20 9.58
N ARG A 439 -21.99 -6.04 9.96
CA ARG A 439 -22.13 -4.91 9.06
C ARG A 439 -21.50 -3.68 9.69
N GLU A 440 -20.64 -3.01 8.94
CA GLU A 440 -20.05 -1.75 9.42
C GLU A 440 -21.11 -0.67 9.42
N MET A 441 -21.49 -0.20 10.59
CA MET A 441 -22.54 0.80 10.72
C MET A 441 -22.00 2.23 10.73
N HIS A 442 -20.72 2.40 10.48
CA HIS A 442 -20.13 3.77 10.39
C HIS A 442 -19.91 4.13 8.93
N SER A 443 -19.20 3.28 8.20
CA SER A 443 -18.92 3.54 6.80
C SER A 443 -19.90 2.85 5.85
N TRP A 444 -20.95 2.22 6.39
CA TRP A 444 -21.91 1.45 5.59
C TRP A 444 -21.24 0.32 4.81
N ASP A 445 -20.10 -0.17 5.31
CA ASP A 445 -19.32 -1.20 4.63
C ASP A 445 -18.99 -0.79 3.19
N TYR A 446 -18.57 0.47 3.03
CA TYR A 446 -18.18 1.02 1.73
C TYR A 446 -19.33 0.97 0.72
N SER A 447 -20.56 0.92 1.22
CA SER A 447 -21.78 0.98 0.42
C SER A 447 -22.57 2.21 0.85
N GLY A 448 -23.80 2.31 0.37
CA GLY A 448 -24.66 3.40 0.72
C GLY A 448 -25.08 4.24 -0.46
N PRO A 449 -25.83 5.33 -0.21
CA PRO A 449 -26.25 5.86 1.09
C PRO A 449 -27.37 5.06 1.75
N TYR A 450 -27.62 5.23 3.04
CA TYR A 450 -28.77 4.51 3.68
C TYR A 450 -29.88 5.46 4.10
N HIS A 451 -29.74 6.76 3.91
CA HIS A 451 -30.77 7.73 4.36
C HIS A 451 -31.79 7.93 3.25
N GLY A 452 -33.07 7.97 3.59
CA GLY A 452 -34.02 8.24 2.53
C GLY A 452 -34.56 7.01 1.85
N PHE A 453 -35.52 7.25 0.96
CA PHE A 453 -36.15 6.17 0.22
C PHE A 453 -35.15 5.47 -0.69
N ASP A 454 -34.27 6.25 -1.32
CA ASP A 454 -33.23 5.66 -2.17
C ASP A 454 -32.28 4.80 -1.33
N GLY A 455 -31.94 5.26 -0.13
CA GLY A 455 -31.04 4.52 0.73
C GLY A 455 -31.66 3.29 1.37
N PHE A 456 -32.99 3.25 1.46
CA PHE A 456 -33.65 2.09 2.06
C PHE A 456 -33.41 0.82 1.24
N ALA A 457 -33.45 0.93 -0.08
CA ALA A 457 -33.21 -0.23 -0.94
C ALA A 457 -31.79 -0.76 -0.75
N ILE A 458 -30.81 0.14 -0.71
CA ILE A 458 -29.43 -0.27 -0.50
C ILE A 458 -29.26 -0.90 0.88
N PHE A 459 -29.92 -0.33 1.89
CA PHE A 459 -29.86 -0.90 3.24
C PHE A 459 -30.41 -2.32 3.25
N ALA A 460 -31.58 -2.53 2.64
CA ALA A 460 -32.19 -3.85 2.60
C ALA A 460 -31.31 -4.84 1.86
N ARG A 461 -30.77 -4.43 0.70
CA ARG A 461 -29.89 -5.32 -0.06
C ARG A 461 -28.65 -5.69 0.73
N ASP A 462 -28.06 -4.73 1.43
CA ASP A 462 -26.85 -4.99 2.20
C ASP A 462 -27.13 -5.93 3.36
N MET A 463 -28.22 -5.69 4.10
CA MET A 463 -28.57 -6.59 5.19
C MET A 463 -28.83 -8.00 4.68
N ASP A 464 -29.54 -8.12 3.57
CA ASP A 464 -29.83 -9.45 3.02
C ASP A 464 -28.57 -10.17 2.57
N MET A 465 -27.66 -9.45 1.90
CA MET A 465 -26.45 -10.09 1.41
C MET A 465 -25.51 -10.48 2.55
N THR A 466 -25.44 -9.66 3.60
CA THR A 466 -24.54 -10.00 4.70
C THR A 466 -25.12 -11.12 5.57
N LEU A 467 -26.42 -11.07 5.87
CA LEU A 467 -27.03 -12.05 6.75
C LEU A 467 -27.10 -13.44 6.10
N ASN A 468 -27.59 -13.50 4.87
CA ASN A 468 -27.85 -14.77 4.20
C ASN A 468 -26.75 -15.16 3.23
N ASN A 469 -25.51 -14.79 3.53
CA ASN A 469 -24.38 -15.22 2.71
C ASN A 469 -24.08 -16.69 2.99
N PRO A 470 -23.72 -17.46 1.97
CA PRO A 470 -23.42 -18.89 2.19
C PRO A 470 -22.13 -19.13 2.98
N CYS A 471 -21.33 -18.10 3.23
CA CYS A 471 -20.05 -18.31 3.89
C CYS A 471 -20.21 -18.60 5.38
N TRP A 472 -21.28 -18.10 6.00
CA TRP A 472 -21.46 -18.27 7.44
C TRP A 472 -21.85 -19.69 7.82
N LYS A 473 -22.25 -20.52 6.86
CA LYS A 473 -22.57 -21.91 7.12
C LYS A 473 -21.39 -22.84 6.87
N LYS A 474 -20.21 -22.28 6.62
CA LYS A 474 -19.05 -23.06 6.19
C LYS A 474 -17.89 -22.96 7.17
N LEU A 475 -18.11 -22.43 8.37
CA LEU A 475 -17.03 -22.20 9.33
C LEU A 475 -16.60 -23.46 10.06
N GLN A 476 -17.35 -24.55 9.96
CA GLN A 476 -17.02 -25.80 10.63
C GLN A 476 -16.57 -26.81 9.59
N ALA A 477 -15.36 -27.33 9.77
CA ALA A 477 -14.87 -28.38 8.87
C ALA A 477 -15.71 -29.65 9.04
N PRO A 478 -16.00 -30.35 7.95
CA PRO A 478 -16.85 -31.54 8.06
C PRO A 478 -16.26 -32.65 8.92
N TRP A 479 -14.94 -32.70 9.09
CA TRP A 479 -14.31 -33.73 9.89
C TRP A 479 -14.17 -33.35 11.35
N GLU A 480 -14.54 -32.12 11.73
CA GLU A 480 -14.50 -31.71 13.12
C GLU A 480 -15.88 -31.72 13.74
N SER B 2 -34.76 7.76 -7.49
CA SER B 2 -35.60 6.59 -7.71
C SER B 2 -34.76 5.32 -7.80
N GLN B 3 -35.30 4.22 -7.28
CA GLN B 3 -34.63 2.93 -7.28
C GLN B 3 -35.54 1.87 -7.88
N GLN B 4 -34.96 1.02 -8.72
CA GLN B 4 -35.63 -0.17 -9.21
C GLN B 4 -35.19 -1.36 -8.36
N VAL B 5 -36.15 -2.10 -7.82
CA VAL B 5 -35.84 -3.11 -6.82
C VAL B 5 -35.00 -4.25 -7.40
N ASP B 6 -35.22 -4.60 -8.67
CA ASP B 6 -34.47 -5.70 -9.27
C ASP B 6 -33.02 -5.32 -9.58
N LYS B 7 -32.73 -4.03 -9.73
CA LYS B 7 -31.37 -3.54 -9.98
C LYS B 7 -31.14 -2.31 -9.10
N ILE B 8 -30.65 -2.55 -7.89
CA ILE B 8 -30.43 -1.50 -6.90
C ILE B 8 -29.06 -0.87 -7.14
N LYS B 9 -28.99 0.45 -7.04
CA LYS B 9 -27.78 1.21 -7.28
C LYS B 9 -27.23 1.75 -5.96
N ALA B 10 -25.94 1.54 -5.72
CA ALA B 10 -25.25 2.20 -4.63
C ALA B 10 -24.95 3.63 -5.05
N SER B 11 -24.15 4.36 -4.25
CA SER B 11 -23.88 5.76 -4.52
C SER B 11 -23.43 5.98 -5.97
N TYR B 12 -22.50 5.15 -6.42
CA TYR B 12 -22.17 5.05 -7.83
C TYR B 12 -22.91 3.87 -8.43
N PRO B 13 -23.68 4.04 -9.51
CA PRO B 13 -23.92 5.28 -10.25
C PRO B 13 -25.25 5.95 -9.93
N LEU B 14 -25.78 5.82 -8.71
CA LEU B 14 -27.06 6.43 -8.39
C LEU B 14 -27.00 7.95 -8.49
N PHE B 15 -25.91 8.55 -8.03
CA PHE B 15 -25.79 10.01 -8.06
C PHE B 15 -25.40 10.54 -9.43
N LEU B 16 -25.35 9.68 -10.45
CA LEU B 16 -25.21 10.11 -11.83
C LEU B 16 -26.57 10.29 -12.51
N ASP B 17 -27.66 10.11 -11.77
CA ASP B 17 -28.99 10.27 -12.34
C ASP B 17 -29.28 11.75 -12.60
N GLN B 18 -30.33 12.01 -13.37
CA GLN B 18 -30.63 13.36 -13.79
C GLN B 18 -31.12 14.22 -12.63
N ASP B 19 -31.99 13.67 -11.78
CA ASP B 19 -32.50 14.47 -10.66
C ASP B 19 -31.39 14.82 -9.67
N TYR B 20 -30.52 13.86 -9.35
CA TYR B 20 -29.41 14.13 -8.45
C TYR B 20 -28.44 15.13 -9.06
N LYS B 21 -28.17 15.01 -10.37
CA LYS B 21 -27.29 15.95 -11.04
C LYS B 21 -27.88 17.36 -11.02
N ASP B 22 -29.18 17.48 -11.30
CA ASP B 22 -29.83 18.78 -11.28
C ASP B 22 -29.79 19.39 -9.88
N MET B 23 -30.04 18.58 -8.85
CA MET B 23 -29.99 19.12 -7.49
C MET B 23 -28.58 19.54 -7.11
N LEU B 24 -27.56 18.76 -7.49
CA LEU B 24 -26.18 19.15 -7.22
C LEU B 24 -25.84 20.46 -7.90
N ALA B 25 -26.22 20.61 -9.18
CA ALA B 25 -25.94 21.85 -9.90
C ALA B 25 -26.67 23.03 -9.28
N LYS B 26 -27.93 22.82 -8.88
CA LYS B 26 -28.70 23.88 -8.24
C LYS B 26 -28.04 24.32 -6.94
N LYS B 27 -27.65 23.36 -6.10
CA LYS B 27 -27.00 23.69 -4.84
C LYS B 27 -25.70 24.45 -5.09
N ARG B 28 -24.87 23.94 -5.99
CA ARG B 28 -23.61 24.59 -6.33
C ARG B 28 -23.84 26.05 -6.74
N ASP B 29 -24.63 26.26 -7.79
CA ASP B 29 -24.82 27.59 -8.33
C ASP B 29 -25.46 28.52 -7.31
N GLY B 30 -26.45 28.02 -6.56
CA GLY B 30 -27.17 28.89 -5.65
C GLY B 30 -26.35 29.30 -4.44
N PHE B 31 -25.64 28.37 -3.82
CA PHE B 31 -25.09 28.61 -2.49
C PHE B 31 -23.61 28.30 -2.32
N GLU B 32 -22.98 27.55 -3.22
CA GLU B 32 -21.60 27.14 -2.96
C GLU B 32 -20.60 28.27 -3.18
N GLU B 33 -20.95 29.28 -3.98
CA GLU B 33 -20.05 30.38 -4.29
C GLU B 33 -18.72 29.88 -4.83
N LYS B 34 -18.78 28.85 -5.66
CA LYS B 34 -17.56 28.22 -6.15
C LYS B 34 -16.90 29.08 -7.22
N TYR B 35 -15.58 28.96 -7.31
CA TYR B 35 -14.84 29.66 -8.35
C TYR B 35 -15.28 29.15 -9.72
N PRO B 36 -15.16 29.99 -10.76
CA PRO B 36 -15.55 29.55 -12.10
C PRO B 36 -14.67 28.39 -12.57
N GLN B 37 -15.27 27.55 -13.42
CA GLN B 37 -14.59 26.33 -13.87
C GLN B 37 -13.32 26.64 -14.65
N ASP B 38 -13.31 27.74 -15.41
CA ASP B 38 -12.12 28.10 -16.16
C ASP B 38 -10.96 28.42 -15.22
N LYS B 39 -11.25 29.10 -14.11
CA LYS B 39 -10.21 29.40 -13.13
C LYS B 39 -9.68 28.12 -12.48
N ILE B 40 -10.57 27.16 -12.21
CA ILE B 40 -10.16 25.89 -11.63
C ILE B 40 -9.24 25.14 -12.60
N ASP B 41 -9.61 25.11 -13.89
CA ASP B 41 -8.77 24.46 -14.88
C ASP B 41 -7.41 25.15 -15.00
N GLU B 42 -7.40 26.48 -14.97
CA GLU B 42 -6.15 27.22 -15.01
C GLU B 42 -5.26 26.90 -13.82
N VAL B 43 -5.85 26.83 -12.63
CA VAL B 43 -5.08 26.54 -11.43
C VAL B 43 -4.53 25.11 -11.48
N PHE B 44 -5.33 24.16 -11.94
CA PHE B 44 -4.84 22.79 -12.08
C PHE B 44 -3.68 22.71 -13.06
N GLN B 45 -3.83 23.36 -14.22
CA GLN B 45 -2.75 23.36 -15.20
C GLN B 45 -1.49 24.00 -14.65
N TRP B 46 -1.64 25.08 -13.88
CA TRP B 46 -0.48 25.70 -13.23
C TRP B 46 0.17 24.74 -12.24
N THR B 47 -0.64 24.03 -11.46
CA THR B 47 -0.10 23.07 -10.50
C THR B 47 0.62 21.92 -11.19
N THR B 48 0.30 21.65 -12.45
CA THR B 48 1.00 20.62 -13.20
C THR B 48 2.32 21.10 -13.82
N THR B 49 2.68 22.36 -13.64
CA THR B 49 3.85 22.94 -14.31
C THR B 49 5.11 22.81 -13.47
N LYS B 50 6.22 23.31 -14.02
CA LYS B 50 7.53 23.24 -13.36
C LYS B 50 7.79 24.39 -12.41
N GLU B 51 7.24 25.58 -12.68
CA GLU B 51 7.33 26.67 -11.72
C GLU B 51 6.64 26.31 -10.42
N TYR B 52 5.47 25.68 -10.53
CA TYR B 52 4.81 25.15 -9.34
C TYR B 52 5.67 24.09 -8.66
N GLN B 53 6.46 23.33 -9.44
CA GLN B 53 7.37 22.36 -8.84
C GLN B 53 8.46 23.05 -8.04
N GLU B 54 9.01 24.14 -8.57
CA GLU B 54 10.01 24.91 -7.81
C GLU B 54 9.40 25.46 -6.52
N LEU B 55 8.18 26.00 -6.60
CA LEU B 55 7.51 26.52 -5.41
C LEU B 55 7.26 25.40 -4.41
N ASN B 56 6.86 24.22 -4.89
CA ASN B 56 6.60 23.09 -4.02
C ASN B 56 7.86 22.62 -3.32
N PHE B 57 8.98 22.57 -4.05
CA PHE B 57 10.23 22.12 -3.48
C PHE B 57 10.92 23.19 -2.64
N GLN B 58 10.44 24.43 -2.69
CA GLN B 58 10.92 25.47 -1.77
C GLN B 58 10.23 25.41 -0.41
N ARG B 59 9.45 24.36 -0.14
CA ARG B 59 8.72 24.27 1.11
C ARG B 59 9.67 24.05 2.28
N GLU B 60 9.30 24.60 3.45
CA GLU B 60 10.11 24.49 4.66
C GLU B 60 9.32 24.10 5.89
N ALA B 61 8.01 24.33 5.95
CA ALA B 61 7.23 24.08 7.15
C ALA B 61 5.93 23.31 6.93
N LEU B 62 5.46 23.19 5.69
CA LEU B 62 4.20 22.52 5.41
C LEU B 62 4.48 21.16 4.78
N THR B 63 3.87 20.13 5.34
CA THR B 63 3.93 18.77 4.79
C THR B 63 2.56 18.38 4.28
N VAL B 64 2.49 17.96 3.02
CA VAL B 64 1.24 17.61 2.37
C VAL B 64 1.29 16.15 1.95
N ASN B 65 0.34 15.36 2.45
CA ASN B 65 0.24 13.93 2.18
C ASN B 65 1.56 13.22 2.49
N PRO B 66 1.92 13.08 3.76
CA PRO B 66 3.17 12.41 4.12
C PRO B 66 3.10 10.92 3.83
N ALA B 67 4.29 10.30 3.83
CA ALA B 67 4.45 8.87 3.57
C ALA B 67 5.05 8.16 4.78
N LYS B 68 4.60 8.52 5.98
CA LYS B 68 5.13 7.91 7.20
C LYS B 68 4.11 8.04 8.32
N ALA B 69 4.33 7.27 9.38
CA ALA B 69 3.48 7.29 10.57
C ALA B 69 4.33 7.54 11.81
N CYS B 70 3.75 7.39 13.00
CA CYS B 70 4.46 7.65 14.23
C CYS B 70 4.94 6.36 14.89
N GLN B 71 5.83 6.53 15.87
CA GLN B 71 6.54 5.40 16.47
C GLN B 71 5.65 4.37 17.14
N PRO B 72 4.63 4.74 17.94
CA PRO B 72 3.86 3.71 18.65
C PRO B 72 3.16 2.71 17.74
N LEU B 73 2.88 3.06 16.48
CA LEU B 73 2.34 2.09 15.55
C LEU B 73 3.31 0.94 15.33
N GLY B 74 4.57 1.27 15.02
CA GLY B 74 5.60 0.25 14.91
C GLY B 74 5.85 -0.48 16.21
N ALA B 75 5.75 0.23 17.34
CA ALA B 75 5.91 -0.43 18.64
C ALA B 75 4.83 -1.49 18.85
N VAL B 76 3.59 -1.17 18.50
CA VAL B 76 2.49 -2.13 18.63
C VAL B 76 2.71 -3.30 17.69
N LEU B 77 3.14 -3.03 16.45
CA LEU B 77 3.39 -4.12 15.51
C LEU B 77 4.51 -5.04 16.00
N CYS B 78 5.53 -4.46 16.65
CA CYS B 78 6.60 -5.29 17.22
C CYS B 78 6.10 -6.10 18.41
N ALA B 79 5.28 -5.49 19.27
CA ALA B 79 4.78 -6.20 20.44
C ALA B 79 3.82 -7.32 20.05
N LEU B 80 3.15 -7.18 18.91
CA LEU B 80 2.22 -8.22 18.47
C LEU B 80 2.90 -9.53 18.12
N GLY B 81 4.22 -9.51 17.88
CA GLY B 81 4.94 -10.69 17.44
C GLY B 81 5.41 -11.63 18.52
N PHE B 82 5.06 -11.37 19.79
CA PHE B 82 5.50 -12.20 20.90
C PHE B 82 4.33 -12.96 21.50
N GLU B 83 4.63 -14.11 22.10
CA GLU B 83 3.60 -15.04 22.52
C GLU B 83 2.78 -14.48 23.67
N LYS B 84 1.45 -14.47 23.49
CA LYS B 84 0.51 -14.03 24.51
C LYS B 84 0.87 -12.66 25.07
N THR B 85 1.26 -11.75 24.17
CA THR B 85 1.75 -10.43 24.54
C THR B 85 0.71 -9.38 24.15
N MET B 86 0.39 -8.49 25.10
CA MET B 86 -0.57 -7.44 24.87
C MET B 86 0.16 -6.12 24.61
N PRO B 87 0.00 -5.51 23.44
CA PRO B 87 0.58 -4.18 23.21
C PRO B 87 -0.11 -3.14 24.05
N TYR B 88 0.65 -2.49 24.93
CA TYR B 88 0.15 -1.47 25.83
C TYR B 88 0.75 -0.13 25.45
N VAL B 89 -0.10 0.86 25.25
CA VAL B 89 0.33 2.20 24.86
C VAL B 89 -0.01 3.16 25.98
N HIS B 90 1.02 3.75 26.58
CA HIS B 90 0.84 4.69 27.69
C HIS B 90 0.55 6.07 27.11
N GLY B 91 -0.69 6.53 27.26
CA GLY B 91 -1.07 7.82 26.72
C GLY B 91 -2.56 7.97 26.46
N SER B 92 -2.91 8.49 25.29
CA SER B 92 -4.29 8.79 24.96
C SER B 92 -4.92 7.64 24.17
N GLN B 93 -6.23 7.48 24.34
CA GLN B 93 -6.97 6.39 23.71
C GLN B 93 -7.20 6.61 22.22
N GLY B 94 -7.23 7.86 21.76
CA GLY B 94 -7.40 8.11 20.34
C GLY B 94 -6.28 7.53 19.51
N CYS B 95 -5.05 7.58 20.04
CA CYS B 95 -3.92 6.99 19.35
C CYS B 95 -4.11 5.49 19.16
N VAL B 96 -4.56 4.80 20.21
CA VAL B 96 -4.78 3.36 20.11
C VAL B 96 -5.91 3.06 19.13
N ALA B 97 -6.98 3.85 19.16
CA ALA B 97 -8.06 3.66 18.21
C ALA B 97 -7.58 3.81 16.78
N TYR B 98 -6.75 4.83 16.52
CA TYR B 98 -6.22 5.04 15.18
C TYR B 98 -5.30 3.90 14.77
N PHE B 99 -4.45 3.42 15.68
CA PHE B 99 -3.58 2.29 15.36
C PHE B 99 -4.40 1.06 14.99
N ARG B 100 -5.44 0.78 15.78
CA ARG B 100 -6.26 -0.40 15.53
C ARG B 100 -7.01 -0.28 14.23
N SER B 101 -7.56 0.90 13.92
CA SER B 101 -8.23 1.08 12.64
C SER B 101 -7.26 0.93 11.47
N TYR B 102 -6.07 1.49 11.59
CA TYR B 102 -5.05 1.38 10.54
C TYR B 102 -4.72 -0.08 10.26
N PHE B 103 -4.42 -0.84 11.32
CA PHE B 103 -4.02 -2.23 11.14
C PHE B 103 -5.20 -3.10 10.72
N ASN B 104 -6.42 -2.79 11.17
CA ASN B 104 -7.60 -3.51 10.72
C ASN B 104 -7.82 -3.30 9.23
N ARG B 105 -7.61 -2.08 8.75
CA ARG B 105 -7.82 -1.81 7.33
C ARG B 105 -6.74 -2.46 6.48
N HIS B 106 -5.49 -2.46 6.95
CA HIS B 106 -4.43 -3.07 6.16
C HIS B 106 -4.51 -4.60 6.17
N PHE B 107 -4.70 -5.20 7.33
CA PHE B 107 -4.63 -6.65 7.48
C PHE B 107 -5.99 -7.34 7.42
N ARG B 108 -7.07 -6.61 7.58
CA ARG B 108 -8.43 -7.20 7.61
C ARG B 108 -8.42 -8.29 8.68
N GLU B 109 -7.79 -7.98 9.81
CA GLU B 109 -7.65 -8.92 10.92
C GLU B 109 -7.89 -8.18 12.22
N PRO B 110 -8.37 -8.87 13.27
CA PRO B 110 -8.47 -8.24 14.57
C PRO B 110 -7.07 -7.86 15.10
N VAL B 111 -6.91 -6.70 15.72
CA VAL B 111 -5.65 -6.23 16.29
C VAL B 111 -5.92 -5.79 17.72
N SER B 112 -5.26 -6.43 18.67
CA SER B 112 -5.49 -6.20 20.09
C SER B 112 -4.48 -5.18 20.60
N CYS B 113 -4.99 -4.10 21.17
CA CYS B 113 -4.13 -3.06 21.74
C CYS B 113 -4.95 -2.29 22.77
N VAL B 114 -4.28 -1.82 23.82
CA VAL B 114 -4.93 -1.18 24.95
C VAL B 114 -4.23 0.14 25.26
N SER B 115 -4.89 0.93 26.10
CA SER B 115 -4.34 2.20 26.56
C SER B 115 -4.82 2.46 27.98
N ASP B 116 -4.13 3.38 28.65
CA ASP B 116 -4.51 3.80 29.99
C ASP B 116 -5.49 4.96 29.99
N SER B 117 -5.81 5.51 28.82
CA SER B 117 -6.79 6.59 28.67
C SER B 117 -6.43 7.77 29.56
N MET B 118 -5.26 8.35 29.28
CA MET B 118 -4.75 9.45 30.07
C MET B 118 -5.50 10.73 29.70
N THR B 119 -5.95 11.48 30.71
CA THR B 119 -6.75 12.67 30.55
C THR B 119 -5.96 13.91 30.97
N GLU B 120 -6.64 15.06 30.98
CA GLU B 120 -5.98 16.32 31.33
C GLU B 120 -5.37 16.28 32.72
N ASP B 121 -6.13 15.76 33.70
CA ASP B 121 -5.59 15.62 35.05
C ASP B 121 -4.40 14.68 35.05
N ALA B 122 -4.44 13.63 34.24
CA ALA B 122 -3.29 12.75 34.13
C ALA B 122 -2.13 13.42 33.40
N ALA B 123 -2.43 14.36 32.50
CA ALA B 123 -1.38 15.11 31.84
C ALA B 123 -0.73 16.10 32.79
N VAL B 124 -1.45 16.54 33.82
CA VAL B 124 -0.90 17.55 34.72
C VAL B 124 -0.21 16.90 35.93
N PHE B 125 -0.88 15.94 36.58
CA PHE B 125 -0.32 15.27 37.74
C PHE B 125 0.54 14.07 37.40
N GLY B 126 0.49 13.56 36.17
CA GLY B 126 1.24 12.38 35.79
C GLY B 126 0.34 11.16 35.62
N GLY B 127 0.92 10.12 35.03
CA GLY B 127 0.18 8.92 34.72
C GLY B 127 0.55 7.71 35.55
N GLN B 128 0.94 7.93 36.80
CA GLN B 128 1.28 6.82 37.69
C GLN B 128 0.05 5.97 38.00
N GLN B 129 -1.04 6.61 38.44
CA GLN B 129 -2.26 5.88 38.77
C GLN B 129 -2.86 5.23 37.53
N ASN B 130 -2.82 5.93 36.39
CA ASN B 130 -3.31 5.34 35.16
C ASN B 130 -2.50 4.10 34.80
N MET B 131 -1.17 4.16 34.94
CA MET B 131 -0.35 2.99 34.64
C MET B 131 -0.70 1.82 35.56
N LYS B 132 -0.79 2.08 36.87
CA LYS B 132 -1.10 1.02 37.82
C LYS B 132 -2.44 0.36 37.48
N ASP B 133 -3.49 1.18 37.35
CA ASP B 133 -4.82 0.63 37.12
C ASP B 133 -4.92 -0.05 35.76
N GLY B 134 -4.28 0.52 34.74
CA GLY B 134 -4.32 -0.10 33.42
C GLY B 134 -3.62 -1.45 33.38
N LEU B 135 -2.45 -1.55 34.01
CA LEU B 135 -1.76 -2.83 34.06
C LEU B 135 -2.61 -3.87 34.81
N GLN B 136 -3.16 -3.47 35.96
CA GLN B 136 -3.98 -4.40 36.73
C GLN B 136 -5.20 -4.86 35.93
N ASN B 137 -5.90 -3.91 35.30
CA ASN B 137 -7.12 -4.23 34.58
C ASN B 137 -6.84 -5.08 33.35
N CYS B 138 -5.78 -4.75 32.60
CA CYS B 138 -5.44 -5.53 31.42
C CYS B 138 -5.07 -6.97 31.81
N LYS B 139 -4.25 -7.13 32.85
CA LYS B 139 -3.89 -8.47 33.27
C LYS B 139 -5.09 -9.25 33.76
N ALA B 140 -5.99 -8.60 34.51
CA ALA B 140 -7.15 -9.30 35.03
C ALA B 140 -8.13 -9.69 33.92
N THR B 141 -8.33 -8.80 32.94
CA THR B 141 -9.38 -9.00 31.95
C THR B 141 -8.91 -9.85 30.77
N TYR B 142 -7.81 -9.46 30.12
CA TYR B 142 -7.39 -10.13 28.90
C TYR B 142 -6.30 -11.17 29.12
N LYS B 143 -5.85 -11.34 30.37
CA LYS B 143 -4.92 -12.36 30.84
C LYS B 143 -3.80 -12.65 29.86
N PRO B 144 -2.90 -11.70 29.60
CA PRO B 144 -1.73 -11.98 28.76
C PRO B 144 -0.57 -12.51 29.58
N ASP B 145 0.40 -13.11 28.86
CA ASP B 145 1.62 -13.57 29.50
C ASP B 145 2.67 -12.48 29.63
N MET B 146 2.49 -11.36 28.93
CA MET B 146 3.46 -10.27 28.97
C MET B 146 2.79 -9.02 28.41
N ILE B 147 3.14 -7.87 28.98
CA ILE B 147 2.60 -6.58 28.57
C ILE B 147 3.77 -5.70 28.12
N ALA B 148 3.74 -5.28 26.87
CA ALA B 148 4.77 -4.41 26.30
C ALA B 148 4.24 -3.00 26.24
N VAL B 149 4.94 -2.07 26.89
CA VAL B 149 4.48 -0.70 27.07
C VAL B 149 5.16 0.21 26.05
N SER B 150 4.37 0.98 25.32
CA SER B 150 4.84 2.05 24.45
C SER B 150 4.28 3.38 24.97
N THR B 151 4.58 4.46 24.25
CA THR B 151 4.20 5.79 24.68
C THR B 151 3.60 6.58 23.53
N THR B 152 2.70 7.49 23.87
CA THR B 152 2.22 8.51 22.96
C THR B 152 3.00 9.81 23.18
N CYS B 153 2.81 10.76 22.26
CA CYS B 153 3.55 12.02 22.35
C CYS B 153 3.20 12.80 23.60
N MET B 154 1.96 12.71 24.08
CA MET B 154 1.55 13.45 25.26
C MET B 154 2.36 13.04 26.48
N ALA B 155 2.55 11.73 26.68
CA ALA B 155 3.34 11.26 27.80
C ALA B 155 4.81 11.62 27.63
N GLU B 156 5.33 11.53 26.41
CA GLU B 156 6.73 11.82 26.17
C GLU B 156 7.06 13.28 26.43
N VAL B 157 6.13 14.19 26.08
CA VAL B 157 6.37 15.62 26.30
C VAL B 157 6.49 15.92 27.80
N ILE B 158 5.59 15.36 28.61
CA ILE B 158 5.61 15.61 30.05
C ILE B 158 6.65 14.77 30.77
N GLY B 159 7.33 13.87 30.08
CA GLY B 159 8.40 13.09 30.68
C GLY B 159 7.94 12.05 31.69
N ASP B 160 7.08 11.14 31.26
CA ASP B 160 6.65 10.06 32.13
C ASP B 160 7.78 9.04 32.31
N ASP B 161 8.06 8.68 33.55
CA ASP B 161 9.10 7.71 33.87
C ASP B 161 8.50 6.32 33.80
N LEU B 162 8.63 5.67 32.65
CA LEU B 162 8.03 4.35 32.46
C LEU B 162 8.66 3.32 33.41
N ASN B 163 9.98 3.35 33.57
CA ASN B 163 10.65 2.41 34.46
C ASN B 163 10.16 2.58 35.89
N ALA B 164 10.15 3.81 36.40
CA ALA B 164 9.71 4.05 37.76
C ALA B 164 8.24 3.71 37.93
N PHE B 165 7.41 4.05 36.93
CA PHE B 165 5.98 3.76 37.02
C PHE B 165 5.74 2.26 37.09
N ILE B 166 6.41 1.47 36.26
CA ILE B 166 6.22 0.03 36.26
C ILE B 166 6.77 -0.58 37.54
N ASN B 167 7.91 -0.07 38.03
CA ASN B 167 8.48 -0.58 39.27
C ASN B 167 7.55 -0.32 40.45
N ASN B 168 6.95 0.88 40.51
CA ASN B 168 6.00 1.17 41.57
C ASN B 168 4.73 0.34 41.41
N SER B 169 4.31 0.08 40.18
CA SER B 169 3.16 -0.78 39.95
C SER B 169 3.41 -2.18 40.51
N LYS B 170 4.61 -2.72 40.26
CA LYS B 170 4.97 -4.01 40.81
C LYS B 170 5.10 -3.97 42.33
N LYS B 171 5.59 -2.85 42.87
CA LYS B 171 5.87 -2.77 44.30
C LYS B 171 4.60 -2.69 45.13
N GLU B 172 3.53 -2.12 44.59
CA GLU B 172 2.28 -1.96 45.31
C GLU B 172 1.29 -3.10 45.06
N GLY B 173 1.70 -4.13 44.33
CA GLY B 173 0.89 -5.31 44.17
C GLY B 173 -0.14 -5.27 43.04
N PHE B 174 -0.14 -4.23 42.22
CA PHE B 174 -1.06 -4.18 41.10
C PHE B 174 -0.74 -5.26 40.06
N ILE B 175 0.52 -5.64 39.95
CA ILE B 175 0.93 -6.76 39.10
C ILE B 175 1.89 -7.63 39.90
N PRO B 176 2.00 -8.91 39.56
CA PRO B 176 3.02 -9.76 40.17
C PRO B 176 4.41 -9.25 39.85
N ASP B 177 5.34 -9.43 40.80
CA ASP B 177 6.69 -8.93 40.62
C ASP B 177 7.43 -9.65 39.50
N GLU B 178 7.08 -10.91 39.23
CA GLU B 178 7.73 -11.71 38.20
C GLU B 178 7.07 -11.58 36.84
N PHE B 179 5.97 -10.84 36.74
CA PHE B 179 5.27 -10.70 35.46
C PHE B 179 6.08 -9.81 34.53
N PRO B 180 6.34 -10.24 33.29
CA PRO B 180 7.21 -9.46 32.39
C PRO B 180 6.47 -8.27 31.81
N VAL B 181 6.99 -7.07 32.09
CA VAL B 181 6.44 -5.84 31.51
C VAL B 181 7.57 -5.03 30.87
N PRO B 182 8.04 -5.41 29.68
CA PRO B 182 9.02 -4.57 28.98
C PRO B 182 8.41 -3.26 28.53
N PHE B 183 9.25 -2.23 28.45
CA PHE B 183 8.79 -0.90 28.08
C PHE B 183 9.79 -0.28 27.10
N ALA B 184 9.32 0.71 26.35
CA ALA B 184 10.16 1.44 25.41
C ALA B 184 9.62 2.85 25.24
N HIS B 185 10.52 3.81 25.10
CA HIS B 185 10.15 5.19 24.82
C HIS B 185 10.01 5.36 23.31
N THR B 186 8.83 5.78 22.87
CA THR B 186 8.52 5.93 21.44
C THR B 186 7.98 7.33 21.21
N PRO B 187 8.84 8.34 21.21
CA PRO B 187 8.39 9.71 20.93
C PRO B 187 7.98 9.84 19.47
N SER B 188 6.79 10.41 19.24
CA SER B 188 6.24 10.49 17.90
C SER B 188 6.84 11.63 17.07
N PHE B 189 7.54 12.57 17.69
CA PHE B 189 8.18 13.66 16.97
C PHE B 189 9.61 13.33 16.56
N VAL B 190 10.05 12.09 16.79
CA VAL B 190 11.37 11.63 16.39
C VAL B 190 11.20 10.39 15.52
N GLY B 191 11.81 10.41 14.33
CA GLY B 191 11.77 9.24 13.47
C GLY B 191 10.38 8.97 12.95
N SER B 192 10.04 7.69 12.84
CA SER B 192 8.77 7.24 12.31
C SER B 192 8.45 5.87 12.89
N HIS B 193 7.47 5.19 12.30
CA HIS B 193 6.98 3.92 12.84
C HIS B 193 8.08 2.86 12.91
N VAL B 194 9.00 2.88 11.94
CA VAL B 194 10.10 1.91 11.96
C VAL B 194 11.00 2.17 13.17
N THR B 195 11.21 3.44 13.51
CA THR B 195 11.96 3.76 14.72
C THR B 195 11.24 3.24 15.96
N GLY B 196 9.90 3.29 15.97
CA GLY B 196 9.16 2.72 17.07
C GLY B 196 9.32 1.22 17.17
N TRP B 197 9.29 0.52 16.04
CA TRP B 197 9.54 -0.92 16.03
C TRP B 197 10.92 -1.23 16.58
N ASP B 198 11.93 -0.49 16.13
CA ASP B 198 13.29 -0.69 16.63
C ASP B 198 13.37 -0.47 18.13
N ASN B 199 12.76 0.62 18.61
CA ASN B 199 12.80 0.94 20.03
C ASN B 199 12.11 -0.14 20.86
N MET B 200 10.94 -0.62 20.41
CA MET B 200 10.23 -1.64 21.16
C MET B 200 10.99 -2.95 21.21
N PHE B 201 11.55 -3.38 20.07
CA PHE B 201 12.34 -4.61 20.06
C PHE B 201 13.57 -4.47 20.96
N GLU B 202 14.24 -3.32 20.90
CA GLU B 202 15.40 -3.11 21.75
C GLU B 202 15.03 -3.15 23.22
N GLY B 203 13.90 -2.53 23.58
CA GLY B 203 13.46 -2.56 24.96
C GLY B 203 13.15 -3.97 25.44
N ILE B 204 12.45 -4.75 24.62
CA ILE B 204 12.12 -6.12 25.02
C ILE B 204 13.39 -6.95 25.16
N ALA B 205 14.33 -6.80 24.21
CA ALA B 205 15.58 -7.54 24.28
C ALA B 205 16.38 -7.17 25.52
N ARG B 206 16.46 -5.86 25.83
CA ARG B 206 17.13 -5.44 27.05
C ARG B 206 16.47 -6.07 28.27
N TYR B 207 15.15 -5.97 28.36
CA TYR B 207 14.43 -6.52 29.51
C TYR B 207 14.74 -7.99 29.71
N PHE B 208 14.75 -8.84 28.69
CA PHE B 208 14.95 -10.29 28.98
C PHE B 208 16.41 -10.72 28.99
N THR B 209 17.36 -9.86 28.61
CA THR B 209 18.75 -10.38 28.45
C THR B 209 19.86 -9.54 29.09
N LEU B 210 19.61 -8.35 29.61
CA LEU B 210 20.72 -7.51 30.11
C LEU B 210 21.14 -7.93 31.53
N LYS B 211 20.25 -8.53 32.30
CA LYS B 211 20.61 -8.90 33.66
C LYS B 211 21.05 -10.36 33.80
N SER B 212 21.13 -11.11 32.70
CA SER B 212 21.46 -12.53 32.76
C SER B 212 22.46 -12.89 31.67
N MET B 213 23.51 -12.07 31.52
CA MET B 213 24.57 -12.36 30.56
C MET B 213 25.75 -13.09 31.19
N ASP B 214 25.68 -13.43 32.47
CA ASP B 214 26.81 -14.09 33.14
C ASP B 214 26.99 -15.52 32.65
N ASP B 215 25.90 -16.21 32.33
CA ASP B 215 25.95 -17.61 31.93
C ASP B 215 25.58 -17.80 30.46
N LYS B 216 26.04 -16.89 29.61
CA LYS B 216 25.75 -16.93 28.18
C LYS B 216 27.04 -17.09 27.40
N VAL B 217 27.03 -18.00 26.43
CA VAL B 217 28.16 -18.26 25.56
C VAL B 217 27.67 -18.24 24.12
N VAL B 218 28.37 -17.51 23.26
CA VAL B 218 27.98 -17.41 21.85
C VAL B 218 28.14 -18.77 21.19
N GLY B 219 27.09 -19.20 20.47
CA GLY B 219 27.13 -20.46 19.76
C GLY B 219 26.73 -21.68 20.56
N SER B 220 26.23 -21.50 21.79
CA SER B 220 25.88 -22.65 22.62
C SER B 220 24.74 -23.46 22.02
N ASN B 221 23.70 -22.79 21.52
CA ASN B 221 22.51 -23.47 21.04
C ASN B 221 22.54 -23.76 19.53
N LYS B 222 23.59 -23.35 18.83
CA LYS B 222 23.76 -23.62 17.39
C LYS B 222 22.55 -23.14 16.59
N LYS B 223 22.17 -21.88 16.81
CA LYS B 223 21.04 -21.28 16.11
C LYS B 223 21.45 -19.89 15.60
N ILE B 224 20.62 -19.36 14.71
CA ILE B 224 20.82 -18.04 14.13
C ILE B 224 19.59 -17.19 14.41
N ASN B 225 19.79 -16.03 15.03
CA ASN B 225 18.68 -15.14 15.31
C ASN B 225 18.40 -14.24 14.11
N ILE B 226 17.12 -14.10 13.77
CA ILE B 226 16.68 -13.26 12.67
C ILE B 226 15.72 -12.21 13.22
N VAL B 227 16.03 -10.95 13.00
CA VAL B 227 15.18 -9.83 13.38
C VAL B 227 14.58 -9.25 12.11
N PRO B 228 13.27 -9.40 11.87
CA PRO B 228 12.69 -8.99 10.59
C PRO B 228 12.41 -7.50 10.48
N GLY B 229 12.25 -6.79 11.58
CA GLY B 229 11.90 -5.39 11.53
C GLY B 229 10.42 -5.19 11.21
N PHE B 230 10.09 -3.94 10.88
CA PHE B 230 8.72 -3.57 10.54
C PHE B 230 8.33 -4.23 9.22
N GLU B 231 7.51 -5.28 9.30
CA GLU B 231 7.09 -6.03 8.13
C GLU B 231 5.58 -6.18 8.13
N THR B 232 4.96 -5.89 6.99
CA THR B 232 3.52 -6.02 6.83
C THR B 232 3.13 -7.07 5.79
N TYR B 233 4.07 -7.90 5.35
CA TYR B 233 3.80 -9.02 4.46
C TYR B 233 4.09 -10.31 5.23
N LEU B 234 3.04 -11.11 5.44
CA LEU B 234 3.22 -12.40 6.08
C LEU B 234 4.08 -13.33 5.24
N GLY B 235 4.04 -13.16 3.92
CA GLY B 235 4.83 -13.98 3.04
C GLY B 235 6.32 -13.86 3.28
N ASN B 236 6.78 -12.69 3.75
CA ASN B 236 8.20 -12.53 4.06
C ASN B 236 8.62 -13.41 5.22
N PHE B 237 7.85 -13.38 6.32
CA PHE B 237 8.13 -14.28 7.44
C PHE B 237 8.11 -15.73 6.98
N ARG B 238 7.07 -16.09 6.23
CA ARG B 238 6.92 -17.47 5.78
C ARG B 238 8.09 -17.90 4.91
N VAL B 239 8.53 -17.04 3.98
CA VAL B 239 9.58 -17.42 3.05
C VAL B 239 10.93 -17.49 3.76
N ILE B 240 11.19 -16.60 4.73
CA ILE B 240 12.43 -16.69 5.48
C ILE B 240 12.47 -17.99 6.26
N LYS B 241 11.37 -18.34 6.93
CA LYS B 241 11.34 -19.58 7.69
C LYS B 241 11.50 -20.79 6.78
N ARG B 242 10.83 -20.78 5.63
CA ARG B 242 10.92 -21.90 4.69
C ARG B 242 12.33 -22.06 4.14
N MET B 243 12.97 -20.94 3.77
CA MET B 243 14.33 -21.02 3.24
C MET B 243 15.30 -21.54 4.30
N LEU B 244 15.19 -21.04 5.53
CA LEU B 244 16.11 -21.49 6.58
C LEU B 244 15.84 -22.94 6.96
N SER B 245 14.59 -23.40 6.89
CA SER B 245 14.30 -24.80 7.13
C SER B 245 14.85 -25.68 6.00
N GLU B 246 14.76 -25.20 4.75
CA GLU B 246 15.31 -25.94 3.63
C GLU B 246 16.82 -26.09 3.75
N MET B 247 17.49 -25.03 4.18
CA MET B 247 18.94 -25.11 4.38
C MET B 247 19.30 -25.96 5.59
N GLY B 248 18.34 -26.38 6.40
CA GLY B 248 18.62 -27.12 7.60
C GLY B 248 19.35 -26.31 8.66
N VAL B 249 18.94 -25.06 8.86
CA VAL B 249 19.60 -24.14 9.77
C VAL B 249 18.67 -23.86 10.93
N GLY B 250 19.14 -24.11 12.15
CA GLY B 250 18.40 -23.73 13.34
C GLY B 250 18.27 -22.23 13.43
N TYR B 251 17.04 -21.75 13.59
CA TYR B 251 16.75 -20.32 13.60
C TYR B 251 15.80 -19.98 14.73
N SER B 252 15.90 -18.74 15.22
CA SER B 252 14.99 -18.21 16.23
C SER B 252 14.52 -16.85 15.73
N LEU B 253 13.46 -16.83 14.93
CA LEU B 253 12.92 -15.58 14.42
C LEU B 253 12.22 -14.84 15.55
N LEU B 254 12.81 -13.74 16.00
CA LEU B 254 12.25 -12.94 17.08
C LEU B 254 11.19 -12.00 16.53
N SER B 255 10.11 -11.83 17.29
CA SER B 255 8.98 -10.98 16.90
C SER B 255 8.36 -11.45 15.58
N ASP B 256 7.81 -12.68 15.64
CA ASP B 256 7.10 -13.25 14.51
C ASP B 256 5.59 -13.10 14.68
N PRO B 257 4.94 -12.19 13.96
CA PRO B 257 3.50 -11.95 14.15
C PRO B 257 2.57 -12.62 13.14
N GLU B 258 3.07 -13.47 12.24
CA GLU B 258 2.22 -13.95 11.16
C GLU B 258 1.04 -14.78 11.68
N GLU B 259 1.23 -15.50 12.78
CA GLU B 259 0.18 -16.37 13.29
C GLU B 259 -1.01 -15.56 13.81
N VAL B 260 -0.76 -14.46 14.51
CA VAL B 260 -1.84 -13.66 15.06
C VAL B 260 -2.49 -12.78 13.98
N LEU B 261 -1.83 -12.58 12.84
CA LEU B 261 -2.39 -11.82 11.74
C LEU B 261 -2.94 -12.69 10.63
N ASP B 262 -3.00 -14.01 10.84
CA ASP B 262 -3.61 -14.93 9.88
C ASP B 262 -4.41 -15.99 10.61
N THR B 263 -5.17 -15.59 11.62
CA THR B 263 -5.94 -16.55 12.39
C THR B 263 -7.08 -17.14 11.55
N PRO B 264 -7.35 -18.43 11.68
CA PRO B 264 -8.44 -19.02 10.90
C PRO B 264 -9.80 -18.61 11.42
N ALA B 265 -10.79 -18.69 10.52
CA ALA B 265 -12.19 -18.43 10.87
C ALA B 265 -12.89 -19.78 11.01
N ASP B 266 -13.01 -20.26 12.26
CA ASP B 266 -13.62 -21.55 12.52
C ASP B 266 -14.59 -21.50 13.69
N GLY B 267 -15.15 -20.32 13.99
CA GLY B 267 -16.16 -20.19 15.01
C GLY B 267 -15.69 -19.62 16.33
N GLN B 268 -14.38 -19.52 16.56
CA GLN B 268 -13.85 -18.97 17.80
C GLN B 268 -12.88 -17.84 17.48
N PHE B 269 -12.82 -16.87 18.39
CA PHE B 269 -11.95 -15.72 18.26
C PHE B 269 -10.69 -15.96 19.11
N ARG B 270 -9.53 -15.99 18.45
CA ARG B 270 -8.25 -16.16 19.12
C ARG B 270 -7.56 -14.81 19.22
N MET B 271 -7.45 -14.30 20.44
CA MET B 271 -6.75 -13.03 20.65
C MET B 271 -5.25 -13.20 20.44
N TYR B 272 -4.69 -14.32 20.87
CA TYR B 272 -3.26 -14.60 20.74
C TYR B 272 -3.06 -15.87 19.92
N ALA B 273 -2.03 -15.86 19.09
CA ALA B 273 -1.72 -17.03 18.26
C ALA B 273 -0.24 -16.98 17.91
N GLY B 274 0.48 -18.05 18.23
CA GLY B 274 1.89 -18.12 17.88
C GLY B 274 2.71 -17.07 18.62
N GLY B 275 3.67 -16.50 17.91
CA GLY B 275 4.52 -15.46 18.46
C GLY B 275 5.81 -16.01 19.04
N THR B 276 6.80 -15.13 19.12
CA THR B 276 8.09 -15.50 19.71
C THR B 276 7.93 -15.71 21.21
N THR B 277 8.46 -16.82 21.70
CA THR B 277 8.31 -17.20 23.10
C THR B 277 9.35 -16.49 23.97
N GLN B 278 9.05 -16.44 25.26
CA GLN B 278 9.97 -15.80 26.21
C GLN B 278 11.26 -16.59 26.35
N GLU B 279 11.18 -17.92 26.30
CA GLU B 279 12.38 -18.74 26.35
C GLU B 279 13.28 -18.48 25.14
N GLU B 280 12.68 -18.20 23.98
CA GLU B 280 13.48 -17.90 22.79
C GLU B 280 14.30 -16.62 22.98
N MET B 281 13.69 -15.59 23.58
CA MET B 281 14.41 -14.34 23.79
C MET B 281 15.40 -14.45 24.95
N LYS B 282 15.09 -15.26 25.97
CA LYS B 282 16.06 -15.47 27.04
C LYS B 282 17.29 -16.23 26.54
N ASP B 283 17.11 -17.12 25.57
CA ASP B 283 18.22 -17.87 24.98
C ASP B 283 18.80 -17.19 23.76
N ALA B 284 18.35 -15.99 23.42
CA ALA B 284 18.87 -15.29 22.25
C ALA B 284 20.38 -15.05 22.28
N PRO B 285 21.00 -14.63 23.39
CA PRO B 285 22.46 -14.39 23.35
C PRO B 285 23.29 -15.63 23.04
N ASN B 286 22.73 -16.83 23.22
CA ASN B 286 23.49 -18.05 22.98
C ASN B 286 23.60 -18.41 21.51
N ALA B 287 22.91 -17.69 20.62
CA ALA B 287 22.98 -17.98 19.21
C ALA B 287 24.36 -17.65 18.64
N LEU B 288 24.70 -18.31 17.53
CA LEU B 288 25.97 -18.05 16.87
C LEU B 288 26.07 -16.61 16.40
N ASN B 289 24.99 -16.09 15.80
CA ASN B 289 25.00 -14.74 15.26
C ASN B 289 23.57 -14.24 15.14
N THR B 290 23.42 -12.93 15.04
CA THR B 290 22.14 -12.28 14.84
C THR B 290 22.15 -11.57 13.50
N VAL B 291 21.11 -11.80 12.69
CA VAL B 291 21.01 -11.24 11.35
C VAL B 291 19.80 -10.31 11.31
N LEU B 292 20.02 -9.10 10.83
CA LEU B 292 18.97 -8.09 10.73
C LEU B 292 18.50 -7.99 9.29
N LEU B 293 17.21 -8.25 9.06
CA LEU B 293 16.68 -8.24 7.70
C LEU B 293 16.53 -6.83 7.14
N GLN B 294 16.26 -5.84 7.99
CA GLN B 294 16.09 -4.46 7.56
C GLN B 294 17.02 -3.58 8.42
N PRO B 295 18.32 -3.62 8.15
CA PRO B 295 19.27 -2.94 9.04
C PRO B 295 19.11 -1.43 9.10
N TRP B 296 18.54 -0.79 8.09
CA TRP B 296 18.54 0.67 8.05
C TRP B 296 17.54 1.30 9.02
N HIS B 297 16.67 0.50 9.65
CA HIS B 297 15.86 1.00 10.76
C HIS B 297 16.03 0.13 12.00
N LEU B 298 17.10 -0.66 12.07
CA LEU B 298 17.41 -1.47 13.24
C LEU B 298 18.77 -1.10 13.80
N GLU B 299 19.06 0.21 13.88
CA GLU B 299 20.37 0.67 14.31
C GLU B 299 20.56 0.51 15.81
N LYS B 300 19.55 0.91 16.60
CA LYS B 300 19.64 0.74 18.05
C LYS B 300 19.71 -0.73 18.43
N THR B 301 18.93 -1.57 17.75
CA THR B 301 18.99 -3.00 17.99
C THR B 301 20.37 -3.56 17.66
N LYS B 302 20.96 -3.11 16.54
CA LYS B 302 22.29 -3.55 16.17
C LYS B 302 23.31 -3.16 17.23
N LYS B 303 23.23 -1.92 17.70
CA LYS B 303 24.16 -1.44 18.72
C LYS B 303 24.03 -2.26 20.00
N PHE B 304 22.79 -2.49 20.45
CA PHE B 304 22.58 -3.27 21.66
C PHE B 304 23.09 -4.70 21.50
N VAL B 305 22.81 -5.33 20.36
CA VAL B 305 23.22 -6.72 20.14
C VAL B 305 24.74 -6.82 20.18
N GLU B 306 25.43 -5.94 19.45
CA GLU B 306 26.89 -6.01 19.44
C GLU B 306 27.48 -5.67 20.80
N GLY B 307 26.89 -4.71 21.52
CA GLY B 307 27.45 -4.31 22.80
C GLY B 307 27.24 -5.30 23.91
N THR B 308 26.09 -5.97 23.94
CA THR B 308 25.73 -6.86 25.04
C THR B 308 25.84 -8.34 24.69
N TRP B 309 25.25 -8.76 23.57
CA TRP B 309 25.28 -10.17 23.20
C TRP B 309 26.60 -10.58 22.57
N LYS B 310 27.46 -9.63 22.22
CA LYS B 310 28.76 -9.90 21.62
C LYS B 310 28.63 -10.69 20.32
N HIS B 311 27.60 -10.36 19.54
CA HIS B 311 27.36 -10.97 18.25
C HIS B 311 27.89 -10.08 17.15
N GLU B 312 28.70 -10.65 16.26
CA GLU B 312 29.26 -9.91 15.13
C GLU B 312 28.22 -9.88 14.02
N VAL B 313 27.34 -8.88 14.07
CA VAL B 313 26.23 -8.80 13.12
C VAL B 313 26.77 -8.56 11.72
N PRO B 314 26.41 -9.40 10.75
CA PRO B 314 26.93 -9.21 9.39
C PRO B 314 26.40 -7.94 8.75
N LYS B 315 27.20 -7.39 7.85
CA LYS B 315 26.80 -6.23 7.05
C LYS B 315 26.06 -6.73 5.81
N LEU B 316 24.79 -7.07 6.00
CA LEU B 316 23.95 -7.61 4.95
C LEU B 316 22.85 -6.62 4.59
N ASN B 317 22.51 -6.57 3.32
CA ASN B 317 21.36 -5.81 2.86
C ASN B 317 20.09 -6.65 3.02
N ILE B 318 18.95 -6.04 2.72
CA ILE B 318 17.68 -6.76 2.81
C ILE B 318 17.66 -7.88 1.78
N PRO B 319 17.18 -9.09 2.13
CA PRO B 319 17.14 -10.17 1.12
C PRO B 319 16.11 -9.92 0.03
N MET B 320 16.36 -8.87 -0.77
CA MET B 320 15.51 -8.51 -1.90
C MET B 320 16.31 -8.73 -3.18
N GLY B 321 15.76 -9.50 -4.10
CA GLY B 321 16.36 -9.68 -5.40
C GLY B 321 17.45 -10.74 -5.43
N LEU B 322 17.95 -10.95 -6.65
CA LEU B 322 18.94 -11.99 -6.91
C LEU B 322 20.18 -11.81 -6.04
N ASP B 323 20.89 -10.71 -6.25
CA ASP B 323 22.22 -10.56 -5.63
C ASP B 323 22.13 -10.57 -4.11
N TRP B 324 21.16 -9.86 -3.56
CA TRP B 324 21.05 -9.76 -2.11
C TRP B 324 20.53 -11.05 -1.48
N THR B 325 19.64 -11.77 -2.16
CA THR B 325 19.20 -13.06 -1.65
C THR B 325 20.37 -14.06 -1.64
N ASP B 326 21.18 -14.07 -2.70
CA ASP B 326 22.37 -14.93 -2.69
C ASP B 326 23.35 -14.52 -1.60
N GLU B 327 23.55 -13.22 -1.39
CA GLU B 327 24.44 -12.79 -0.32
C GLU B 327 23.92 -13.23 1.04
N PHE B 328 22.61 -13.10 1.28
CA PHE B 328 22.01 -13.53 2.53
C PHE B 328 22.18 -15.03 2.74
N LEU B 329 21.90 -15.81 1.70
CA LEU B 329 22.03 -17.26 1.81
C LEU B 329 23.49 -17.67 2.06
N MET B 330 24.44 -17.01 1.40
CA MET B 330 25.84 -17.35 1.60
C MET B 330 26.31 -16.97 3.00
N LYS B 331 25.86 -15.82 3.52
CA LYS B 331 26.23 -15.45 4.88
C LYS B 331 25.65 -16.43 5.89
N VAL B 332 24.40 -16.86 5.69
CA VAL B 332 23.79 -17.84 6.58
C VAL B 332 24.55 -19.16 6.51
N SER B 333 24.92 -19.59 5.31
CA SER B 333 25.66 -20.83 5.15
C SER B 333 27.03 -20.76 5.83
N GLU B 334 27.70 -19.60 5.72
CA GLU B 334 29.00 -19.45 6.36
C GLU B 334 28.87 -19.45 7.88
N ILE B 335 27.84 -18.77 8.42
CA ILE B 335 27.67 -18.71 9.86
C ILE B 335 27.32 -20.09 10.43
N SER B 336 26.42 -20.81 9.76
CA SER B 336 25.94 -22.08 10.29
C SER B 336 26.74 -23.27 9.80
N GLY B 337 27.44 -23.17 8.67
CA GLY B 337 28.14 -24.29 8.10
C GLY B 337 27.28 -25.21 7.26
N GLN B 338 26.00 -24.90 7.08
CA GLN B 338 25.11 -25.74 6.29
C GLN B 338 25.16 -25.30 4.83
N PRO B 339 25.49 -26.19 3.89
CA PRO B 339 25.54 -25.80 2.49
C PRO B 339 24.15 -25.48 1.94
N ILE B 340 24.15 -24.65 0.90
CA ILE B 340 22.91 -24.26 0.23
C ILE B 340 22.45 -25.44 -0.62
N PRO B 341 21.23 -25.95 -0.41
CA PRO B 341 20.81 -27.19 -1.07
C PRO B 341 20.41 -26.94 -2.52
N ALA B 342 19.96 -28.02 -3.16
CA ALA B 342 19.60 -27.97 -4.58
C ALA B 342 18.26 -27.28 -4.82
N SER B 343 17.36 -27.30 -3.83
CA SER B 343 16.07 -26.66 -4.00
C SER B 343 16.20 -25.15 -4.20
N LEU B 344 17.06 -24.52 -3.40
CA LEU B 344 17.27 -23.08 -3.54
C LEU B 344 17.96 -22.75 -4.87
N THR B 345 18.88 -23.61 -5.31
CA THR B 345 19.50 -23.40 -6.62
C THR B 345 18.48 -23.50 -7.74
N LYS B 346 17.58 -24.48 -7.66
CA LYS B 346 16.53 -24.60 -8.66
C LYS B 346 15.60 -23.41 -8.64
N GLU B 347 15.26 -22.90 -7.45
CA GLU B 347 14.43 -21.71 -7.33
C GLU B 347 15.11 -20.50 -7.97
N ARG B 348 16.41 -20.32 -7.71
CA ARG B 348 17.14 -19.23 -8.31
C ARG B 348 17.18 -19.36 -9.83
N GLY B 349 17.40 -20.57 -10.34
CA GLY B 349 17.39 -20.78 -11.77
C GLY B 349 16.05 -20.47 -12.39
N ARG B 350 14.96 -20.87 -11.73
CA ARG B 350 13.62 -20.55 -12.24
C ARG B 350 13.37 -19.05 -12.24
N LEU B 351 13.81 -18.36 -11.19
CA LEU B 351 13.66 -16.91 -11.15
C LEU B 351 14.44 -16.24 -12.27
N VAL B 352 15.62 -16.74 -12.60
CA VAL B 352 16.48 -16.13 -13.65
C VAL B 352 15.82 -16.41 -15.00
N ASP B 353 15.12 -17.51 -15.10
CA ASP B 353 14.43 -17.84 -16.36
C ASP B 353 13.17 -16.99 -16.52
N MET B 354 12.58 -16.56 -15.42
CA MET B 354 11.42 -15.67 -15.52
C MET B 354 11.93 -14.29 -15.88
N MET B 355 13.09 -13.91 -15.36
CA MET B 355 13.68 -12.63 -15.74
C MET B 355 14.06 -12.62 -17.21
N THR B 356 14.63 -13.72 -17.70
CA THR B 356 14.99 -13.82 -19.11
C THR B 356 13.75 -13.75 -19.98
N ASP B 357 12.66 -14.39 -19.56
CA ASP B 357 11.42 -14.36 -20.34
C ASP B 357 10.83 -12.95 -20.41
N SER B 358 10.87 -12.21 -19.30
CA SER B 358 10.18 -10.93 -19.23
C SER B 358 11.07 -9.71 -19.45
N HIS B 359 12.36 -9.92 -19.73
CA HIS B 359 13.25 -8.77 -19.91
C HIS B 359 12.87 -7.91 -21.10
N THR B 360 12.25 -8.50 -22.13
CA THR B 360 11.92 -7.72 -23.31
C THR B 360 10.83 -6.70 -23.03
N TRP B 361 9.95 -6.98 -22.07
CA TRP B 361 8.94 -6.01 -21.67
C TRP B 361 9.35 -5.17 -20.47
N LEU B 362 10.27 -5.66 -19.63
CA LEU B 362 10.64 -4.90 -18.44
C LEU B 362 11.74 -3.87 -18.70
N HIS B 363 12.45 -3.96 -19.82
CA HIS B 363 13.61 -3.12 -20.05
C HIS B 363 13.21 -1.70 -20.39
N GLY B 364 13.96 -0.73 -19.83
CA GLY B 364 13.79 0.67 -20.14
C GLY B 364 12.64 1.35 -19.45
N LYS B 365 11.86 0.62 -18.66
CA LYS B 365 10.69 1.21 -18.01
C LYS B 365 11.14 2.17 -16.90
N ARG B 366 10.47 3.32 -16.84
CA ARG B 366 10.78 4.35 -15.86
C ARG B 366 9.79 4.25 -14.69
N PHE B 367 10.33 4.15 -13.48
CA PHE B 367 9.53 3.88 -12.29
C PHE B 367 9.76 4.97 -11.23
N ALA B 368 8.66 5.40 -10.62
CA ALA B 368 8.70 6.21 -9.41
C ALA B 368 8.23 5.35 -8.24
N LEU B 369 8.93 5.44 -7.11
CA LEU B 369 8.65 4.54 -6.00
C LEU B 369 8.88 5.28 -4.68
N TRP B 370 8.24 4.76 -3.63
CA TRP B 370 8.36 5.34 -2.31
C TRP B 370 7.99 4.28 -1.27
N GLY B 371 8.44 4.50 -0.05
CA GLY B 371 8.16 3.59 1.04
C GLY B 371 9.27 3.63 2.08
N ASP B 372 9.44 2.51 2.76
CA ASP B 372 10.42 2.38 3.82
C ASP B 372 11.83 2.31 3.25
N PRO B 373 12.85 2.71 4.03
CA PRO B 373 14.22 2.75 3.50
C PRO B 373 14.73 1.42 2.96
N ASP B 374 14.68 0.37 3.78
CA ASP B 374 15.16 -0.94 3.34
C ASP B 374 14.33 -1.47 2.19
N PHE B 375 13.01 -1.35 2.29
CA PHE B 375 12.12 -1.78 1.22
C PHE B 375 12.39 -1.02 -0.08
N VAL B 376 12.55 0.29 0.02
CA VAL B 376 12.79 1.10 -1.17
C VAL B 376 14.13 0.73 -1.81
N MET B 377 15.17 0.56 -1.00
CA MET B 377 16.47 0.23 -1.56
C MET B 377 16.47 -1.16 -2.19
N GLY B 378 15.75 -2.11 -1.58
CA GLY B 378 15.64 -3.43 -2.19
C GLY B 378 14.88 -3.41 -3.49
N LEU B 379 13.79 -2.64 -3.54
CA LEU B 379 13.03 -2.50 -4.78
C LEU B 379 13.87 -1.84 -5.86
N VAL B 380 14.66 -0.82 -5.50
CA VAL B 380 15.53 -0.17 -6.47
C VAL B 380 16.59 -1.13 -6.99
N LYS B 381 17.19 -1.92 -6.10
CA LYS B 381 18.16 -2.92 -6.54
C LYS B 381 17.51 -3.92 -7.50
N PHE B 382 16.34 -4.44 -7.14
CA PHE B 382 15.67 -5.42 -7.99
C PHE B 382 15.32 -4.83 -9.35
N LEU B 383 14.86 -3.58 -9.38
CA LEU B 383 14.60 -2.91 -10.66
C LEU B 383 15.88 -2.77 -11.47
N LEU B 384 17.01 -2.53 -10.79
CA LEU B 384 18.28 -2.45 -11.51
C LEU B 384 18.69 -3.78 -12.10
N GLU B 385 18.42 -4.89 -11.41
CA GLU B 385 18.72 -6.20 -12.00
C GLU B 385 17.74 -6.61 -13.10
N LEU B 386 16.61 -5.92 -13.22
CA LEU B 386 15.64 -6.22 -14.26
C LEU B 386 15.82 -5.36 -15.51
N GLY B 387 16.77 -4.44 -15.51
CA GLY B 387 16.95 -3.53 -16.62
C GLY B 387 16.05 -2.32 -16.61
N CYS B 388 15.26 -2.14 -15.56
CA CYS B 388 14.37 -0.99 -15.46
C CYS B 388 15.14 0.25 -15.01
N GLU B 389 14.53 1.41 -15.24
CA GLU B 389 15.15 2.69 -14.92
C GLU B 389 14.37 3.41 -13.82
N PRO B 390 14.80 3.35 -12.57
CA PRO B 390 14.23 4.26 -11.57
C PRO B 390 14.53 5.70 -11.93
N VAL B 391 13.57 6.58 -11.67
CA VAL B 391 13.70 8.00 -11.97
C VAL B 391 13.50 8.85 -10.72
N HIS B 392 12.47 8.55 -9.94
CA HIS B 392 12.20 9.27 -8.70
C HIS B 392 12.11 8.27 -7.55
N ILE B 393 13.05 8.36 -6.61
CA ILE B 393 13.06 7.53 -5.43
C ILE B 393 12.77 8.43 -4.23
N LEU B 394 11.73 8.08 -3.48
CA LEU B 394 11.23 8.91 -2.39
C LEU B 394 11.20 8.11 -1.10
N CYS B 395 11.75 8.67 -0.03
CA CYS B 395 11.70 8.06 1.29
C CYS B 395 11.52 9.17 2.32
N HIS B 396 10.31 9.32 2.84
CA HIS B 396 10.02 10.41 3.77
C HIS B 396 10.78 10.24 5.09
N ASN B 397 11.11 9.00 5.47
CA ASN B 397 11.78 8.73 6.72
C ASN B 397 13.24 8.30 6.53
N GLY B 398 13.86 8.70 5.42
CA GLY B 398 15.26 8.39 5.21
C GLY B 398 16.19 9.50 5.66
N ASN B 399 17.46 9.15 5.83
CA ASN B 399 18.49 10.10 6.25
C ASN B 399 19.57 10.19 5.18
N LYS B 400 20.65 10.93 5.51
CA LYS B 400 21.70 11.18 4.52
C LYS B 400 22.51 9.91 4.24
N ARG B 401 22.72 9.06 5.25
CA ARG B 401 23.50 7.85 5.04
C ARG B 401 22.79 6.87 4.12
N TRP B 402 21.48 6.69 4.32
CA TRP B 402 20.71 5.82 3.44
C TRP B 402 20.68 6.38 2.02
N LYS B 403 20.57 7.69 1.89
CA LYS B 403 20.60 8.32 0.57
C LYS B 403 21.96 8.08 -0.10
N LYS B 404 23.05 8.16 0.66
CA LYS B 404 24.37 7.89 0.10
C LYS B 404 24.48 6.44 -0.35
N ALA B 405 23.95 5.52 0.44
CA ALA B 405 23.99 4.10 0.05
C ALA B 405 23.21 3.87 -1.23
N VAL B 406 22.01 4.47 -1.34
CA VAL B 406 21.21 4.29 -2.55
C VAL B 406 21.88 4.95 -3.75
N ASP B 407 22.53 6.10 -3.53
CA ASP B 407 23.27 6.75 -4.61
C ASP B 407 24.43 5.88 -5.09
N ALA B 408 25.14 5.24 -4.16
CA ALA B 408 26.20 4.33 -4.56
C ALA B 408 25.65 3.15 -5.35
N ILE B 409 24.51 2.62 -4.92
CA ILE B 409 23.89 1.51 -5.64
C ILE B 409 23.51 1.94 -7.05
N LEU B 410 22.93 3.14 -7.18
CA LEU B 410 22.55 3.65 -8.50
C LEU B 410 23.77 3.88 -9.38
N ALA B 411 24.84 4.45 -8.82
CA ALA B 411 26.04 4.71 -9.59
C ALA B 411 26.77 3.43 -9.98
N ALA B 412 26.54 2.33 -9.25
CA ALA B 412 27.13 1.05 -9.63
C ALA B 412 26.49 0.46 -10.88
N SER B 413 25.39 1.02 -11.37
CA SER B 413 24.66 0.46 -12.49
C SER B 413 24.44 1.51 -13.56
N PRO B 414 24.40 1.10 -14.84
CA PRO B 414 24.09 2.06 -15.91
C PRO B 414 22.64 2.46 -16.00
N TYR B 415 21.74 1.77 -15.30
CA TYR B 415 20.32 2.10 -15.29
C TYR B 415 19.95 3.11 -14.21
N GLY B 416 20.91 3.58 -13.43
CA GLY B 416 20.65 4.59 -12.44
C GLY B 416 21.13 5.97 -12.85
N LYS B 417 21.40 6.15 -14.15
CA LYS B 417 21.92 7.42 -14.63
C LYS B 417 20.91 8.55 -14.44
N ASN B 418 19.63 8.29 -14.70
CA ASN B 418 18.58 9.30 -14.61
C ASN B 418 17.74 9.11 -13.36
N ALA B 419 18.37 8.73 -12.25
CA ALA B 419 17.69 8.46 -11.00
C ALA B 419 18.14 9.45 -9.93
N THR B 420 17.18 10.05 -9.24
CA THR B 420 17.45 10.96 -8.14
C THR B 420 16.72 10.49 -6.89
N VAL B 421 17.36 10.64 -5.74
CA VAL B 421 16.86 10.15 -4.46
C VAL B 421 16.41 11.35 -3.62
N TYR B 422 15.24 11.24 -3.02
CA TYR B 422 14.67 12.29 -2.19
C TYR B 422 14.41 11.76 -0.79
N ILE B 423 14.81 12.53 0.21
CA ILE B 423 14.56 12.21 1.61
C ILE B 423 13.88 13.41 2.26
N GLY B 424 12.89 13.14 3.10
CA GLY B 424 12.14 14.19 3.77
C GLY B 424 11.02 14.79 2.95
N LYS B 425 10.82 14.35 1.71
CA LYS B 425 9.74 14.85 0.88
C LYS B 425 8.48 14.02 1.08
N ASP B 426 7.37 14.56 0.60
CA ASP B 426 6.06 13.93 0.73
C ASP B 426 5.51 13.61 -0.66
N LEU B 427 4.26 13.15 -0.69
CA LEU B 427 3.65 12.70 -1.94
C LEU B 427 3.21 13.85 -2.84
N TRP B 428 3.05 15.06 -2.30
CA TRP B 428 2.81 16.22 -3.14
C TRP B 428 4.03 16.50 -4.01
N HIS B 429 5.23 16.40 -3.42
CA HIS B 429 6.46 16.50 -4.19
C HIS B 429 6.50 15.43 -5.28
N LEU B 430 6.08 14.21 -4.94
CA LEU B 430 6.08 13.12 -5.92
C LEU B 430 5.09 13.40 -7.06
N ARG B 431 3.93 13.98 -6.75
CA ARG B 431 2.99 14.36 -7.79
C ARG B 431 3.60 15.40 -8.72
N SER B 432 4.28 16.40 -8.14
CA SER B 432 4.96 17.39 -8.97
C SER B 432 6.02 16.72 -9.85
N LEU B 433 6.75 15.76 -9.29
CA LEU B 433 7.79 15.06 -10.05
C LEU B 433 7.19 14.28 -11.21
N VAL B 434 6.15 13.48 -10.94
CA VAL B 434 5.54 12.68 -11.99
C VAL B 434 4.81 13.53 -13.02
N PHE B 435 4.47 14.78 -12.68
CA PHE B 435 3.91 15.67 -13.68
C PHE B 435 5.01 16.32 -14.53
N THR B 436 6.15 16.64 -13.93
CA THR B 436 7.22 17.28 -14.69
C THR B 436 8.07 16.25 -15.43
N ASP B 437 8.57 15.25 -14.72
CA ASP B 437 9.35 14.16 -15.30
C ASP B 437 8.49 12.90 -15.21
N LYS B 438 7.75 12.62 -16.28
CA LYS B 438 6.73 11.58 -16.24
C LYS B 438 7.36 10.20 -16.30
N PRO B 439 7.12 9.33 -15.32
CA PRO B 439 7.53 7.93 -15.42
C PRO B 439 6.41 7.07 -15.99
N ASP B 440 6.76 5.84 -16.35
CA ASP B 440 5.77 4.92 -16.88
C ASP B 440 4.82 4.43 -15.79
N PHE B 441 5.34 4.13 -14.61
CA PHE B 441 4.55 3.54 -13.55
C PHE B 441 5.01 4.05 -12.19
N MET B 442 4.15 3.89 -11.20
CA MET B 442 4.45 4.22 -9.81
C MET B 442 4.27 2.98 -8.95
N ILE B 443 5.25 2.72 -8.08
CA ILE B 443 5.19 1.61 -7.13
C ILE B 443 5.12 2.20 -5.73
N GLY B 444 4.03 1.92 -5.04
CA GLY B 444 3.84 2.46 -3.71
C GLY B 444 2.62 1.90 -3.05
N ASN B 445 2.18 2.59 -1.99
CA ASN B 445 1.02 2.16 -1.23
C ASN B 445 -0.25 2.76 -1.85
N SER B 446 -1.38 2.63 -1.15
CA SER B 446 -2.66 3.05 -1.68
C SER B 446 -2.81 4.55 -1.80
N TYR B 447 -1.90 5.33 -1.23
CA TYR B 447 -2.00 6.78 -1.29
C TYR B 447 -1.65 7.35 -2.66
N GLY B 448 -1.07 6.55 -3.55
CA GLY B 448 -0.75 7.01 -4.89
C GLY B 448 -1.90 6.99 -5.88
N LYS B 449 -3.05 6.45 -5.46
CA LYS B 449 -4.22 6.47 -6.33
C LYS B 449 -4.70 7.89 -6.59
N PHE B 450 -4.49 8.81 -5.65
CA PHE B 450 -4.84 10.20 -5.88
C PHE B 450 -3.90 10.84 -6.90
N ILE B 451 -2.62 10.48 -6.86
CA ILE B 451 -1.68 10.95 -7.88
C ILE B 451 -2.09 10.42 -9.25
N GLN B 452 -2.48 9.15 -9.32
CA GLN B 452 -2.98 8.59 -10.57
C GLN B 452 -4.23 9.33 -11.04
N ARG B 453 -5.12 9.68 -10.11
CA ARG B 453 -6.31 10.45 -10.45
C ARG B 453 -5.95 11.80 -11.05
N ASP B 454 -4.99 12.50 -10.42
CA ASP B 454 -4.56 13.80 -10.95
C ASP B 454 -3.98 13.67 -12.35
N THR B 455 -3.10 12.66 -12.54
CA THR B 455 -2.48 12.47 -13.84
C THR B 455 -3.51 12.14 -14.91
N LEU B 456 -4.51 11.31 -14.56
CA LEU B 456 -5.58 11.04 -15.50
C LEU B 456 -6.38 12.30 -15.81
N HIS B 457 -6.61 13.15 -14.80
CA HIS B 457 -7.33 14.38 -15.04
C HIS B 457 -6.59 15.29 -16.01
N LYS B 458 -5.26 15.29 -15.95
CA LYS B 458 -4.52 16.02 -16.98
C LYS B 458 -4.74 15.41 -18.36
N GLY B 459 -4.75 14.09 -18.46
CA GLY B 459 -4.98 13.43 -19.73
C GLY B 459 -4.68 11.95 -19.71
N LYS B 460 -5.20 11.22 -20.70
CA LYS B 460 -4.92 9.78 -20.80
C LYS B 460 -3.46 9.53 -21.13
N GLU B 461 -2.82 10.43 -21.87
CA GLU B 461 -1.41 10.30 -22.21
C GLU B 461 -0.48 10.73 -21.08
N PHE B 462 -0.99 11.40 -20.05
CA PHE B 462 -0.21 11.74 -18.87
C PHE B 462 -0.49 10.84 -17.68
N GLU B 463 -1.36 9.84 -17.83
CA GLU B 463 -1.72 9.00 -16.70
C GLU B 463 -0.53 8.15 -16.27
N VAL B 464 -0.29 8.11 -14.96
CA VAL B 464 0.76 7.27 -14.38
C VAL B 464 0.10 6.20 -13.52
N PRO B 465 -0.03 4.97 -14.01
CA PRO B 465 -0.70 3.93 -13.22
C PRO B 465 0.09 3.57 -11.97
N LEU B 466 -0.64 3.16 -10.94
CA LEU B 466 -0.05 2.81 -9.66
C LEU B 466 0.01 1.29 -9.51
N ILE B 467 1.18 0.80 -9.13
CA ILE B 467 1.37 -0.61 -8.79
C ILE B 467 1.51 -0.69 -7.27
N ARG B 468 0.63 -1.44 -6.63
CA ARG B 468 0.49 -1.42 -5.18
C ARG B 468 1.43 -2.45 -4.57
N ILE B 469 2.56 -1.98 -4.05
CA ILE B 469 3.51 -2.81 -3.31
C ILE B 469 4.03 -1.95 -2.17
N GLY B 470 3.60 -2.24 -0.95
CA GLY B 470 4.04 -1.49 0.22
C GLY B 470 2.96 -1.48 1.27
N PHE B 471 3.12 -0.56 2.23
CA PHE B 471 2.21 -0.40 3.34
C PHE B 471 1.85 1.07 3.52
N PRO B 472 0.58 1.39 3.75
CA PRO B 472 -0.57 0.48 3.82
C PRO B 472 -1.34 0.39 2.51
N ILE B 473 -1.94 -0.77 2.22
CA ILE B 473 -2.79 -0.97 1.07
C ILE B 473 -4.21 -1.15 1.58
N PHE B 474 -5.10 -0.24 1.19
CA PHE B 474 -6.47 -0.23 1.69
C PHE B 474 -7.51 -0.54 0.62
N ASP B 475 -7.24 -0.23 -0.63
CA ASP B 475 -8.22 -0.36 -1.69
C ASP B 475 -8.19 -1.72 -2.40
N ARG B 476 -7.33 -2.63 -1.96
CA ARG B 476 -7.29 -3.98 -2.50
C ARG B 476 -7.33 -4.98 -1.34
N HIS B 477 -7.82 -6.19 -1.65
CA HIS B 477 -8.04 -7.20 -0.64
C HIS B 477 -6.94 -8.27 -0.69
N HIS B 478 -6.49 -8.69 0.48
CA HIS B 478 -5.61 -9.84 0.66
C HIS B 478 -4.26 -9.67 -0.01
N LEU B 479 -3.79 -8.43 -0.19
CA LEU B 479 -2.46 -8.20 -0.72
C LEU B 479 -1.38 -8.31 0.34
N HIS B 480 -1.75 -8.34 1.62
CA HIS B 480 -0.79 -8.54 2.69
C HIS B 480 -0.28 -9.97 2.78
N ARG B 481 -0.91 -10.90 2.06
CA ARG B 481 -0.51 -12.30 2.05
C ARG B 481 0.59 -12.58 1.03
N SER B 482 1.01 -11.59 0.26
CA SER B 482 2.02 -11.79 -0.77
C SER B 482 3.41 -11.78 -0.13
N THR B 483 4.42 -12.03 -0.97
CA THR B 483 5.79 -12.17 -0.52
C THR B 483 6.66 -11.13 -1.22
N THR B 484 7.55 -10.51 -0.46
CA THR B 484 8.47 -9.53 -0.96
C THR B 484 9.93 -9.97 -0.92
N LEU B 485 10.33 -10.69 0.13
CA LEU B 485 11.71 -11.12 0.30
C LEU B 485 11.99 -12.41 -0.46
N GLY B 486 13.26 -12.63 -0.78
CA GLY B 486 13.71 -13.90 -1.32
C GLY B 486 13.36 -14.08 -2.79
N TYR B 487 13.70 -15.27 -3.29
CA TYR B 487 13.42 -15.59 -4.68
C TYR B 487 11.93 -15.60 -4.96
N GLU B 488 11.13 -16.15 -4.02
CA GLU B 488 9.69 -16.19 -4.22
C GLU B 488 9.11 -14.78 -4.31
N GLY B 489 9.54 -13.89 -3.42
CA GLY B 489 9.09 -12.51 -3.50
C GLY B 489 9.54 -11.83 -4.79
N ALA B 490 10.75 -12.16 -5.25
CA ALA B 490 11.21 -11.62 -6.52
C ALA B 490 10.34 -12.08 -7.69
N MET B 491 9.96 -13.35 -7.70
CA MET B 491 9.04 -13.83 -8.75
C MET B 491 7.71 -13.11 -8.66
N GLN B 492 7.18 -12.92 -7.45
CA GLN B 492 5.90 -12.25 -7.31
C GLN B 492 5.96 -10.82 -7.83
N ILE B 493 7.02 -10.09 -7.46
CA ILE B 493 7.17 -8.70 -7.90
C ILE B 493 7.36 -8.63 -9.41
N LEU B 494 8.17 -9.52 -9.96
CA LEU B 494 8.39 -9.53 -11.41
C LEU B 494 7.09 -9.81 -12.15
N THR B 495 6.31 -10.79 -11.69
CA THR B 495 5.04 -11.09 -12.33
C THR B 495 4.09 -9.91 -12.25
N THR B 496 4.01 -9.27 -11.08
CA THR B 496 3.16 -8.10 -10.93
C THR B 496 3.56 -6.99 -11.90
N LEU B 497 4.87 -6.73 -12.00
CA LEU B 497 5.34 -5.64 -12.87
C LEU B 497 5.05 -5.94 -14.34
N VAL B 498 5.39 -7.15 -14.80
CA VAL B 498 5.21 -7.46 -16.21
C VAL B 498 3.72 -7.48 -16.57
N ASN B 499 2.89 -8.02 -15.67
CA ASN B 499 1.46 -8.04 -15.95
C ASN B 499 0.86 -6.64 -15.91
N SER B 500 1.38 -5.75 -15.07
CA SER B 500 0.92 -4.37 -15.09
C SER B 500 1.28 -3.69 -16.40
N ILE B 501 2.51 -3.90 -16.87
CA ILE B 501 2.91 -3.32 -18.15
C ILE B 501 2.03 -3.84 -19.28
N LEU B 502 1.79 -5.16 -19.30
CA LEU B 502 0.97 -5.74 -20.35
C LEU B 502 -0.49 -5.31 -20.26
N GLU B 503 -1.02 -5.14 -19.05
CA GLU B 503 -2.38 -4.63 -18.89
C GLU B 503 -2.50 -3.20 -19.40
N ARG B 504 -1.52 -2.35 -19.09
CA ARG B 504 -1.54 -0.99 -19.63
C ARG B 504 -1.45 -1.00 -21.15
N LEU B 505 -0.60 -1.85 -21.71
CA LEU B 505 -0.49 -1.95 -23.16
C LEU B 505 -1.80 -2.41 -23.79
N ASP B 506 -2.45 -3.39 -23.17
CA ASP B 506 -3.74 -3.88 -23.68
C ASP B 506 -4.80 -2.79 -23.61
N GLU B 507 -4.81 -2.00 -22.53
CA GLU B 507 -5.76 -0.90 -22.43
C GLU B 507 -5.50 0.14 -23.50
N GLU B 508 -4.23 0.44 -23.77
CA GLU B 508 -3.91 1.47 -24.75
C GLU B 508 -4.20 1.05 -26.18
N THR B 509 -4.38 -0.25 -26.44
CA THR B 509 -4.56 -0.75 -27.80
C THR B 509 -5.91 -1.44 -27.99
N ARG B 510 -6.91 -1.11 -27.20
CA ARG B 510 -8.23 -1.72 -27.33
C ARG B 510 -9.15 -0.94 -28.27
N GLY B 511 -8.71 0.18 -28.81
CA GLY B 511 -9.55 0.97 -29.69
C GLY B 511 -9.69 0.31 -31.05
N MET B 512 -10.93 0.08 -31.49
CA MET B 512 -11.18 -0.61 -32.74
C MET B 512 -10.96 0.32 -33.92
N GLN B 513 -10.24 -0.17 -34.93
CA GLN B 513 -9.95 0.56 -36.17
C GLN B 513 -9.10 1.80 -35.90
N ALA B 514 -8.67 2.00 -34.65
CA ALA B 514 -7.81 3.11 -34.28
C ALA B 514 -6.47 2.66 -33.73
N THR B 515 -6.46 1.78 -32.74
CA THR B 515 -5.22 1.31 -32.13
C THR B 515 -5.19 -0.20 -31.94
N ASP B 516 -6.15 -0.94 -32.51
CA ASP B 516 -6.21 -2.37 -32.30
C ASP B 516 -5.24 -3.15 -33.19
N TYR B 517 -4.49 -2.47 -34.06
CA TYR B 517 -3.48 -3.16 -34.85
C TYR B 517 -2.38 -3.73 -33.97
N ASN B 518 -2.24 -3.25 -32.74
CA ASN B 518 -1.27 -3.77 -31.78
C ASN B 518 -1.93 -4.52 -30.63
N HIS B 519 -3.16 -4.97 -30.82
CA HIS B 519 -3.86 -5.78 -29.82
C HIS B 519 -3.53 -7.25 -30.04
N ASP B 520 -2.25 -7.58 -29.88
CA ASP B 520 -1.75 -8.90 -30.20
C ASP B 520 -2.25 -9.94 -29.20
N LEU B 521 -2.55 -11.13 -29.71
CA LEU B 521 -2.93 -12.24 -28.85
C LEU B 521 -1.76 -12.69 -27.99
N VAL B 522 -0.56 -12.71 -28.56
CA VAL B 522 0.65 -13.20 -27.89
C VAL B 522 1.51 -12.02 -27.51
N ARG B 523 1.89 -11.95 -26.24
CA ARG B 523 2.78 -10.90 -25.75
C ARG B 523 3.98 -11.50 -25.03
N ARG C 6 37.89 -23.13 -42.27
CA ARG C 6 37.25 -24.09 -43.16
C ARG C 6 37.39 -25.50 -42.60
N GLU C 7 38.63 -25.88 -42.29
CA GLU C 7 38.86 -27.19 -41.66
C GLU C 7 38.14 -27.28 -40.32
N GLU C 8 38.09 -26.17 -39.57
CA GLU C 8 37.41 -26.18 -38.28
C GLU C 8 35.93 -26.54 -38.44
N VAL C 9 35.22 -25.81 -39.32
CA VAL C 9 33.80 -26.05 -39.49
C VAL C 9 33.55 -27.42 -40.12
N GLU C 10 34.41 -27.86 -41.03
CA GLU C 10 34.27 -29.21 -41.58
C GLU C 10 34.39 -30.27 -40.49
N SER C 11 35.37 -30.12 -39.61
CA SER C 11 35.51 -31.06 -38.50
C SER C 11 34.32 -30.99 -37.56
N LEU C 12 33.76 -29.80 -37.32
CA LEU C 12 32.57 -29.69 -36.48
C LEU C 12 31.39 -30.42 -37.12
N ILE C 13 31.22 -30.28 -38.43
CA ILE C 13 30.14 -30.98 -39.13
C ILE C 13 30.32 -32.48 -39.00
N GLN C 14 31.55 -32.96 -39.21
CA GLN C 14 31.81 -34.40 -39.07
C GLN C 14 31.55 -34.90 -37.66
N GLU C 15 31.97 -34.11 -36.65
CA GLU C 15 31.74 -34.50 -35.26
C GLU C 15 30.26 -34.55 -34.93
N VAL C 16 29.50 -33.57 -35.41
CA VAL C 16 28.06 -33.56 -35.17
C VAL C 16 27.39 -34.75 -35.84
N LEU C 17 27.81 -35.07 -37.07
CA LEU C 17 27.27 -36.22 -37.79
C LEU C 17 27.91 -37.51 -37.27
N GLU C 18 27.56 -37.84 -36.03
CA GLU C 18 28.08 -39.04 -35.39
C GLU C 18 27.02 -39.79 -34.58
N VAL C 19 25.77 -39.37 -34.63
CA VAL C 19 24.71 -40.03 -33.89
C VAL C 19 23.78 -40.86 -34.78
N TYR C 20 23.73 -40.56 -36.09
CA TYR C 20 22.97 -41.37 -37.03
C TYR C 20 23.93 -42.34 -37.71
N PRO C 21 23.67 -43.66 -37.66
CA PRO C 21 24.67 -44.61 -38.17
C PRO C 21 24.96 -44.49 -39.67
N GLU C 22 23.97 -44.72 -40.52
CA GLU C 22 24.19 -44.64 -41.97
C GLU C 22 23.23 -43.68 -42.67
N LYS C 23 21.92 -43.87 -42.54
CA LYS C 23 20.97 -43.26 -43.47
C LYS C 23 20.71 -41.80 -43.14
N ALA C 24 20.31 -41.51 -41.91
CA ALA C 24 20.08 -40.12 -41.52
C ALA C 24 21.37 -39.32 -41.59
N ARG C 25 22.50 -39.95 -41.26
CA ARG C 25 23.79 -39.25 -41.38
C ARG C 25 24.09 -38.89 -42.83
N LYS C 26 23.88 -39.84 -43.75
CA LYS C 26 24.11 -39.55 -45.16
C LYS C 26 23.18 -38.45 -45.66
N ASP C 27 21.90 -38.50 -45.24
CA ASP C 27 20.96 -37.48 -45.67
C ASP C 27 21.34 -36.10 -45.13
N ARG C 28 21.74 -36.02 -43.85
CA ARG C 28 22.06 -34.74 -43.24
C ARG C 28 23.40 -34.19 -43.72
N ASN C 29 24.32 -35.05 -44.17
CA ASN C 29 25.60 -34.57 -44.67
C ASN C 29 25.44 -33.69 -45.90
N LYS C 30 24.39 -33.89 -46.69
CA LYS C 30 24.12 -33.07 -47.86
C LYS C 30 23.39 -31.79 -47.53
N HIS C 31 22.92 -31.62 -46.29
CA HIS C 31 22.20 -30.43 -45.88
C HIS C 31 23.09 -29.46 -45.09
N LEU C 32 24.38 -29.76 -44.97
CA LEU C 32 25.33 -28.89 -44.27
C LEU C 32 26.50 -28.59 -45.20
N ALA C 33 26.85 -27.32 -45.31
CA ALA C 33 27.91 -26.89 -46.22
C ALA C 33 28.66 -25.72 -45.62
N VAL C 34 29.91 -25.54 -46.06
CA VAL C 34 30.74 -24.42 -45.64
C VAL C 34 30.56 -23.29 -46.64
N ASN C 35 30.35 -22.08 -46.13
CA ASN C 35 30.07 -20.94 -46.99
C ASN C 35 31.28 -20.62 -47.87
N ASP C 36 31.05 -20.56 -49.18
CA ASP C 36 32.07 -20.19 -50.16
C ASP C 36 31.58 -18.99 -50.95
N PRO C 37 32.04 -17.78 -50.64
CA PRO C 37 31.55 -16.61 -51.39
C PRO C 37 31.83 -16.66 -52.88
N ALA C 38 32.95 -17.25 -53.29
CA ALA C 38 33.27 -17.35 -54.71
C ALA C 38 32.35 -18.32 -55.45
N VAL C 39 31.78 -19.29 -54.75
CA VAL C 39 30.92 -20.29 -55.38
C VAL C 39 29.57 -19.65 -55.67
N THR C 40 29.12 -19.76 -56.93
CA THR C 40 27.84 -19.21 -57.35
C THR C 40 26.78 -20.28 -57.57
N GLN C 41 27.13 -21.56 -57.50
CA GLN C 41 26.18 -22.66 -57.68
C GLN C 41 26.10 -23.43 -56.38
N SER C 42 24.99 -23.27 -55.65
CA SER C 42 24.82 -23.93 -54.37
C SER C 42 24.59 -25.44 -54.52
N LYS C 43 24.20 -25.90 -55.72
CA LYS C 43 23.94 -27.32 -55.91
C LYS C 43 25.19 -28.17 -55.70
N LYS C 44 26.38 -27.58 -55.88
CA LYS C 44 27.62 -28.28 -55.64
C LYS C 44 28.08 -28.19 -54.19
N CYS C 45 27.36 -27.45 -53.35
CA CYS C 45 27.71 -27.29 -51.94
C CYS C 45 26.63 -27.81 -51.00
N ILE C 46 25.37 -27.42 -51.21
CA ILE C 46 24.27 -27.81 -50.33
C ILE C 46 23.08 -28.26 -51.17
N ILE C 47 22.18 -29.02 -50.55
CA ILE C 47 20.98 -29.52 -51.19
C ILE C 47 19.78 -29.09 -50.35
N SER C 48 18.78 -28.50 -51.01
CA SER C 48 17.61 -27.97 -50.33
C SER C 48 16.35 -28.60 -50.93
N ASN C 49 15.20 -28.25 -50.33
CA ASN C 49 13.89 -28.72 -50.79
C ASN C 49 13.81 -30.24 -50.84
N LYS C 50 14.29 -30.88 -49.79
CA LYS C 50 14.25 -32.33 -49.65
C LYS C 50 13.37 -32.73 -48.47
N LYS C 51 12.97 -33.99 -48.46
CA LYS C 51 12.12 -34.51 -47.40
C LYS C 51 12.86 -34.53 -46.07
N SER C 52 12.14 -34.22 -44.99
CA SER C 52 12.73 -34.18 -43.66
C SER C 52 12.93 -35.59 -43.12
N GLN C 53 13.92 -35.73 -42.26
CA GLN C 53 14.21 -37.03 -41.65
C GLN C 53 13.22 -37.30 -40.52
N PRO C 54 12.59 -38.48 -40.51
CA PRO C 54 11.60 -38.77 -39.47
C PRO C 54 12.22 -38.85 -38.09
N GLY C 55 11.42 -38.46 -37.09
CA GLY C 55 11.84 -38.58 -35.70
C GLY C 55 13.09 -37.80 -35.36
N LEU C 56 13.23 -36.59 -35.89
CA LEU C 56 14.43 -35.79 -35.66
C LEU C 56 14.13 -34.38 -35.14
N MET C 57 12.91 -34.11 -34.70
CA MET C 57 12.55 -32.85 -34.05
C MET C 57 12.78 -31.65 -34.98
N THR C 58 12.05 -31.67 -36.09
CA THR C 58 12.14 -30.59 -37.07
C THR C 58 11.30 -29.40 -36.62
N ILE C 59 11.59 -28.24 -37.24
CA ILE C 59 10.89 -27.00 -36.96
C ILE C 59 10.04 -26.55 -38.13
N ARG C 60 9.97 -27.33 -39.21
CA ARG C 60 9.20 -26.95 -40.37
C ARG C 60 7.70 -27.03 -40.09
N GLY C 61 6.93 -26.31 -40.91
CA GLY C 61 5.49 -26.31 -40.88
C GLY C 61 4.89 -27.21 -41.92
N CYS C 62 3.68 -26.87 -42.35
CA CYS C 62 2.97 -27.62 -43.37
C CYS C 62 2.52 -26.67 -44.47
N ALA C 63 2.00 -27.26 -45.55
CA ALA C 63 1.47 -26.45 -46.64
C ALA C 63 0.28 -25.62 -46.20
N TYR C 64 -0.53 -26.15 -45.28
CA TYR C 64 -1.63 -25.36 -44.72
C TYR C 64 -1.11 -24.12 -44.01
N ALA C 65 -0.02 -24.26 -43.25
CA ALA C 65 0.57 -23.09 -42.62
C ALA C 65 1.02 -22.08 -43.67
N GLY C 66 1.85 -22.52 -44.62
CA GLY C 66 2.37 -21.65 -45.64
C GLY C 66 1.32 -21.00 -46.50
N SER C 67 0.12 -21.59 -46.58
CA SER C 67 -0.95 -20.94 -47.32
C SER C 67 -1.76 -20.01 -46.42
N LYS C 68 -2.43 -20.58 -45.41
CA LYS C 68 -3.35 -19.79 -44.59
C LYS C 68 -2.63 -18.72 -43.80
N GLY C 69 -1.60 -19.10 -43.02
CA GLY C 69 -0.99 -18.12 -42.15
C GLY C 69 -0.06 -17.14 -42.84
N VAL C 70 0.23 -17.35 -44.13
CA VAL C 70 1.18 -16.51 -44.84
C VAL C 70 0.50 -15.73 -45.96
N VAL C 71 -0.07 -16.44 -46.93
CA VAL C 71 -0.48 -15.79 -48.17
C VAL C 71 -1.94 -15.34 -48.12
N TRP C 72 -2.84 -16.17 -47.61
CA TRP C 72 -4.26 -15.86 -47.64
C TRP C 72 -4.77 -15.17 -46.38
N GLY C 73 -4.30 -15.59 -45.20
CA GLY C 73 -4.77 -15.05 -43.95
C GLY C 73 -4.67 -13.55 -43.76
N PRO C 74 -3.56 -12.91 -44.13
CA PRO C 74 -3.45 -11.46 -43.93
C PRO C 74 -4.49 -10.64 -44.67
N ILE C 75 -5.10 -11.17 -45.72
CA ILE C 75 -6.14 -10.42 -46.43
C ILE C 75 -7.30 -10.18 -45.47
N LYS C 76 -7.67 -8.91 -45.30
CA LYS C 76 -8.56 -8.53 -44.21
C LYS C 76 -10.04 -8.56 -44.59
N ASP C 77 -10.39 -8.33 -45.85
CA ASP C 77 -11.79 -8.32 -46.25
C ASP C 77 -12.30 -9.70 -46.65
N MET C 78 -11.45 -10.71 -46.62
CA MET C 78 -11.85 -12.08 -46.89
C MET C 78 -12.18 -12.83 -45.60
N ILE C 79 -12.93 -13.91 -45.75
CA ILE C 79 -13.17 -14.87 -44.68
C ILE C 79 -12.55 -16.18 -45.11
N HIS C 80 -11.61 -16.69 -44.29
CA HIS C 80 -10.84 -17.87 -44.64
C HIS C 80 -11.32 -19.05 -43.81
N ILE C 81 -11.87 -20.05 -44.48
CA ILE C 81 -12.46 -21.21 -43.82
C ILE C 81 -11.38 -22.28 -43.67
N SER C 82 -11.16 -22.73 -42.43
CA SER C 82 -10.27 -23.86 -42.16
C SER C 82 -11.11 -25.13 -42.27
N HIS C 83 -11.03 -25.79 -43.42
CA HIS C 83 -11.86 -26.95 -43.70
C HIS C 83 -11.23 -28.19 -43.05
N GLY C 84 -11.92 -28.76 -42.06
CA GLY C 84 -11.43 -29.91 -41.34
C GLY C 84 -11.65 -29.77 -39.85
N PRO C 85 -10.86 -30.49 -39.06
CA PRO C 85 -10.98 -30.40 -37.59
C PRO C 85 -10.60 -29.01 -37.09
N VAL C 86 -10.84 -28.83 -35.79
CA VAL C 86 -10.58 -27.52 -35.16
C VAL C 86 -9.10 -27.21 -35.09
N GLY C 87 -8.26 -28.17 -34.79
CA GLY C 87 -6.81 -27.99 -34.56
C GLY C 87 -6.07 -26.91 -35.32
N CYS C 88 -5.92 -26.99 -36.62
CA CYS C 88 -5.07 -26.05 -37.37
C CYS C 88 -5.52 -24.63 -37.16
N GLY C 89 -6.80 -24.38 -37.34
CA GLY C 89 -7.26 -23.01 -37.22
C GLY C 89 -6.98 -22.52 -35.82
N GLN C 90 -7.25 -23.35 -34.82
CA GLN C 90 -7.00 -22.96 -33.42
C GLN C 90 -5.54 -22.60 -33.21
N TYR C 91 -4.62 -23.46 -33.63
CA TYR C 91 -3.20 -23.18 -33.36
C TYR C 91 -2.65 -22.05 -34.23
N SER C 92 -3.37 -21.67 -35.28
CA SER C 92 -2.93 -20.61 -36.17
C SER C 92 -3.75 -19.33 -36.03
N ARG C 93 -4.66 -19.28 -35.07
CA ARG C 93 -5.46 -18.07 -34.87
C ARG C 93 -4.61 -16.96 -34.27
N ALA C 94 -4.41 -15.89 -35.05
CA ALA C 94 -3.70 -14.68 -34.61
C ALA C 94 -2.29 -14.98 -34.12
N GLY C 95 -1.73 -16.13 -34.53
CA GLY C 95 -0.37 -16.46 -34.13
C GLY C 95 0.69 -15.68 -34.88
N ARG C 96 0.32 -15.06 -36.00
CA ARG C 96 1.25 -14.27 -36.80
C ARG C 96 0.83 -12.81 -36.77
N ARG C 97 1.81 -11.92 -36.66
CA ARG C 97 1.56 -10.50 -36.45
C ARG C 97 1.46 -9.72 -37.76
N ASN C 98 0.58 -10.16 -38.65
CA ASN C 98 0.30 -9.43 -39.89
C ASN C 98 -0.68 -8.30 -39.57
N TYR C 99 -0.15 -7.09 -39.38
CA TYR C 99 -0.97 -5.99 -38.91
C TYR C 99 -1.91 -5.49 -40.00
N TYR C 100 -3.04 -4.93 -39.57
CA TYR C 100 -4.07 -4.46 -40.49
C TYR C 100 -4.88 -3.38 -39.79
N ILE C 101 -5.66 -2.65 -40.58
CA ILE C 101 -6.58 -1.63 -40.08
C ILE C 101 -7.99 -2.01 -40.52
N GLY C 102 -8.90 -2.10 -39.56
CA GLY C 102 -10.27 -2.44 -39.87
C GLY C 102 -11.02 -2.80 -38.61
N THR C 103 -12.31 -3.06 -38.78
CA THR C 103 -13.18 -3.47 -37.69
C THR C 103 -13.31 -4.99 -37.74
N THR C 104 -12.72 -5.66 -36.74
CA THR C 104 -12.74 -7.12 -36.72
C THR C 104 -14.14 -7.63 -36.46
N GLY C 105 -14.54 -8.64 -37.22
CA GLY C 105 -15.87 -9.21 -37.12
C GLY C 105 -16.94 -8.46 -37.87
N VAL C 106 -16.60 -7.36 -38.53
CA VAL C 106 -17.57 -6.59 -39.32
C VAL C 106 -17.09 -6.51 -40.76
N ASN C 107 -15.91 -5.91 -40.96
CA ASN C 107 -15.31 -5.84 -42.28
C ASN C 107 -13.89 -6.39 -42.31
N ALA C 108 -13.37 -6.85 -41.17
CA ALA C 108 -12.05 -7.46 -41.08
C ALA C 108 -12.18 -8.78 -40.34
N PHE C 109 -11.46 -9.79 -40.81
CA PHE C 109 -11.59 -11.14 -40.27
C PHE C 109 -10.24 -11.85 -40.15
N VAL C 110 -9.17 -11.10 -39.91
CA VAL C 110 -7.83 -11.70 -39.88
C VAL C 110 -7.63 -12.54 -38.63
N THR C 111 -7.96 -11.99 -37.47
CA THR C 111 -7.71 -12.67 -36.20
C THR C 111 -8.82 -13.65 -35.84
N MET C 112 -9.83 -13.78 -36.67
CA MET C 112 -10.91 -14.74 -36.46
C MET C 112 -10.50 -16.11 -36.96
N ASN C 113 -11.13 -17.14 -36.38
CA ASN C 113 -10.92 -18.52 -36.80
C ASN C 113 -12.26 -19.07 -37.29
N PHE C 114 -12.39 -19.23 -38.59
CA PHE C 114 -13.57 -19.83 -39.21
C PHE C 114 -13.24 -21.27 -39.60
N THR C 115 -13.99 -22.22 -39.04
CA THR C 115 -13.74 -23.63 -39.30
C THR C 115 -15.06 -24.35 -39.45
N SER C 116 -15.01 -25.48 -40.14
CA SER C 116 -16.16 -26.36 -40.28
C SER C 116 -16.31 -27.34 -39.13
N ASP C 117 -15.26 -27.53 -38.33
CA ASP C 117 -15.28 -28.39 -37.15
C ASP C 117 -15.75 -29.80 -37.51
N PHE C 118 -14.95 -30.47 -38.31
CA PHE C 118 -15.28 -31.83 -38.75
C PHE C 118 -15.34 -32.80 -37.58
N GLN C 119 -16.38 -33.63 -37.59
CA GLN C 119 -16.54 -34.75 -36.68
C GLN C 119 -16.37 -36.05 -37.45
N GLU C 120 -16.61 -37.18 -36.78
CA GLU C 120 -16.44 -38.48 -37.42
C GLU C 120 -17.42 -38.68 -38.56
N LYS C 121 -18.65 -38.17 -38.41
CA LYS C 121 -19.64 -38.32 -39.47
C LYS C 121 -19.21 -37.60 -40.74
N ASP C 122 -18.61 -36.42 -40.60
CA ASP C 122 -18.13 -35.69 -41.78
C ASP C 122 -16.94 -36.39 -42.44
N ILE C 123 -16.11 -37.07 -41.64
CA ILE C 123 -15.02 -37.85 -42.22
C ILE C 123 -15.56 -39.05 -42.98
N VAL C 124 -16.57 -39.73 -42.41
CA VAL C 124 -17.10 -40.94 -43.05
C VAL C 124 -17.88 -40.59 -44.31
N PHE C 125 -18.73 -39.58 -44.24
CA PHE C 125 -19.69 -39.29 -45.32
C PHE C 125 -19.34 -38.08 -46.15
N GLY C 126 -18.23 -37.40 -45.87
CA GLY C 126 -17.86 -36.21 -46.60
C GLY C 126 -18.44 -34.94 -46.00
N GLY C 127 -17.95 -33.81 -46.50
CA GLY C 127 -18.37 -32.52 -45.97
C GLY C 127 -18.63 -31.45 -47.00
N ASP C 128 -19.08 -31.85 -48.20
CA ASP C 128 -19.40 -30.87 -49.23
C ASP C 128 -20.69 -30.12 -48.90
N LYS C 129 -21.73 -30.86 -48.46
CA LYS C 129 -22.97 -30.21 -48.05
C LYS C 129 -22.75 -29.32 -46.84
N LYS C 130 -21.93 -29.78 -45.89
CA LYS C 130 -21.55 -28.94 -44.77
C LYS C 130 -20.82 -27.70 -45.25
N LEU C 131 -19.98 -27.83 -46.28
CA LEU C 131 -19.28 -26.67 -46.83
C LEU C 131 -20.27 -25.65 -47.40
N ALA C 132 -21.27 -26.14 -48.15
CA ALA C 132 -22.26 -25.23 -48.72
C ALA C 132 -23.07 -24.53 -47.62
N LYS C 133 -23.50 -25.30 -46.60
CA LYS C 133 -24.25 -24.69 -45.52
C LYS C 133 -23.41 -23.71 -44.72
N LEU C 134 -22.12 -24.01 -44.54
CA LEU C 134 -21.21 -23.09 -43.88
C LEU C 134 -21.06 -21.80 -44.68
N ILE C 135 -20.98 -21.91 -46.01
CA ILE C 135 -20.90 -20.72 -46.84
C ILE C 135 -22.16 -19.88 -46.69
N ASP C 136 -23.32 -20.53 -46.68
CA ASP C 136 -24.57 -19.81 -46.46
C ASP C 136 -24.58 -19.10 -45.12
N GLU C 137 -24.16 -19.80 -44.06
CA GLU C 137 -24.14 -19.20 -42.73
C GLU C 137 -23.17 -18.01 -42.67
N VAL C 138 -22.01 -18.16 -43.30
CA VAL C 138 -21.03 -17.07 -43.35
C VAL C 138 -21.64 -15.85 -44.03
N GLU C 139 -22.37 -16.07 -45.12
CA GLU C 139 -22.97 -14.94 -45.83
C GLU C 139 -24.07 -14.27 -45.01
N THR C 140 -24.92 -15.06 -44.34
CA THR C 140 -25.97 -14.42 -43.55
C THR C 140 -25.45 -13.77 -42.27
N LEU C 141 -24.32 -14.21 -41.73
CA LEU C 141 -23.81 -13.64 -40.49
C LEU C 141 -22.73 -12.58 -40.69
N PHE C 142 -22.08 -12.53 -41.84
CA PHE C 142 -21.02 -11.57 -42.12
C PHE C 142 -21.25 -10.97 -43.50
N PRO C 143 -22.27 -10.10 -43.63
CA PRO C 143 -22.63 -9.60 -44.97
C PRO C 143 -21.58 -8.70 -45.61
N LEU C 144 -20.66 -8.13 -44.84
CA LEU C 144 -19.70 -7.18 -45.38
C LEU C 144 -18.43 -7.83 -45.92
N ASN C 145 -18.33 -9.15 -45.86
CA ASN C 145 -17.16 -9.83 -46.42
C ASN C 145 -17.12 -9.66 -47.94
N LYS C 146 -15.91 -9.58 -48.47
CA LYS C 146 -15.70 -9.39 -49.90
C LYS C 146 -15.29 -10.68 -50.60
N GLY C 147 -15.45 -11.82 -49.95
CA GLY C 147 -15.13 -13.10 -50.54
C GLY C 147 -14.79 -14.13 -49.49
N ILE C 148 -14.72 -15.38 -49.94
CA ILE C 148 -14.44 -16.51 -49.06
C ILE C 148 -13.31 -17.33 -49.68
N SER C 149 -12.35 -17.72 -48.85
CA SER C 149 -11.27 -18.62 -49.25
C SER C 149 -11.38 -19.90 -48.43
N VAL C 150 -11.43 -21.03 -49.11
CA VAL C 150 -11.54 -22.33 -48.45
C VAL C 150 -10.14 -22.91 -48.28
N GLN C 151 -9.66 -22.96 -47.04
CA GLN C 151 -8.38 -23.57 -46.73
C GLN C 151 -8.64 -24.98 -46.22
N SER C 152 -8.03 -25.96 -46.88
CA SER C 152 -8.35 -27.37 -46.68
C SER C 152 -7.24 -28.05 -45.91
N GLU C 153 -7.60 -28.69 -44.82
CA GLU C 153 -6.61 -29.34 -43.94
C GLU C 153 -6.40 -30.77 -44.43
N CYS C 154 -5.63 -31.56 -43.72
CA CYS C 154 -5.24 -32.90 -44.23
C CYS C 154 -6.46 -33.71 -44.62
N PRO C 155 -7.30 -34.17 -43.69
CA PRO C 155 -8.40 -35.02 -44.02
C PRO C 155 -9.10 -34.70 -45.35
N ILE C 156 -9.21 -33.46 -45.74
CA ILE C 156 -10.01 -33.06 -46.93
C ILE C 156 -9.37 -33.62 -48.18
N GLY C 157 -8.06 -33.53 -48.27
CA GLY C 157 -7.38 -34.20 -49.37
C GLY C 157 -7.48 -35.71 -49.29
N LEU C 158 -7.47 -36.26 -48.08
CA LEU C 158 -7.41 -37.71 -47.95
C LEU C 158 -8.76 -38.37 -48.27
N ILE C 159 -9.86 -37.80 -47.78
CA ILE C 159 -11.17 -38.45 -47.92
C ILE C 159 -11.86 -38.12 -49.24
N GLY C 160 -11.18 -37.42 -50.15
CA GLY C 160 -11.76 -37.12 -51.44
C GLY C 160 -12.93 -36.16 -51.43
N ASP C 161 -12.88 -35.13 -50.59
CA ASP C 161 -13.87 -34.07 -50.65
C ASP C 161 -13.63 -33.22 -51.89
N ASP C 162 -14.72 -32.83 -52.55
CA ASP C 162 -14.66 -32.05 -53.78
C ASP C 162 -15.14 -30.64 -53.42
N ILE C 163 -14.19 -29.73 -53.23
CA ILE C 163 -14.51 -28.37 -52.83
C ILE C 163 -14.49 -27.38 -53.99
N GLU C 164 -13.85 -27.73 -55.12
CA GLU C 164 -13.87 -26.85 -56.28
C GLU C 164 -15.28 -26.66 -56.82
N SER C 165 -16.04 -27.76 -56.93
CA SER C 165 -17.40 -27.65 -57.45
C SER C 165 -18.29 -26.87 -56.49
N VAL C 166 -18.13 -27.10 -55.18
CA VAL C 166 -18.91 -26.35 -54.20
C VAL C 166 -18.59 -24.86 -54.30
N SER C 167 -17.30 -24.53 -54.40
CA SER C 167 -16.90 -23.14 -54.54
C SER C 167 -17.51 -22.52 -55.79
N LYS C 168 -17.44 -23.23 -56.91
CA LYS C 168 -18.00 -22.71 -58.16
C LYS C 168 -19.49 -22.47 -58.06
N VAL C 169 -20.23 -23.46 -57.54
CA VAL C 169 -21.68 -23.35 -57.46
C VAL C 169 -22.08 -22.22 -56.52
N LYS C 170 -21.47 -22.16 -55.34
CA LYS C 170 -21.84 -21.11 -54.39
C LYS C 170 -21.43 -19.73 -54.88
N GLY C 171 -20.30 -19.61 -55.57
CA GLY C 171 -19.92 -18.33 -56.13
C GLY C 171 -20.85 -17.87 -57.24
N ALA C 172 -21.28 -18.81 -58.09
CA ALA C 172 -22.25 -18.46 -59.12
C ALA C 172 -23.58 -18.06 -58.51
N GLU C 173 -24.02 -18.76 -57.47
CA GLU C 173 -25.30 -18.44 -56.84
C GLU C 173 -25.25 -17.09 -56.13
N LEU C 174 -24.17 -16.84 -55.38
CA LEU C 174 -24.07 -15.67 -54.52
C LEU C 174 -23.34 -14.50 -55.15
N SER C 175 -22.83 -14.67 -56.38
CA SER C 175 -22.06 -13.63 -57.06
C SER C 175 -20.88 -13.16 -56.20
N LYS C 176 -20.25 -14.11 -55.52
CA LYS C 176 -19.18 -13.82 -54.58
C LYS C 176 -17.96 -14.67 -54.91
N THR C 177 -16.78 -14.06 -54.80
CA THR C 177 -15.54 -14.78 -55.06
C THR C 177 -15.31 -15.84 -53.98
N ILE C 178 -15.23 -17.09 -54.39
CA ILE C 178 -14.92 -18.19 -53.49
C ILE C 178 -13.71 -18.93 -54.06
N VAL C 179 -12.64 -18.98 -53.29
CA VAL C 179 -11.35 -19.49 -53.75
C VAL C 179 -11.08 -20.80 -53.03
N PRO C 180 -11.14 -21.95 -53.72
CA PRO C 180 -10.75 -23.22 -53.10
C PRO C 180 -9.23 -23.41 -53.18
N VAL C 181 -8.62 -23.65 -52.02
CA VAL C 181 -7.18 -23.85 -51.93
C VAL C 181 -6.92 -25.25 -51.38
N ARG C 182 -6.11 -26.03 -52.09
CA ARG C 182 -5.78 -27.39 -51.69
C ARG C 182 -4.39 -27.36 -51.06
N CYS C 183 -4.35 -27.10 -49.76
CA CYS C 183 -3.09 -26.93 -49.04
C CYS C 183 -2.95 -27.96 -47.92
N GLU C 184 -3.19 -29.23 -48.25
CA GLU C 184 -3.08 -30.30 -47.27
C GLU C 184 -1.70 -30.32 -46.63
N GLY C 185 -1.67 -30.66 -45.33
CA GLY C 185 -0.41 -30.65 -44.61
C GLY C 185 0.59 -31.66 -45.14
N PHE C 186 0.13 -32.85 -45.49
CA PHE C 186 1.02 -33.88 -46.01
C PHE C 186 1.60 -33.52 -47.37
N ARG C 187 0.93 -32.64 -48.13
CA ARG C 187 1.46 -32.22 -49.41
C ARG C 187 2.75 -31.43 -49.22
N GLY C 188 3.78 -31.79 -49.97
CA GLY C 188 5.06 -31.13 -49.84
C GLY C 188 5.78 -31.55 -48.57
N VAL C 189 6.86 -30.82 -48.28
CA VAL C 189 7.67 -31.07 -47.10
C VAL C 189 7.73 -29.88 -46.15
N SER C 190 7.27 -28.70 -46.58
CA SER C 190 7.40 -27.49 -45.78
C SER C 190 6.39 -26.46 -46.30
N GLN C 191 6.56 -25.21 -45.86
CA GLN C 191 5.62 -24.16 -46.20
C GLN C 191 5.78 -23.67 -47.65
N SER C 192 6.89 -23.99 -48.31
CA SER C 192 7.12 -23.46 -49.66
C SER C 192 6.08 -23.98 -50.64
N LEU C 193 5.74 -25.26 -50.55
CA LEU C 193 4.69 -25.81 -51.42
C LEU C 193 3.35 -25.18 -51.12
N GLY C 194 3.09 -24.84 -49.86
CA GLY C 194 1.88 -24.10 -49.53
C GLY C 194 1.86 -22.72 -50.15
N HIS C 195 3.01 -22.04 -50.14
CA HIS C 195 3.11 -20.75 -50.83
C HIS C 195 2.80 -20.91 -52.31
N HIS C 196 3.37 -21.95 -52.94
CA HIS C 196 3.12 -22.16 -54.36
C HIS C 196 1.65 -22.42 -54.64
N ILE C 197 1.01 -23.25 -53.82
CA ILE C 197 -0.41 -23.55 -54.01
C ILE C 197 -1.26 -22.29 -53.82
N ALA C 198 -0.95 -21.50 -52.79
CA ALA C 198 -1.72 -20.28 -52.54
C ALA C 198 -1.56 -19.29 -53.69
N ASN C 199 -0.34 -19.15 -54.22
CA ASN C 199 -0.13 -18.24 -55.34
C ASN C 199 -0.83 -18.74 -56.60
N ASP C 200 -0.84 -20.06 -56.81
CA ASP C 200 -1.60 -20.61 -57.93
C ASP C 200 -3.09 -20.32 -57.78
N ALA C 201 -3.61 -20.43 -56.55
CA ALA C 201 -5.01 -20.10 -56.31
C ALA C 201 -5.28 -18.63 -56.60
N VAL C 202 -4.36 -17.75 -56.17
CA VAL C 202 -4.51 -16.32 -56.46
C VAL C 202 -4.60 -16.09 -57.96
N ARG C 203 -3.65 -16.66 -58.71
CA ARG C 203 -3.62 -16.47 -60.15
C ARG C 203 -4.87 -17.03 -60.82
N ASP C 204 -5.34 -18.19 -60.37
CA ASP C 204 -6.48 -18.83 -61.02
C ASP C 204 -7.80 -18.16 -60.69
N TRP C 205 -7.92 -17.52 -59.53
CA TRP C 205 -9.24 -17.07 -59.13
C TRP C 205 -9.38 -15.56 -58.99
N VAL C 206 -8.41 -14.86 -58.42
CA VAL C 206 -8.60 -13.46 -58.01
C VAL C 206 -7.91 -12.49 -58.97
N LEU C 207 -6.67 -12.78 -59.35
CA LEU C 207 -5.87 -11.81 -60.08
C LEU C 207 -6.45 -11.44 -61.45
N GLY C 208 -7.37 -12.26 -61.98
CA GLY C 208 -7.88 -12.01 -63.31
C GLY C 208 -9.34 -11.61 -63.36
N LYS C 209 -9.78 -10.75 -62.44
CA LYS C 209 -11.17 -10.29 -62.44
C LYS C 209 -11.35 -8.93 -63.07
N ARG C 210 -10.28 -8.28 -63.54
CA ARG C 210 -10.36 -6.92 -64.06
C ARG C 210 -9.57 -6.75 -65.36
N ASP C 211 -9.31 -7.83 -66.08
CA ASP C 211 -8.61 -7.71 -67.35
C ASP C 211 -9.44 -6.92 -68.36
N GLU C 212 -10.73 -7.19 -68.44
CA GLU C 212 -11.65 -6.45 -69.30
C GLU C 212 -12.30 -5.31 -68.53
N ASP C 213 -11.44 -4.49 -67.92
CA ASP C 213 -11.90 -3.38 -67.10
C ASP C 213 -10.82 -2.31 -67.09
N THR C 214 -11.10 -1.17 -67.72
CA THR C 214 -10.16 -0.07 -67.83
C THR C 214 -10.66 1.19 -67.14
N THR C 215 -11.46 1.02 -66.08
CA THR C 215 -12.00 2.17 -65.36
C THR C 215 -11.03 2.77 -64.36
N PHE C 216 -9.92 2.10 -64.06
CA PHE C 216 -8.95 2.58 -63.09
C PHE C 216 -7.88 3.39 -63.82
N ALA C 217 -7.82 4.69 -63.51
CA ALA C 217 -6.79 5.54 -64.10
C ALA C 217 -5.41 5.14 -63.60
N SER C 218 -4.44 5.11 -64.51
CA SER C 218 -3.09 4.68 -64.21
C SER C 218 -2.11 5.83 -64.42
N THR C 219 -1.14 5.94 -63.51
CA THR C 219 -0.09 6.93 -63.58
C THR C 219 1.26 6.24 -63.77
N PRO C 220 2.23 6.90 -64.43
CA PRO C 220 3.51 6.24 -64.72
C PRO C 220 4.32 5.88 -63.48
N TYR C 221 3.83 6.25 -62.30
CA TYR C 221 4.51 5.95 -61.04
C TYR C 221 3.74 4.94 -60.20
N ASP C 222 2.98 4.06 -60.84
CA ASP C 222 2.18 3.06 -60.14
C ASP C 222 3.04 1.84 -59.85
N VAL C 223 3.10 1.44 -58.58
CA VAL C 223 3.89 0.30 -58.14
C VAL C 223 3.04 -0.56 -57.21
N ALA C 224 3.50 -1.80 -57.00
CA ALA C 224 2.84 -2.75 -56.13
C ALA C 224 3.85 -3.37 -55.18
N ILE C 225 3.45 -3.56 -53.94
CA ILE C 225 4.30 -4.17 -52.92
C ILE C 225 3.82 -5.61 -52.73
N ILE C 226 4.72 -6.57 -52.95
CA ILE C 226 4.36 -7.98 -52.98
C ILE C 226 5.33 -8.74 -52.09
N GLY C 227 4.80 -9.66 -51.29
CA GLY C 227 5.60 -10.43 -50.37
C GLY C 227 5.84 -9.78 -49.03
N ASP C 228 5.33 -8.57 -48.81
CA ASP C 228 5.41 -7.90 -47.52
C ASP C 228 4.14 -8.19 -46.75
N TYR C 229 4.29 -8.83 -45.59
CA TYR C 229 3.15 -9.28 -44.80
C TYR C 229 2.90 -8.43 -43.57
N ASN C 230 3.47 -7.22 -43.54
CA ASN C 230 3.16 -6.22 -42.51
C ASN C 230 3.40 -6.77 -41.10
N ILE C 231 4.52 -7.48 -40.92
CA ILE C 231 4.87 -8.02 -39.61
C ILE C 231 5.30 -6.86 -38.72
N GLY C 232 4.42 -6.42 -37.84
CA GLY C 232 4.69 -5.27 -37.00
C GLY C 232 4.69 -3.94 -37.71
N GLY C 233 4.18 -3.88 -38.94
CA GLY C 233 4.17 -2.66 -39.70
C GLY C 233 5.29 -2.48 -40.69
N ASP C 234 5.98 -3.55 -41.08
CA ASP C 234 7.07 -3.44 -42.04
C ASP C 234 6.55 -2.94 -43.39
N ALA C 235 5.38 -3.43 -43.81
CA ALA C 235 4.80 -2.99 -45.08
C ALA C 235 4.49 -1.49 -45.05
N TRP C 236 3.93 -1.01 -43.94
CA TRP C 236 3.65 0.42 -43.82
C TRP C 236 4.93 1.24 -43.80
N SER C 237 5.97 0.74 -43.12
CA SER C 237 7.24 1.45 -43.07
C SER C 237 7.87 1.57 -44.45
N SER C 238 7.79 0.49 -45.24
CA SER C 238 8.29 0.56 -46.62
C SER C 238 7.41 1.45 -47.48
N ARG C 239 6.09 1.42 -47.25
CA ARG C 239 5.16 2.20 -48.06
C ARG C 239 5.39 3.69 -47.86
N ILE C 240 5.66 4.13 -46.63
CA ILE C 240 5.86 5.56 -46.41
C ILE C 240 7.09 6.05 -47.16
N LEU C 241 8.19 5.28 -47.12
CA LEU C 241 9.39 5.64 -47.87
C LEU C 241 9.11 5.67 -49.38
N LEU C 242 8.35 4.68 -49.87
CA LEU C 242 8.06 4.65 -51.31
C LEU C 242 7.19 5.83 -51.72
N GLU C 243 6.24 6.23 -50.88
CA GLU C 243 5.39 7.37 -51.20
C GLU C 243 6.16 8.68 -51.16
N GLU C 244 7.10 8.85 -50.22
CA GLU C 244 7.84 10.11 -50.22
C GLU C 244 8.67 10.31 -51.48
N MET C 245 8.90 9.25 -52.27
CA MET C 245 9.65 9.37 -53.52
C MET C 245 8.80 9.86 -54.68
N GLY C 246 7.49 9.95 -54.50
CA GLY C 246 6.61 10.26 -55.61
C GLY C 246 6.08 9.04 -56.34
N LEU C 247 5.98 7.91 -55.65
CA LEU C 247 5.44 6.67 -56.18
C LEU C 247 4.09 6.39 -55.55
N ARG C 248 3.20 5.79 -56.34
CA ARG C 248 1.86 5.42 -55.89
C ARG C 248 1.84 3.92 -55.66
N CYS C 249 1.72 3.51 -54.40
CA CYS C 249 1.64 2.11 -54.03
C CYS C 249 0.19 1.66 -54.18
N VAL C 250 -0.16 1.24 -55.40
CA VAL C 250 -1.53 0.87 -55.70
C VAL C 250 -1.91 -0.42 -54.97
N ALA C 251 -1.05 -1.42 -55.01
CA ALA C 251 -1.33 -2.73 -54.44
C ALA C 251 -0.31 -3.07 -53.36
N GLN C 252 -0.80 -3.66 -52.28
CA GLN C 252 0.07 -4.12 -51.18
C GLN C 252 -0.59 -5.34 -50.55
N TRP C 253 -0.12 -6.53 -50.93
CA TRP C 253 -0.65 -7.77 -50.42
C TRP C 253 0.51 -8.73 -50.14
N SER C 254 0.31 -9.63 -49.19
CA SER C 254 -0.92 -9.92 -48.45
C SER C 254 -1.08 -9.06 -47.19
N GLY C 255 0.03 -8.62 -46.60
CA GLY C 255 -0.03 -7.84 -45.38
C GLY C 255 -0.82 -6.56 -45.54
N ASP C 256 -1.86 -6.41 -44.73
CA ASP C 256 -2.80 -5.29 -44.85
C ASP C 256 -3.34 -5.19 -46.28
N GLY C 257 -3.63 -6.34 -46.87
CA GLY C 257 -4.09 -6.41 -48.24
C GLY C 257 -5.60 -6.56 -48.34
N SER C 258 -6.11 -6.26 -49.53
CA SER C 258 -7.53 -6.37 -49.82
C SER C 258 -7.69 -6.97 -51.21
N ILE C 259 -8.90 -7.49 -51.47
CA ILE C 259 -9.17 -8.09 -52.78
C ILE C 259 -9.11 -7.02 -53.87
N SER C 260 -9.47 -5.78 -53.52
CA SER C 260 -9.36 -4.69 -54.48
C SER C 260 -7.91 -4.45 -54.88
N GLU C 261 -7.00 -4.48 -53.91
CA GLU C 261 -5.58 -4.29 -54.21
C GLU C 261 -5.05 -5.41 -55.09
N ILE C 262 -5.44 -6.65 -54.78
CA ILE C 262 -4.98 -7.79 -55.58
C ILE C 262 -5.51 -7.68 -57.00
N GLU C 263 -6.77 -7.30 -57.16
CA GLU C 263 -7.34 -7.17 -58.49
C GLU C 263 -6.77 -5.98 -59.26
N LEU C 264 -6.33 -4.94 -58.55
CA LEU C 264 -5.71 -3.79 -59.20
C LEU C 264 -4.21 -3.98 -59.45
N THR C 265 -3.60 -5.01 -58.87
CA THR C 265 -2.18 -5.27 -59.10
C THR C 265 -1.80 -5.38 -60.57
N PRO C 266 -2.56 -6.08 -61.46
CA PRO C 266 -2.12 -6.17 -62.87
C PRO C 266 -2.10 -4.85 -63.62
N LYS C 267 -2.49 -3.75 -62.96
CA LYS C 267 -2.54 -2.44 -63.58
C LYS C 267 -1.37 -1.54 -63.21
N VAL C 268 -0.32 -2.10 -62.61
CA VAL C 268 0.82 -1.32 -62.16
C VAL C 268 1.95 -1.44 -63.17
N LYS C 269 2.94 -0.57 -63.04
CA LYS C 269 4.08 -0.52 -63.96
C LYS C 269 5.35 -1.13 -63.39
N LEU C 270 5.37 -1.48 -62.11
CA LEU C 270 6.56 -2.09 -61.52
C LEU C 270 6.15 -2.86 -60.28
N ASN C 271 6.67 -4.07 -60.15
CA ASN C 271 6.35 -4.96 -59.04
C ASN C 271 7.54 -5.01 -58.08
N LEU C 272 7.29 -4.72 -56.80
CA LEU C 272 8.32 -4.74 -55.77
C LEU C 272 8.11 -5.97 -54.90
N VAL C 273 9.00 -6.95 -55.02
CA VAL C 273 8.88 -8.21 -54.29
C VAL C 273 9.82 -8.16 -53.10
N HIS C 274 9.32 -8.26 -51.90
CA HIS C 274 10.22 -8.27 -50.74
C HIS C 274 10.63 -9.69 -50.49
N CYS C 275 9.64 -10.56 -50.54
CA CYS C 275 9.89 -11.95 -50.20
C CYS C 275 9.80 -12.81 -51.46
N TYR C 276 10.94 -13.04 -52.11
CA TYR C 276 10.98 -13.78 -53.38
C TYR C 276 10.45 -15.19 -53.24
N ARG C 277 10.81 -15.88 -52.17
CA ARG C 277 10.49 -17.30 -52.10
C ARG C 277 8.99 -17.55 -52.21
N SER C 278 8.18 -16.73 -51.53
CA SER C 278 6.75 -16.98 -51.44
C SER C 278 5.93 -16.31 -52.53
N MET C 279 6.53 -15.42 -53.32
CA MET C 279 5.78 -14.66 -54.31
C MET C 279 6.42 -14.62 -55.69
N ASN C 280 7.52 -15.36 -55.89
CA ASN C 280 8.17 -15.36 -57.19
C ASN C 280 7.26 -15.93 -58.27
N TYR C 281 6.41 -16.90 -57.93
CA TYR C 281 5.53 -17.50 -58.93
C TYR C 281 4.59 -16.46 -59.52
N ILE C 282 3.91 -15.71 -58.65
CA ILE C 282 3.02 -14.66 -59.12
C ILE C 282 3.81 -13.55 -59.81
N SER C 283 5.04 -13.29 -59.37
CA SER C 283 5.85 -12.27 -60.05
C SER C 283 6.15 -12.66 -61.49
N ARG C 284 6.58 -13.91 -61.71
CA ARG C 284 6.83 -14.37 -63.08
C ARG C 284 5.54 -14.40 -63.88
N HIS C 285 4.44 -14.83 -63.28
CA HIS C 285 3.18 -14.89 -64.02
C HIS C 285 2.75 -13.50 -64.48
N MET C 286 2.89 -12.49 -63.61
CA MET C 286 2.55 -11.14 -64.03
C MET C 286 3.51 -10.62 -65.09
N GLU C 287 4.82 -10.88 -64.94
CA GLU C 287 5.78 -10.45 -65.95
C GLU C 287 5.47 -11.06 -67.31
N GLU C 288 5.00 -12.31 -67.33
CA GLU C 288 4.72 -12.97 -68.59
C GLU C 288 3.38 -12.49 -69.18
N LYS C 289 2.30 -12.61 -68.42
CA LYS C 289 0.98 -12.35 -68.96
C LYS C 289 0.74 -10.87 -69.18
N TYR C 290 1.09 -10.02 -68.20
CA TYR C 290 0.77 -8.60 -68.26
C TYR C 290 1.97 -7.74 -68.61
N GLY C 291 3.16 -8.32 -68.73
CA GLY C 291 4.35 -7.54 -69.06
C GLY C 291 4.75 -6.54 -67.98
N ILE C 292 4.62 -6.91 -66.71
CA ILE C 292 4.94 -6.03 -65.60
C ILE C 292 6.30 -6.45 -65.06
N PRO C 293 7.34 -5.63 -65.19
CA PRO C 293 8.64 -5.99 -64.61
C PRO C 293 8.60 -5.97 -63.10
N TRP C 294 9.48 -6.76 -62.50
CA TRP C 294 9.58 -6.83 -61.05
C TRP C 294 11.05 -6.79 -60.64
N MET C 295 11.27 -6.40 -59.39
CA MET C 295 12.63 -6.37 -58.83
C MET C 295 12.54 -6.60 -57.33
N GLU C 296 13.65 -7.05 -56.77
CA GLU C 296 13.73 -7.30 -55.33
C GLU C 296 14.28 -6.08 -54.61
N TYR C 297 13.79 -5.85 -53.40
CA TYR C 297 14.18 -4.69 -52.61
C TYR C 297 14.41 -5.11 -51.17
N ASN C 298 15.48 -4.57 -50.57
CA ASN C 298 15.84 -4.84 -49.19
C ASN C 298 15.78 -3.52 -48.43
N PHE C 299 14.94 -3.46 -47.39
CA PHE C 299 14.78 -2.27 -46.56
C PHE C 299 15.27 -2.50 -45.15
N PHE C 300 16.16 -3.48 -44.96
CA PHE C 300 16.72 -3.80 -43.65
C PHE C 300 18.08 -3.11 -43.53
N GLY C 301 18.14 -2.07 -42.72
CA GLY C 301 19.38 -1.34 -42.52
C GLY C 301 19.49 -0.16 -43.46
N PRO C 302 20.16 0.91 -43.00
CA PRO C 302 20.28 2.10 -43.86
C PRO C 302 20.99 1.84 -45.18
N THR C 303 22.05 1.05 -45.18
CA THR C 303 22.80 0.83 -46.42
C THR C 303 21.96 0.07 -47.44
N LYS C 304 21.36 -1.04 -47.03
CA LYS C 304 20.54 -1.82 -47.94
C LYS C 304 19.33 -1.03 -48.39
N THR C 305 18.70 -0.27 -47.49
CA THR C 305 17.53 0.47 -47.90
C THR C 305 17.89 1.61 -48.85
N ILE C 306 19.04 2.26 -48.67
CA ILE C 306 19.44 3.30 -49.60
C ILE C 306 19.76 2.71 -50.98
N GLU C 307 20.46 1.57 -51.00
CA GLU C 307 20.77 0.92 -52.27
C GLU C 307 19.49 0.53 -53.00
N SER C 308 18.54 -0.08 -52.28
CA SER C 308 17.26 -0.47 -52.87
C SER C 308 16.47 0.76 -53.31
N LEU C 309 16.53 1.84 -52.54
CA LEU C 309 15.79 3.05 -52.87
C LEU C 309 16.30 3.65 -54.19
N ARG C 310 17.62 3.75 -54.32
CA ARG C 310 18.20 4.26 -55.56
C ARG C 310 17.92 3.31 -56.74
N ALA C 311 17.98 2.00 -56.50
CA ALA C 311 17.68 1.05 -57.58
C ALA C 311 16.24 1.19 -58.05
N ILE C 312 15.30 1.38 -57.12
CA ILE C 312 13.91 1.60 -57.51
C ILE C 312 13.76 2.90 -58.27
N ALA C 313 14.42 3.97 -57.81
CA ALA C 313 14.34 5.25 -58.50
C ALA C 313 14.93 5.20 -59.89
N ALA C 314 15.92 4.33 -60.12
CA ALA C 314 16.58 4.24 -61.43
C ALA C 314 15.62 3.80 -62.53
N LYS C 315 14.49 3.19 -62.19
CA LYS C 315 13.55 2.70 -63.18
C LYS C 315 12.54 3.75 -63.62
N PHE C 316 12.57 4.94 -63.05
CA PHE C 316 11.63 6.01 -63.38
C PHE C 316 12.39 7.23 -63.90
N ASP C 317 11.67 8.33 -64.09
CA ASP C 317 12.23 9.54 -64.67
C ASP C 317 13.02 10.32 -63.61
N GLU C 318 13.66 11.41 -64.06
CA GLU C 318 14.61 12.13 -63.23
C GLU C 318 13.98 12.72 -61.98
N SER C 319 12.68 13.06 -62.04
CA SER C 319 12.01 13.61 -60.86
C SER C 319 12.00 12.59 -59.72
N ILE C 320 11.82 11.31 -60.05
CA ILE C 320 11.85 10.28 -59.02
C ILE C 320 13.24 10.17 -58.39
N GLN C 321 14.28 10.32 -59.21
CA GLN C 321 15.63 10.34 -58.66
C GLN C 321 15.85 11.53 -57.73
N LYS C 322 15.35 12.71 -58.12
CA LYS C 322 15.46 13.88 -57.27
C LYS C 322 14.74 13.66 -55.93
N LYS C 323 13.54 13.09 -55.98
CA LYS C 323 12.81 12.81 -54.75
C LYS C 323 13.51 11.74 -53.91
N CYS C 324 14.13 10.76 -54.54
CA CYS C 324 14.89 9.76 -53.78
C CYS C 324 16.08 10.39 -53.07
N GLU C 325 16.80 11.29 -53.75
CA GLU C 325 17.88 12.01 -53.09
C GLU C 325 17.36 12.84 -51.93
N GLU C 326 16.21 13.50 -52.12
CA GLU C 326 15.61 14.28 -51.04
C GLU C 326 15.26 13.40 -49.85
N VAL C 327 14.70 12.21 -50.11
CA VAL C 327 14.34 11.29 -49.03
C VAL C 327 15.58 10.83 -48.29
N ILE C 328 16.64 10.48 -49.03
CA ILE C 328 17.86 10.02 -48.39
C ILE C 328 18.47 11.13 -47.52
N ALA C 329 18.49 12.36 -48.03
CA ALA C 329 19.02 13.48 -47.26
C ALA C 329 18.17 13.73 -46.02
N LYS C 330 16.84 13.60 -46.16
CA LYS C 330 15.95 13.82 -45.01
C LYS C 330 16.18 12.77 -43.93
N TYR C 331 16.37 11.51 -44.32
CA TYR C 331 16.44 10.43 -43.35
C TYR C 331 17.85 10.13 -42.87
N LYS C 332 18.88 10.73 -43.46
CA LYS C 332 20.25 10.45 -43.01
C LYS C 332 20.50 10.82 -41.55
N PRO C 333 20.08 12.01 -41.06
CA PRO C 333 20.32 12.32 -39.64
C PRO C 333 19.86 11.25 -38.66
N GLU C 334 18.66 10.71 -38.88
CA GLU C 334 18.07 9.80 -37.90
C GLU C 334 18.86 8.50 -37.79
N TRP C 335 19.14 7.86 -38.92
CA TRP C 335 19.88 6.61 -38.86
C TRP C 335 21.34 6.83 -38.48
N GLU C 336 21.91 7.99 -38.84
CA GLU C 336 23.26 8.31 -38.38
C GLU C 336 23.30 8.42 -36.86
N ALA C 337 22.32 9.10 -36.27
CA ALA C 337 22.27 9.21 -34.82
C ALA C 337 22.03 7.85 -34.16
N VAL C 338 21.18 7.03 -34.76
CA VAL C 338 20.92 5.69 -34.21
C VAL C 338 22.21 4.88 -34.21
N VAL C 339 22.95 4.93 -35.32
CA VAL C 339 24.23 4.24 -35.40
C VAL C 339 25.20 4.79 -34.35
N ALA C 340 25.28 6.11 -34.22
CA ALA C 340 26.19 6.70 -33.25
C ALA C 340 25.86 6.25 -31.83
N LYS C 341 24.57 6.08 -31.52
CA LYS C 341 24.18 5.68 -30.18
C LYS C 341 24.43 4.20 -29.93
N TYR C 342 24.17 3.33 -30.92
CA TYR C 342 24.11 1.90 -30.66
C TYR C 342 25.28 1.09 -31.20
N ARG C 343 26.13 1.65 -32.06
CA ARG C 343 27.28 0.90 -32.55
C ARG C 343 28.27 0.54 -31.45
N PRO C 344 28.66 1.43 -30.54
CA PRO C 344 29.63 1.03 -29.50
C PRO C 344 29.14 -0.12 -28.62
N ARG C 345 27.84 -0.19 -28.33
CA ARG C 345 27.32 -1.27 -27.50
C ARG C 345 27.29 -2.61 -28.23
N LEU C 346 27.43 -2.62 -29.55
CA LEU C 346 27.30 -3.85 -30.33
C LEU C 346 28.50 -4.11 -31.24
N GLU C 347 29.59 -3.37 -31.09
CA GLU C 347 30.74 -3.58 -31.94
C GLU C 347 31.45 -4.88 -31.60
N GLY C 348 31.73 -5.68 -32.62
CA GLY C 348 32.50 -6.91 -32.46
C GLY C 348 31.70 -8.14 -32.11
N LYS C 349 30.40 -8.03 -31.92
CA LYS C 349 29.59 -9.18 -31.54
C LYS C 349 29.33 -10.09 -32.74
N ARG C 350 29.13 -11.38 -32.45
CA ARG C 350 28.94 -12.40 -33.47
C ARG C 350 27.49 -12.89 -33.46
N VAL C 351 27.02 -13.33 -34.62
CA VAL C 351 25.61 -13.64 -34.84
C VAL C 351 25.46 -14.95 -35.59
N MET C 352 24.52 -15.78 -35.13
CA MET C 352 24.04 -16.94 -35.86
C MET C 352 22.55 -16.78 -36.12
N LEU C 353 22.11 -17.15 -37.32
CA LEU C 353 20.72 -16.96 -37.73
C LEU C 353 20.17 -18.24 -38.36
N TYR C 354 18.90 -18.53 -38.07
CA TYR C 354 18.20 -19.63 -38.73
C TYR C 354 16.71 -19.31 -38.67
N ILE C 355 16.17 -18.72 -39.73
CA ILE C 355 14.83 -18.14 -39.65
C ILE C 355 13.88 -18.81 -40.62
N GLY C 356 14.16 -18.69 -41.92
CA GLY C 356 13.23 -19.16 -42.92
C GLY C 356 13.78 -19.06 -44.34
N GLY C 357 12.97 -18.59 -45.27
CA GLY C 357 13.36 -18.54 -46.66
C GLY C 357 13.84 -17.21 -47.18
N LEU C 358 13.59 -16.13 -46.45
CA LEU C 358 13.98 -14.81 -46.93
C LEU C 358 14.80 -14.02 -45.94
N ARG C 359 14.49 -14.10 -44.66
CA ARG C 359 15.10 -13.26 -43.63
C ARG C 359 16.54 -13.61 -43.28
N PRO C 360 16.96 -14.88 -43.27
CA PRO C 360 18.36 -15.18 -42.91
C PRO C 360 19.40 -14.50 -43.79
N ARG C 361 19.07 -14.15 -45.03
CA ARG C 361 20.03 -13.49 -45.90
C ARG C 361 19.80 -11.99 -46.03
N HIS C 362 18.60 -11.49 -45.69
CA HIS C 362 18.28 -10.08 -45.83
C HIS C 362 18.59 -9.26 -44.59
N VAL C 363 18.95 -9.89 -43.48
CA VAL C 363 19.22 -9.16 -42.24
C VAL C 363 20.71 -8.95 -42.00
N ILE C 364 21.56 -9.38 -42.92
CA ILE C 364 23.00 -9.20 -42.74
C ILE C 364 23.37 -7.73 -42.78
N GLY C 365 22.67 -6.95 -43.61
CA GLY C 365 23.04 -5.56 -43.81
C GLY C 365 22.95 -4.73 -42.55
N ALA C 366 21.84 -4.85 -41.82
CA ALA C 366 21.67 -4.06 -40.60
C ALA C 366 22.63 -4.52 -39.51
N TYR C 367 22.84 -5.84 -39.39
CA TYR C 367 23.78 -6.35 -38.40
C TYR C 367 25.19 -5.82 -38.66
N GLU C 368 25.59 -5.74 -39.93
CA GLU C 368 26.87 -5.16 -40.26
C GLU C 368 26.87 -3.64 -40.07
N ASP C 369 25.71 -3.00 -40.25
CA ASP C 369 25.61 -1.58 -39.99
C ASP C 369 25.81 -1.26 -38.52
N LEU C 370 25.45 -2.19 -37.64
CA LEU C 370 25.75 -2.06 -36.22
C LEU C 370 27.10 -2.67 -35.86
N GLY C 371 27.90 -3.05 -36.84
CA GLY C 371 29.22 -3.60 -36.59
C GLY C 371 29.23 -5.01 -36.06
N MET C 372 28.18 -5.78 -36.30
CA MET C 372 28.05 -7.13 -35.77
C MET C 372 28.29 -8.12 -36.90
N GLU C 373 29.25 -9.02 -36.70
CA GLU C 373 29.71 -9.92 -37.75
C GLU C 373 28.90 -11.22 -37.71
N VAL C 374 28.29 -11.58 -38.83
CA VAL C 374 27.48 -12.78 -38.91
C VAL C 374 28.38 -13.98 -39.15
N VAL C 375 28.09 -15.08 -38.46
CA VAL C 375 28.87 -16.30 -38.59
C VAL C 375 28.03 -17.52 -38.97
N GLY C 376 26.71 -17.42 -38.95
CA GLY C 376 25.87 -18.55 -39.33
C GLY C 376 24.48 -18.16 -39.78
N THR C 377 24.09 -18.63 -40.97
CA THR C 377 22.74 -18.45 -41.49
C THR C 377 22.25 -19.78 -42.06
N GLY C 378 20.93 -19.95 -42.06
CA GLY C 378 20.34 -21.18 -42.54
C GLY C 378 18.89 -21.02 -42.90
N TYR C 379 18.39 -22.00 -43.66
CA TYR C 379 17.02 -22.00 -44.17
C TYR C 379 16.37 -23.33 -43.84
N GLU C 380 15.04 -23.32 -43.71
CA GLU C 380 14.29 -24.54 -43.45
C GLU C 380 13.33 -24.93 -44.55
N PHE C 381 12.94 -24.01 -45.44
CA PHE C 381 12.05 -24.34 -46.53
C PHE C 381 12.44 -23.64 -47.84
N ALA C 382 13.68 -23.17 -47.95
CA ALA C 382 14.10 -22.41 -49.11
C ALA C 382 14.63 -23.33 -50.21
N HIS C 383 14.79 -22.76 -51.40
CA HIS C 383 15.34 -23.46 -52.55
C HIS C 383 16.80 -23.07 -52.74
N ASN C 384 17.40 -23.59 -53.82
CA ASN C 384 18.83 -23.38 -54.05
C ASN C 384 19.16 -21.96 -54.44
N ASP C 385 18.19 -21.19 -54.95
CA ASP C 385 18.47 -19.81 -55.34
C ASP C 385 18.76 -18.93 -54.12
N ASP C 386 18.06 -19.18 -53.01
CA ASP C 386 18.34 -18.44 -51.78
C ASP C 386 19.75 -18.71 -51.28
N TYR C 387 20.19 -19.97 -51.35
CA TYR C 387 21.57 -20.29 -50.99
C TYR C 387 22.56 -19.67 -51.97
N ASP C 388 22.20 -19.59 -53.26
CA ASP C 388 23.05 -18.93 -54.23
C ASP C 388 23.24 -17.46 -53.87
N ARG C 389 22.16 -16.79 -53.48
CA ARG C 389 22.27 -15.39 -53.07
C ARG C 389 23.06 -15.24 -51.77
N THR C 390 22.82 -16.13 -50.81
CA THR C 390 23.55 -16.04 -49.54
C THR C 390 25.02 -16.40 -49.68
N MET C 391 25.41 -17.06 -50.78
CA MET C 391 26.83 -17.28 -51.04
C MET C 391 27.58 -15.95 -51.09
N LYS C 392 27.12 -15.02 -51.92
CA LYS C 392 27.73 -13.71 -51.98
C LYS C 392 27.32 -12.82 -50.82
N GLU C 393 26.12 -13.03 -50.27
CA GLU C 393 25.66 -12.22 -49.15
C GLU C 393 26.49 -12.45 -47.89
N MET C 394 27.18 -13.58 -47.79
CA MET C 394 27.95 -13.92 -46.61
C MET C 394 29.44 -14.00 -46.92
N GLY C 395 30.25 -13.96 -45.87
CA GLY C 395 31.69 -14.03 -46.00
C GLY C 395 32.21 -15.45 -45.88
N ASP C 396 33.54 -15.55 -45.96
CA ASP C 396 34.21 -16.84 -45.90
C ASP C 396 34.32 -17.34 -44.46
N SER C 397 34.60 -18.63 -44.33
CA SER C 397 34.83 -19.31 -43.05
C SER C 397 33.61 -19.29 -42.14
N THR C 398 32.42 -19.06 -42.69
CA THR C 398 31.18 -19.10 -41.92
C THR C 398 30.42 -20.39 -42.21
N LEU C 399 29.51 -20.73 -41.32
CA LEU C 399 28.77 -21.99 -41.38
C LEU C 399 27.43 -21.77 -42.05
N LEU C 400 27.12 -22.61 -43.04
CA LEU C 400 25.83 -22.63 -43.71
C LEU C 400 25.16 -23.97 -43.45
N TYR C 401 23.83 -23.96 -43.40
CA TYR C 401 23.09 -25.17 -43.12
C TYR C 401 21.69 -25.08 -43.71
N ASP C 402 21.17 -26.24 -44.12
CA ASP C 402 19.77 -26.38 -44.51
C ASP C 402 18.94 -26.56 -43.24
N ASP C 403 17.70 -27.02 -43.38
CA ASP C 403 16.86 -27.33 -42.22
C ASP C 403 17.62 -28.19 -41.23
N VAL C 404 17.73 -27.70 -39.98
CA VAL C 404 18.54 -28.32 -38.95
C VAL C 404 17.64 -28.88 -37.86
N THR C 405 18.01 -30.04 -37.33
CA THR C 405 17.33 -30.64 -36.19
C THR C 405 17.72 -29.91 -34.90
N GLY C 406 17.13 -30.35 -33.79
CA GLY C 406 17.49 -29.77 -32.50
C GLY C 406 18.90 -30.12 -32.07
N TYR C 407 19.31 -31.37 -32.29
CA TYR C 407 20.62 -31.82 -31.85
C TYR C 407 21.74 -31.07 -32.57
N GLU C 408 21.69 -31.04 -33.90
CA GLU C 408 22.76 -30.38 -34.66
C GLU C 408 22.80 -28.89 -34.38
N PHE C 409 21.63 -28.24 -34.28
CA PHE C 409 21.59 -26.82 -33.97
C PHE C 409 22.19 -26.55 -32.60
N GLU C 410 21.82 -27.35 -31.60
CA GLU C 410 22.34 -27.17 -30.25
C GLU C 410 23.86 -27.36 -30.23
N GLU C 411 24.36 -28.39 -30.92
CA GLU C 411 25.79 -28.64 -30.92
C GLU C 411 26.55 -27.53 -31.64
N PHE C 412 26.04 -27.07 -32.78
CA PHE C 412 26.70 -25.99 -33.51
C PHE C 412 26.73 -24.72 -32.69
N VAL C 413 25.63 -24.39 -32.02
CA VAL C 413 25.59 -23.20 -31.17
C VAL C 413 26.56 -23.35 -30.00
N LYS C 414 26.60 -24.53 -29.38
CA LYS C 414 27.51 -24.75 -28.26
C LYS C 414 28.96 -24.65 -28.70
N ARG C 415 29.27 -25.00 -29.94
CA ARG C 415 30.66 -24.97 -30.38
C ARG C 415 31.09 -23.59 -30.85
N ILE C 416 30.27 -22.95 -31.70
CA ILE C 416 30.64 -21.63 -32.21
C ILE C 416 30.60 -20.59 -31.10
N LYS C 417 29.63 -20.70 -30.18
CA LYS C 417 29.45 -19.78 -29.07
C LYS C 417 29.24 -18.35 -29.55
N PRO C 418 28.11 -18.05 -30.18
CA PRO C 418 27.86 -16.69 -30.64
C PRO C 418 27.29 -15.82 -29.53
N ASP C 419 27.28 -14.52 -29.78
CA ASP C 419 26.72 -13.55 -28.83
C ASP C 419 25.23 -13.30 -29.05
N LEU C 420 24.65 -13.82 -30.12
CA LEU C 420 23.24 -13.60 -30.42
C LEU C 420 22.79 -14.61 -31.45
N ILE C 421 21.57 -15.12 -31.28
CA ILE C 421 20.98 -16.08 -32.20
C ILE C 421 19.62 -15.54 -32.65
N GLY C 422 19.36 -15.64 -33.96
CA GLY C 422 18.07 -15.27 -34.49
C GLY C 422 17.35 -16.42 -35.15
N SER C 423 16.22 -16.84 -34.59
CA SER C 423 15.49 -18.00 -35.08
C SER C 423 14.04 -17.89 -34.62
N GLY C 424 13.31 -18.99 -34.71
CA GLY C 424 11.90 -19.02 -34.36
C GLY C 424 11.67 -19.17 -32.87
N ILE C 425 10.39 -19.38 -32.52
CA ILE C 425 10.01 -19.48 -31.12
C ILE C 425 10.31 -20.85 -30.53
N LYS C 426 10.38 -21.90 -31.35
CA LYS C 426 10.65 -23.23 -30.84
C LYS C 426 12.10 -23.43 -30.43
N GLU C 427 13.02 -22.66 -31.02
CA GLU C 427 14.41 -22.63 -30.58
C GLU C 427 14.71 -21.46 -29.66
N LYS C 428 13.79 -20.50 -29.55
CA LYS C 428 13.95 -19.36 -28.66
C LYS C 428 14.29 -19.79 -27.25
N PHE C 429 13.38 -20.55 -26.63
CA PHE C 429 13.56 -20.93 -25.23
C PHE C 429 14.72 -21.90 -25.06
N ILE C 430 14.98 -22.75 -26.05
CA ILE C 430 16.13 -23.65 -25.99
C ILE C 430 17.42 -22.85 -25.89
N PHE C 431 17.56 -21.83 -26.74
CA PHE C 431 18.78 -21.01 -26.69
C PHE C 431 18.80 -20.09 -25.48
N GLN C 432 17.63 -19.72 -24.95
CA GLN C 432 17.60 -18.96 -23.70
C GLN C 432 18.05 -19.81 -22.52
N LYS C 433 17.80 -21.13 -22.56
CA LYS C 433 18.22 -22.00 -21.47
C LYS C 433 19.74 -22.04 -21.34
N MET C 434 20.45 -22.14 -22.47
CA MET C 434 21.90 -22.21 -22.43
C MET C 434 22.56 -20.86 -22.14
N GLY C 435 21.79 -19.77 -22.18
CA GLY C 435 22.30 -18.47 -21.77
C GLY C 435 22.78 -17.56 -22.88
N ILE C 436 22.54 -17.90 -24.14
CA ILE C 436 22.95 -17.08 -25.27
C ILE C 436 21.78 -16.17 -25.64
N PRO C 437 21.99 -14.85 -25.71
CA PRO C 437 20.87 -13.95 -26.03
C PRO C 437 20.24 -14.30 -27.37
N PHE C 438 18.92 -14.19 -27.44
CA PHE C 438 18.16 -14.65 -28.59
C PHE C 438 17.15 -13.60 -29.00
N ARG C 439 16.89 -13.52 -30.31
CA ARG C 439 15.87 -12.64 -30.87
C ARG C 439 14.97 -13.45 -31.78
N GLU C 440 13.66 -13.37 -31.54
CA GLU C 440 12.69 -14.02 -32.41
C GLU C 440 12.63 -13.26 -33.72
N MET C 441 13.15 -13.90 -34.77
CA MET C 441 13.30 -13.24 -36.09
C MET C 441 12.02 -13.31 -36.93
N HIS C 442 10.92 -13.81 -36.39
CA HIS C 442 9.64 -13.80 -37.13
C HIS C 442 8.74 -12.77 -36.47
N SER C 443 8.29 -13.02 -35.23
CA SER C 443 7.38 -12.05 -34.66
C SER C 443 8.09 -10.80 -34.18
N TRP C 444 9.39 -10.69 -34.39
CA TRP C 444 10.21 -9.58 -33.92
C TRP C 444 10.13 -9.44 -32.40
N ASP C 445 9.96 -10.56 -31.69
CA ASP C 445 9.84 -10.59 -30.24
C ASP C 445 8.71 -9.66 -29.77
N TYR C 446 7.58 -9.70 -30.48
CA TYR C 446 6.42 -8.86 -30.18
C TYR C 446 6.77 -7.38 -30.23
N SER C 447 7.74 -7.02 -31.08
CA SER C 447 8.14 -5.64 -31.26
C SER C 447 8.20 -5.30 -32.74
N GLY C 448 8.75 -4.14 -33.09
CA GLY C 448 8.90 -3.75 -34.47
C GLY C 448 8.25 -2.43 -34.78
N PRO C 449 8.23 -2.05 -36.07
CA PRO C 449 8.77 -2.78 -37.23
C PRO C 449 10.29 -2.71 -37.29
N TYR C 450 10.92 -3.52 -38.12
CA TYR C 450 12.37 -3.49 -38.31
C TYR C 450 12.79 -3.06 -39.70
N HIS C 451 11.82 -2.83 -40.58
CA HIS C 451 12.12 -2.48 -41.98
C HIS C 451 12.03 -0.98 -42.19
N GLY C 452 12.98 -0.40 -42.94
CA GLY C 452 13.01 1.02 -43.19
C GLY C 452 13.79 1.79 -42.16
N PHE C 453 13.85 3.10 -42.40
CA PHE C 453 14.58 3.99 -41.49
C PHE C 453 13.96 3.99 -40.10
N ASP C 454 12.62 4.03 -40.03
CA ASP C 454 11.95 4.00 -38.73
C ASP C 454 12.13 2.65 -38.04
N GLY C 455 12.17 1.56 -38.81
CA GLY C 455 12.39 0.25 -38.24
C GLY C 455 13.80 0.00 -37.77
N PHE C 456 14.78 0.70 -38.36
CA PHE C 456 16.18 0.52 -37.95
C PHE C 456 16.40 0.91 -36.50
N ALA C 457 15.75 1.99 -36.06
CA ALA C 457 15.91 2.43 -34.68
C ALA C 457 15.40 1.37 -33.70
N ILE C 458 14.23 0.79 -33.99
CA ILE C 458 13.68 -0.25 -33.13
C ILE C 458 14.56 -1.50 -33.18
N PHE C 459 15.08 -1.82 -34.35
CA PHE C 459 15.98 -2.97 -34.47
C PHE C 459 17.21 -2.80 -33.61
N ALA C 460 17.86 -1.63 -33.69
CA ALA C 460 19.05 -1.37 -32.89
C ALA C 460 18.73 -1.36 -31.39
N ARG C 461 17.60 -0.74 -31.02
CA ARG C 461 17.23 -0.70 -29.61
C ARG C 461 16.98 -2.10 -29.06
N ASP C 462 16.30 -2.94 -29.83
CA ASP C 462 16.05 -4.31 -29.37
C ASP C 462 17.32 -5.13 -29.31
N MET C 463 18.24 -4.94 -30.27
CA MET C 463 19.51 -5.66 -30.22
C MET C 463 20.31 -5.26 -28.99
N ASP C 464 20.38 -3.97 -28.69
CA ASP C 464 21.07 -3.53 -27.48
C ASP C 464 20.37 -4.03 -26.23
N MET C 465 19.03 -4.08 -26.26
CA MET C 465 18.25 -4.57 -25.14
C MET C 465 18.58 -6.03 -24.83
N THR C 466 18.68 -6.86 -25.87
CA THR C 466 18.87 -8.29 -25.66
C THR C 466 20.32 -8.64 -25.38
N LEU C 467 21.25 -8.14 -26.21
CA LEU C 467 22.65 -8.53 -26.07
C LEU C 467 23.30 -7.99 -24.80
N ASN C 468 22.70 -6.98 -24.16
CA ASN C 468 23.30 -6.34 -22.99
C ASN C 468 22.39 -6.38 -21.76
N ASN C 469 21.44 -7.30 -21.73
CA ASN C 469 20.56 -7.38 -20.57
C ASN C 469 21.31 -8.00 -19.40
N PRO C 470 21.11 -7.48 -18.17
CA PRO C 470 21.83 -8.03 -17.02
C PRO C 470 21.45 -9.45 -16.65
N CYS C 471 20.31 -9.97 -17.13
CA CYS C 471 19.90 -11.31 -16.77
C CYS C 471 20.78 -12.40 -17.38
N TRP C 472 21.59 -12.06 -18.38
CA TRP C 472 22.46 -13.04 -19.01
C TRP C 472 23.75 -13.28 -18.24
N LYS C 473 24.10 -12.41 -17.30
CA LYS C 473 25.29 -12.56 -16.49
C LYS C 473 25.01 -13.17 -15.12
N LYS C 474 23.76 -13.44 -14.80
CA LYS C 474 23.37 -13.96 -13.49
C LYS C 474 22.94 -15.43 -13.58
N LEU C 475 23.52 -16.17 -14.51
CA LEU C 475 23.13 -17.54 -14.76
C LEU C 475 23.92 -18.56 -13.95
N GLN C 476 24.94 -18.13 -13.22
CA GLN C 476 25.73 -19.01 -12.36
C GLN C 476 25.56 -18.55 -10.92
N ALA C 477 25.13 -19.47 -10.07
CA ALA C 477 25.05 -19.17 -8.65
C ALA C 477 26.47 -19.01 -8.09
N PRO C 478 26.77 -17.92 -7.39
CA PRO C 478 28.15 -17.70 -6.93
C PRO C 478 28.60 -18.66 -5.85
N TRP C 479 27.74 -19.56 -5.38
CA TRP C 479 28.16 -20.65 -4.52
C TRP C 479 28.49 -21.91 -5.30
N GLU C 480 28.33 -21.88 -6.63
CA GLU C 480 28.68 -23.01 -7.47
C GLU C 480 29.98 -22.76 -8.21
N SER D 2 9.04 9.38 -38.66
CA SER D 2 10.24 9.92 -38.05
C SER D 2 10.46 9.35 -36.66
N GLN D 3 11.70 8.98 -36.35
CA GLN D 3 12.07 8.42 -35.06
C GLN D 3 13.02 9.36 -34.34
N GLN D 4 12.74 9.61 -33.07
CA GLN D 4 13.63 10.37 -32.21
C GLN D 4 14.45 9.38 -31.38
N VAL D 5 15.77 9.60 -31.33
CA VAL D 5 16.66 8.62 -30.72
C VAL D 5 16.41 8.51 -29.22
N ASP D 6 16.10 9.64 -28.58
CA ASP D 6 15.84 9.61 -27.14
C ASP D 6 14.57 8.82 -26.81
N LYS D 7 13.55 8.92 -27.67
CA LYS D 7 12.27 8.24 -27.47
C LYS D 7 11.94 7.46 -28.74
N ILE D 8 12.43 6.22 -28.81
CA ILE D 8 12.14 5.35 -29.94
C ILE D 8 10.80 4.68 -29.73
N LYS D 9 9.92 4.78 -30.72
CA LYS D 9 8.56 4.28 -30.62
C LYS D 9 8.44 2.95 -31.35
N ALA D 10 7.78 1.98 -30.70
CA ALA D 10 7.42 0.73 -31.36
C ALA D 10 6.23 0.99 -32.27
N SER D 11 5.63 -0.07 -32.82
CA SER D 11 4.53 0.08 -33.78
C SER D 11 3.44 1.00 -33.23
N TYR D 12 3.08 0.82 -31.97
CA TYR D 12 2.26 1.78 -31.24
C TYR D 12 3.14 2.58 -30.29
N PRO D 13 3.08 3.91 -30.31
CA PRO D 13 2.21 4.76 -31.12
C PRO D 13 2.91 5.36 -32.35
N LEU D 14 3.81 4.61 -33.00
CA LEU D 14 4.44 5.12 -34.21
C LEU D 14 3.43 5.29 -35.33
N PHE D 15 2.50 4.36 -35.46
CA PHE D 15 1.53 4.43 -36.55
C PHE D 15 0.37 5.38 -36.26
N LEU D 16 0.34 6.00 -35.09
CA LEU D 16 -0.60 7.07 -34.79
C LEU D 16 -0.08 8.44 -35.22
N ASP D 17 1.11 8.50 -35.80
CA ASP D 17 1.68 9.77 -36.23
C ASP D 17 0.93 10.32 -37.45
N GLN D 18 1.15 11.60 -37.73
CA GLN D 18 0.39 12.27 -38.78
C GLN D 18 0.75 11.75 -40.16
N ASP D 19 2.04 11.53 -40.42
CA ASP D 19 2.45 11.04 -41.74
C ASP D 19 1.90 9.64 -42.00
N TYR D 20 2.00 8.75 -41.01
CA TYR D 20 1.45 7.41 -41.17
C TYR D 20 -0.07 7.44 -41.29
N LYS D 21 -0.72 8.33 -40.54
CA LYS D 21 -2.17 8.47 -40.64
C LYS D 21 -2.57 8.91 -42.05
N ASP D 22 -1.87 9.89 -42.60
CA ASP D 22 -2.17 10.34 -43.96
C ASP D 22 -1.92 9.25 -44.98
N MET D 23 -0.82 8.51 -44.83
CA MET D 23 -0.52 7.42 -45.75
C MET D 23 -1.61 6.35 -45.71
N LEU D 24 -2.03 5.95 -44.52
CA LEU D 24 -3.07 4.94 -44.39
C LEU D 24 -4.41 5.43 -44.93
N ALA D 25 -4.74 6.70 -44.67
CA ALA D 25 -5.98 7.27 -45.21
C ALA D 25 -5.95 7.30 -46.73
N LYS D 26 -4.81 7.67 -47.32
CA LYS D 26 -4.70 7.66 -48.78
C LYS D 26 -4.86 6.25 -49.33
N LYS D 27 -4.21 5.27 -48.69
CA LYS D 27 -4.35 3.88 -49.14
C LYS D 27 -5.82 3.43 -49.09
N ARG D 28 -6.49 3.69 -47.97
CA ARG D 28 -7.88 3.27 -47.81
C ARG D 28 -8.79 3.94 -48.82
N ASP D 29 -8.64 5.26 -48.98
CA ASP D 29 -9.51 5.99 -49.90
C ASP D 29 -9.19 5.73 -51.35
N GLY D 30 -8.00 5.20 -51.65
CA GLY D 30 -7.63 4.98 -53.03
C GLY D 30 -7.83 3.58 -53.57
N PHE D 31 -7.35 2.56 -52.85
CA PHE D 31 -7.25 1.23 -53.44
C PHE D 31 -7.84 0.09 -52.61
N GLU D 32 -8.58 0.39 -51.55
CA GLU D 32 -9.17 -0.68 -50.75
C GLU D 32 -10.64 -0.94 -51.05
N GLU D 33 -11.33 0.00 -51.69
CA GLU D 33 -12.76 -0.11 -51.95
C GLU D 33 -13.54 -0.42 -50.68
N LYS D 34 -13.18 0.31 -49.61
CA LYS D 34 -13.77 0.07 -48.31
C LYS D 34 -15.23 0.49 -48.28
N TYR D 35 -16.01 -0.19 -47.43
CA TYR D 35 -17.37 0.22 -47.18
C TYR D 35 -17.39 1.54 -46.42
N PRO D 36 -18.45 2.33 -46.58
CA PRO D 36 -18.56 3.58 -45.81
C PRO D 36 -18.65 3.31 -44.32
N GLN D 37 -18.16 4.26 -43.53
CA GLN D 37 -18.05 4.06 -42.08
C GLN D 37 -19.42 3.91 -41.43
N ASP D 38 -20.42 4.65 -41.92
CA ASP D 38 -21.76 4.52 -41.35
C ASP D 38 -22.33 3.12 -41.58
N LYS D 39 -22.06 2.53 -42.75
CA LYS D 39 -22.47 1.15 -42.99
C LYS D 39 -21.80 0.19 -42.02
N ILE D 40 -20.51 0.41 -41.75
CA ILE D 40 -19.79 -0.45 -40.80
C ILE D 40 -20.39 -0.31 -39.41
N ASP D 41 -20.70 0.92 -38.99
CA ASP D 41 -21.31 1.13 -37.68
C ASP D 41 -22.67 0.46 -37.60
N GLU D 42 -23.47 0.56 -38.66
CA GLU D 42 -24.78 -0.10 -38.68
C GLU D 42 -24.63 -1.61 -38.59
N VAL D 43 -23.66 -2.18 -39.31
CA VAL D 43 -23.46 -3.63 -39.26
C VAL D 43 -23.02 -4.06 -37.87
N PHE D 44 -22.13 -3.29 -37.23
CA PHE D 44 -21.70 -3.61 -35.87
C PHE D 44 -22.88 -3.58 -34.90
N GLN D 45 -23.67 -2.50 -34.96
CA GLN D 45 -24.83 -2.39 -34.07
C GLN D 45 -25.81 -3.53 -34.30
N TRP D 46 -25.99 -3.93 -35.57
CA TRP D 46 -26.84 -5.08 -35.85
C TRP D 46 -26.27 -6.36 -35.26
N THR D 47 -24.95 -6.54 -35.36
CA THR D 47 -24.32 -7.72 -34.78
C THR D 47 -24.41 -7.74 -33.26
N THR D 48 -24.67 -6.59 -32.64
CA THR D 48 -24.88 -6.53 -31.20
C THR D 48 -26.33 -6.76 -30.78
N THR D 49 -27.21 -7.11 -31.71
CA THR D 49 -28.64 -7.17 -31.43
C THR D 49 -29.10 -8.58 -31.04
N LYS D 50 -30.38 -8.66 -30.64
CA LYS D 50 -30.99 -9.93 -30.26
C LYS D 50 -31.27 -10.80 -31.47
N GLU D 51 -31.74 -10.20 -32.57
CA GLU D 51 -32.00 -10.98 -33.78
C GLU D 51 -30.72 -11.60 -34.31
N TYR D 52 -29.61 -10.86 -34.22
CA TYR D 52 -28.33 -11.44 -34.59
C TYR D 52 -27.95 -12.59 -33.67
N GLN D 53 -28.32 -12.51 -32.39
CA GLN D 53 -28.10 -13.65 -31.49
C GLN D 53 -28.92 -14.85 -31.92
N GLU D 54 -30.17 -14.63 -32.34
CA GLU D 54 -30.99 -15.74 -32.83
C GLU D 54 -30.35 -16.38 -34.05
N LEU D 55 -29.89 -15.57 -35.00
CA LEU D 55 -29.23 -16.11 -36.19
C LEU D 55 -27.94 -16.82 -35.82
N ASN D 56 -27.18 -16.27 -34.86
CA ASN D 56 -25.93 -16.88 -34.43
C ASN D 56 -26.16 -18.25 -33.80
N PHE D 57 -27.18 -18.35 -32.95
CA PHE D 57 -27.50 -19.62 -32.31
C PHE D 57 -28.27 -20.57 -33.22
N GLN D 58 -28.71 -20.10 -34.39
CA GLN D 58 -29.25 -20.99 -35.40
C GLN D 58 -28.18 -21.69 -36.23
N ARG D 59 -26.91 -21.50 -35.88
CA ARG D 59 -25.83 -22.11 -36.64
C ARG D 59 -25.74 -23.61 -36.36
N GLU D 60 -25.51 -24.39 -37.42
CA GLU D 60 -25.15 -25.79 -37.24
C GLU D 60 -24.05 -26.29 -38.18
N ALA D 61 -23.52 -25.45 -39.06
CA ALA D 61 -22.47 -25.87 -39.98
C ALA D 61 -21.18 -25.07 -39.87
N LEU D 62 -21.21 -23.86 -39.31
CA LEU D 62 -20.05 -22.99 -39.21
C LEU D 62 -19.68 -22.78 -37.76
N THR D 63 -18.40 -22.92 -37.44
CA THR D 63 -17.87 -22.65 -36.12
C THR D 63 -16.95 -21.44 -36.19
N VAL D 64 -17.21 -20.43 -35.36
CA VAL D 64 -16.45 -19.19 -35.33
C VAL D 64 -15.79 -19.07 -33.96
N ASN D 65 -14.47 -18.99 -33.95
CA ASN D 65 -13.67 -18.87 -32.73
C ASN D 65 -13.93 -20.04 -31.80
N PRO D 66 -13.50 -21.26 -32.15
CA PRO D 66 -13.70 -22.40 -31.26
C PRO D 66 -12.86 -22.27 -29.99
N ALA D 67 -13.33 -22.94 -28.95
CA ALA D 67 -12.69 -22.91 -27.64
C ALA D 67 -12.16 -24.28 -27.24
N LYS D 68 -11.53 -24.97 -28.19
CA LYS D 68 -10.97 -26.30 -27.93
C LYS D 68 -9.87 -26.58 -28.94
N ALA D 69 -9.09 -27.61 -28.65
CA ALA D 69 -8.01 -28.07 -29.51
C ALA D 69 -8.25 -29.54 -29.88
N CYS D 70 -7.27 -30.16 -30.54
CA CYS D 70 -7.40 -31.52 -30.99
C CYS D 70 -6.65 -32.49 -30.07
N GLN D 71 -6.93 -33.78 -30.24
CA GLN D 71 -6.47 -34.82 -29.33
C GLN D 71 -4.95 -34.91 -29.19
N PRO D 72 -4.16 -34.88 -30.28
CA PRO D 72 -2.70 -35.06 -30.11
C PRO D 72 -2.05 -34.04 -29.20
N LEU D 73 -2.61 -32.84 -29.03
CA LEU D 73 -2.05 -31.89 -28.08
C LEU D 73 -2.13 -32.44 -26.65
N GLY D 74 -3.30 -32.94 -26.28
CA GLY D 74 -3.43 -33.57 -24.97
C GLY D 74 -2.59 -34.83 -24.84
N ALA D 75 -2.47 -35.59 -25.93
CA ALA D 75 -1.62 -36.77 -25.92
C ALA D 75 -0.17 -36.39 -25.64
N VAL D 76 0.32 -35.34 -26.28
CA VAL D 76 1.68 -34.87 -26.05
C VAL D 76 1.86 -34.39 -24.62
N LEU D 77 0.88 -33.64 -24.11
CA LEU D 77 0.97 -33.16 -22.73
C LEU D 77 1.02 -34.32 -21.74
N CYS D 78 0.20 -35.36 -21.98
CA CYS D 78 0.24 -36.53 -21.11
C CYS D 78 1.57 -37.27 -21.22
N ALA D 79 2.10 -37.41 -22.44
CA ALA D 79 3.35 -38.12 -22.63
C ALA D 79 4.53 -37.39 -22.01
N LEU D 80 4.48 -36.06 -21.98
CA LEU D 80 5.55 -35.27 -21.38
C LEU D 80 5.64 -35.47 -19.87
N GLY D 81 4.63 -36.06 -19.24
CA GLY D 81 4.59 -36.24 -17.81
C GLY D 81 5.33 -37.44 -17.26
N PHE D 82 6.00 -38.21 -18.11
CA PHE D 82 6.70 -39.42 -17.70
C PHE D 82 8.21 -39.24 -17.86
N GLU D 83 8.96 -39.99 -17.07
CA GLU D 83 10.40 -39.78 -16.98
C GLU D 83 11.09 -40.15 -18.28
N LYS D 84 11.86 -39.20 -18.82
CA LYS D 84 12.67 -39.41 -20.03
C LYS D 84 11.85 -39.98 -21.17
N THR D 85 10.65 -39.43 -21.37
CA THR D 85 9.73 -39.88 -22.41
C THR D 85 9.64 -38.82 -23.50
N MET D 86 9.86 -39.23 -24.75
CA MET D 86 9.73 -38.33 -25.87
C MET D 86 8.36 -38.50 -26.51
N PRO D 87 7.52 -37.47 -26.50
CA PRO D 87 6.22 -37.58 -27.19
C PRO D 87 6.41 -37.74 -28.69
N TYR D 88 5.99 -38.89 -29.20
CA TYR D 88 6.11 -39.21 -30.62
C TYR D 88 4.75 -39.03 -31.26
N VAL D 89 4.71 -38.33 -32.39
CA VAL D 89 3.47 -38.06 -33.11
C VAL D 89 3.58 -38.70 -34.48
N HIS D 90 2.65 -39.60 -34.80
CA HIS D 90 2.68 -40.34 -36.06
C HIS D 90 1.81 -39.61 -37.07
N GLY D 91 2.45 -38.94 -38.02
CA GLY D 91 1.72 -38.20 -39.04
C GLY D 91 2.50 -37.04 -39.63
N SER D 92 1.87 -35.88 -39.72
CA SER D 92 2.47 -34.71 -40.33
C SER D 92 3.25 -33.90 -39.32
N GLN D 93 4.27 -33.18 -39.81
CA GLN D 93 5.13 -32.36 -38.97
C GLN D 93 4.55 -30.99 -38.64
N GLY D 94 3.63 -30.50 -39.46
CA GLY D 94 2.98 -29.23 -39.15
C GLY D 94 2.19 -29.30 -37.87
N CYS D 95 1.57 -30.45 -37.60
CA CYS D 95 0.86 -30.64 -36.34
C CYS D 95 1.80 -30.51 -35.15
N VAL D 96 2.98 -31.13 -35.24
CA VAL D 96 3.96 -31.04 -34.16
C VAL D 96 4.45 -29.61 -34.00
N ALA D 97 4.71 -28.93 -35.11
CA ALA D 97 5.12 -27.53 -35.05
C ALA D 97 4.08 -26.69 -34.32
N TYR D 98 2.80 -26.89 -34.66
CA TYR D 98 1.73 -26.14 -34.03
C TYR D 98 1.63 -26.46 -32.54
N PHE D 99 1.74 -27.74 -32.17
CA PHE D 99 1.68 -28.12 -30.75
C PHE D 99 2.82 -27.47 -29.97
N ARG D 100 4.04 -27.53 -30.51
CA ARG D 100 5.18 -26.93 -29.82
C ARG D 100 5.03 -25.43 -29.71
N SER D 101 4.54 -24.77 -30.77
CA SER D 101 4.33 -23.33 -30.69
C SER D 101 3.29 -22.98 -29.63
N TYR D 102 2.19 -23.75 -29.58
CA TYR D 102 1.15 -23.51 -28.58
C TYR D 102 1.69 -23.63 -27.17
N PHE D 103 2.38 -24.74 -26.89
CA PHE D 103 2.85 -24.96 -25.52
C PHE D 103 4.03 -24.06 -25.18
N ASN D 104 4.83 -23.66 -26.16
CA ASN D 104 5.90 -22.69 -25.92
C ASN D 104 5.31 -21.33 -25.57
N ARG D 105 4.25 -20.92 -26.26
CA ARG D 105 3.64 -19.63 -25.94
C ARG D 105 2.94 -19.66 -24.59
N HIS D 106 2.31 -20.79 -24.23
CA HIS D 106 1.62 -20.83 -22.94
C HIS D 106 2.60 -20.96 -21.78
N PHE D 107 3.62 -21.81 -21.92
CA PHE D 107 4.51 -22.11 -20.81
C PHE D 107 5.80 -21.30 -20.81
N ARG D 108 6.16 -20.68 -21.93
CA ARG D 108 7.42 -19.96 -22.08
C ARG D 108 8.61 -20.86 -21.77
N GLU D 109 8.48 -22.13 -22.11
CA GLU D 109 9.46 -23.17 -21.86
C GLU D 109 9.60 -24.02 -23.12
N PRO D 110 10.78 -24.61 -23.35
CA PRO D 110 10.92 -25.52 -24.50
C PRO D 110 10.05 -26.75 -24.34
N VAL D 111 9.54 -27.23 -25.47
CA VAL D 111 8.71 -28.43 -25.52
C VAL D 111 9.30 -29.39 -26.54
N SER D 112 9.48 -30.64 -26.14
CA SER D 112 10.08 -31.66 -27.00
C SER D 112 8.99 -32.57 -27.54
N CYS D 113 8.81 -32.56 -28.86
CA CYS D 113 7.90 -33.47 -29.54
C CYS D 113 8.49 -33.80 -30.91
N VAL D 114 8.13 -34.96 -31.43
CA VAL D 114 8.75 -35.48 -32.64
C VAL D 114 7.68 -36.06 -33.56
N SER D 115 7.97 -36.07 -34.86
CA SER D 115 7.09 -36.62 -35.88
C SER D 115 7.89 -37.47 -36.86
N ASP D 116 7.17 -38.37 -37.54
CA ASP D 116 7.77 -39.18 -38.59
C ASP D 116 7.74 -38.49 -39.95
N SER D 117 7.16 -37.30 -40.04
CA SER D 117 7.13 -36.50 -41.27
C SER D 117 6.49 -37.29 -42.42
N MET D 118 5.23 -37.63 -42.23
CA MET D 118 4.50 -38.38 -43.24
C MET D 118 4.05 -37.48 -44.38
N THR D 119 4.14 -37.98 -45.60
CA THR D 119 3.94 -37.19 -46.81
C THR D 119 2.93 -37.96 -47.68
N GLU D 120 2.60 -37.40 -48.84
CA GLU D 120 1.61 -38.02 -49.74
C GLU D 120 1.99 -39.45 -50.11
N ASP D 121 3.29 -39.77 -50.13
CA ASP D 121 3.71 -41.14 -50.37
C ASP D 121 3.17 -42.07 -49.29
N ALA D 122 3.14 -41.61 -48.04
CA ALA D 122 2.54 -42.39 -46.97
C ALA D 122 1.04 -42.54 -47.16
N ALA D 123 0.38 -41.51 -47.72
CA ALA D 123 -1.03 -41.64 -48.03
C ALA D 123 -1.25 -42.71 -49.10
N VAL D 124 -0.35 -42.78 -50.08
CA VAL D 124 -0.47 -43.79 -51.13
C VAL D 124 -0.22 -45.18 -50.57
N PHE D 125 0.85 -45.35 -49.79
CA PHE D 125 1.28 -46.65 -49.32
C PHE D 125 0.99 -46.87 -47.83
N GLY D 126 1.52 -46.03 -46.96
CA GLY D 126 1.39 -46.23 -45.53
C GLY D 126 2.56 -45.62 -44.80
N GLY D 127 2.49 -45.70 -43.46
CA GLY D 127 3.50 -45.09 -42.62
C GLY D 127 4.42 -46.08 -41.93
N GLN D 128 4.57 -47.27 -42.51
CA GLN D 128 5.43 -48.29 -41.90
C GLN D 128 6.88 -47.82 -41.87
N GLN D 129 7.40 -47.41 -43.03
CA GLN D 129 8.79 -46.96 -43.10
C GLN D 129 9.00 -45.69 -42.28
N ASN D 130 8.01 -44.79 -42.31
CA ASN D 130 8.09 -43.60 -41.47
C ASN D 130 8.18 -43.98 -40.00
N MET D 131 7.34 -44.93 -39.56
CA MET D 131 7.38 -45.39 -38.18
C MET D 131 8.76 -45.93 -37.82
N LYS D 132 9.29 -46.84 -38.64
CA LYS D 132 10.57 -47.47 -38.32
C LYS D 132 11.69 -46.43 -38.27
N ASP D 133 11.79 -45.60 -39.32
CA ASP D 133 12.86 -44.62 -39.39
C ASP D 133 12.76 -43.60 -38.25
N GLY D 134 11.54 -43.14 -37.94
CA GLY D 134 11.37 -42.18 -36.87
C GLY D 134 11.73 -42.76 -35.52
N LEU D 135 11.31 -43.99 -35.25
CA LEU D 135 11.66 -44.62 -33.99
C LEU D 135 13.17 -44.77 -33.85
N GLN D 136 13.83 -45.27 -34.90
CA GLN D 136 15.28 -45.46 -34.83
C GLN D 136 16.00 -44.13 -34.64
N ASN D 137 15.61 -43.11 -35.41
CA ASN D 137 16.27 -41.82 -35.32
C ASN D 137 16.06 -41.18 -33.96
N CYS D 138 14.85 -41.24 -33.43
CA CYS D 138 14.57 -40.66 -32.12
C CYS D 138 15.37 -41.35 -31.04
N LYS D 139 15.39 -42.69 -31.04
CA LYS D 139 16.15 -43.41 -30.03
C LYS D 139 17.63 -43.13 -30.14
N ALA D 140 18.16 -43.05 -31.36
CA ALA D 140 19.58 -42.77 -31.53
C ALA D 140 19.94 -41.36 -31.05
N THR D 141 19.11 -40.37 -31.41
CA THR D 141 19.47 -38.99 -31.17
C THR D 141 19.20 -38.57 -29.73
N TYR D 142 17.94 -38.66 -29.29
CA TYR D 142 17.52 -38.01 -28.06
C TYR D 142 17.56 -38.94 -26.85
N LYS D 143 17.96 -40.19 -27.04
CA LYS D 143 18.15 -41.18 -25.98
C LYS D 143 16.99 -41.21 -24.98
N PRO D 144 15.76 -41.46 -25.44
CA PRO D 144 14.64 -41.51 -24.51
C PRO D 144 14.55 -42.86 -23.82
N ASP D 145 13.99 -42.84 -22.61
CA ASP D 145 13.73 -44.09 -21.91
C ASP D 145 12.53 -44.83 -22.50
N MET D 146 11.55 -44.09 -23.01
CA MET D 146 10.44 -44.69 -23.72
C MET D 146 9.88 -43.68 -24.70
N ILE D 147 9.13 -44.18 -25.69
CA ILE D 147 8.56 -43.37 -26.75
C ILE D 147 7.06 -43.60 -26.76
N ALA D 148 6.29 -42.52 -26.61
CA ALA D 148 4.84 -42.59 -26.62
C ALA D 148 4.33 -42.08 -27.97
N VAL D 149 3.58 -42.92 -28.68
CA VAL D 149 3.17 -42.65 -30.05
C VAL D 149 1.71 -42.23 -30.07
N SER D 150 1.43 -41.12 -30.75
CA SER D 150 0.07 -40.67 -31.02
C SER D 150 -0.03 -40.33 -32.51
N THR D 151 -1.26 -40.29 -33.00
CA THR D 151 -1.52 -40.13 -34.43
C THR D 151 -2.21 -38.80 -34.71
N THR D 152 -1.90 -38.22 -35.86
CA THR D 152 -2.62 -37.06 -36.36
C THR D 152 -3.86 -37.52 -37.12
N CYS D 153 -4.63 -36.55 -37.62
CA CYS D 153 -5.83 -36.90 -38.39
C CYS D 153 -5.47 -37.63 -39.68
N MET D 154 -4.32 -37.31 -40.29
CA MET D 154 -3.92 -37.96 -41.52
C MET D 154 -3.70 -39.45 -41.30
N ALA D 155 -3.00 -39.82 -40.22
CA ALA D 155 -2.72 -41.22 -39.96
C ALA D 155 -3.98 -42.01 -39.65
N GLU D 156 -4.95 -41.39 -38.99
CA GLU D 156 -6.19 -42.07 -38.63
C GLU D 156 -7.18 -42.13 -39.78
N VAL D 157 -7.11 -41.20 -40.74
CA VAL D 157 -8.00 -41.28 -41.90
C VAL D 157 -7.58 -42.45 -42.80
N ILE D 158 -6.29 -42.63 -43.01
CA ILE D 158 -5.80 -43.70 -43.88
C ILE D 158 -5.71 -45.00 -43.10
N GLY D 159 -6.14 -44.98 -41.85
CA GLY D 159 -6.25 -46.19 -41.05
C GLY D 159 -4.96 -46.90 -40.73
N ASP D 160 -3.94 -46.16 -40.30
CA ASP D 160 -2.68 -46.77 -39.91
C ASP D 160 -2.88 -47.68 -38.69
N ASP D 161 -2.15 -48.79 -38.67
CA ASP D 161 -2.21 -49.77 -37.58
C ASP D 161 -0.95 -49.60 -36.74
N LEU D 162 -1.08 -48.89 -35.61
CA LEU D 162 0.08 -48.57 -34.79
C LEU D 162 0.71 -49.82 -34.19
N ASN D 163 -0.11 -50.76 -33.71
CA ASN D 163 0.41 -51.95 -33.05
C ASN D 163 1.26 -52.77 -34.01
N ALA D 164 0.75 -53.02 -35.22
CA ALA D 164 1.51 -53.78 -36.20
C ALA D 164 2.78 -53.05 -36.59
N PHE D 165 2.71 -51.73 -36.76
CA PHE D 165 3.89 -50.96 -37.15
C PHE D 165 4.97 -51.05 -36.09
N ILE D 166 4.59 -50.90 -34.81
CA ILE D 166 5.57 -50.94 -33.73
C ILE D 166 6.14 -52.34 -33.57
N ASN D 167 5.29 -53.37 -33.69
CA ASN D 167 5.77 -54.74 -33.59
C ASN D 167 6.76 -55.06 -34.71
N ASN D 168 6.46 -54.60 -35.93
CA ASN D 168 7.39 -54.81 -37.04
C ASN D 168 8.69 -54.04 -36.83
N SER D 169 8.61 -52.82 -36.29
CA SER D 169 9.81 -52.05 -36.01
C SER D 169 10.69 -52.76 -34.99
N LYS D 170 10.08 -53.34 -33.95
CA LYS D 170 10.85 -54.13 -32.99
C LYS D 170 11.37 -55.42 -33.61
N LYS D 171 10.66 -55.96 -34.60
CA LYS D 171 11.04 -57.24 -35.17
C LYS D 171 12.29 -57.13 -36.03
N GLU D 172 12.43 -56.03 -36.77
CA GLU D 172 13.53 -55.87 -37.72
C GLU D 172 14.66 -55.00 -37.18
N GLY D 173 14.80 -54.93 -35.86
CA GLY D 173 15.97 -54.33 -35.25
C GLY D 173 16.01 -52.81 -35.24
N PHE D 174 14.93 -52.14 -35.67
CA PHE D 174 14.93 -50.68 -35.65
C PHE D 174 14.95 -50.15 -34.21
N ILE D 175 14.25 -50.82 -33.30
CA ILE D 175 14.32 -50.50 -31.88
C ILE D 175 14.48 -51.81 -31.11
N PRO D 176 15.11 -51.79 -29.94
CA PRO D 176 15.21 -53.02 -29.15
C PRO D 176 13.83 -53.55 -28.77
N ASP D 177 13.72 -54.88 -28.69
CA ASP D 177 12.45 -55.51 -28.38
C ASP D 177 11.97 -55.13 -26.97
N GLU D 178 12.90 -54.86 -26.07
CA GLU D 178 12.57 -54.51 -24.69
C GLU D 178 12.30 -53.02 -24.52
N PHE D 179 12.47 -52.21 -25.55
CA PHE D 179 12.25 -50.78 -25.44
C PHE D 179 10.75 -50.50 -25.33
N PRO D 180 10.29 -49.81 -24.30
CA PRO D 180 8.85 -49.58 -24.14
C PRO D 180 8.36 -48.50 -25.11
N VAL D 181 7.41 -48.87 -25.96
CA VAL D 181 6.82 -47.94 -26.92
C VAL D 181 5.30 -48.00 -26.79
N PRO D 182 4.72 -47.38 -25.77
CA PRO D 182 3.26 -47.30 -25.69
C PRO D 182 2.70 -46.45 -26.82
N PHE D 183 1.47 -46.77 -27.23
CA PHE D 183 0.80 -46.05 -28.31
C PHE D 183 -0.65 -45.82 -27.94
N ALA D 184 -1.25 -44.83 -28.60
CA ALA D 184 -2.66 -44.52 -28.43
C ALA D 184 -3.17 -43.84 -29.69
N HIS D 185 -4.42 -44.12 -30.03
CA HIS D 185 -5.06 -43.52 -31.20
C HIS D 185 -5.74 -42.23 -30.77
N THR D 186 -5.41 -41.13 -31.45
CA THR D 186 -5.92 -39.80 -31.10
C THR D 186 -6.53 -39.16 -32.33
N PRO D 187 -7.73 -39.59 -32.73
CA PRO D 187 -8.39 -38.97 -33.88
C PRO D 187 -8.80 -37.53 -33.56
N SER D 188 -8.42 -36.61 -34.45
CA SER D 188 -8.71 -35.20 -34.22
C SER D 188 -10.15 -34.83 -34.53
N PHE D 189 -10.90 -35.71 -35.20
CA PHE D 189 -12.30 -35.47 -35.47
C PHE D 189 -13.22 -35.97 -34.36
N VAL D 190 -12.65 -36.48 -33.27
CA VAL D 190 -13.41 -36.97 -32.13
C VAL D 190 -12.91 -36.27 -30.88
N GLY D 191 -13.83 -35.65 -30.14
CA GLY D 191 -13.47 -35.08 -28.84
C GLY D 191 -12.57 -33.86 -28.99
N SER D 192 -11.68 -33.69 -28.02
CA SER D 192 -10.78 -32.55 -27.98
C SER D 192 -9.48 -33.00 -27.33
N HIS D 193 -8.66 -32.03 -26.91
CA HIS D 193 -7.35 -32.35 -26.35
C HIS D 193 -7.46 -33.18 -25.07
N VAL D 194 -8.53 -32.98 -24.29
CA VAL D 194 -8.72 -33.76 -23.08
C VAL D 194 -8.95 -35.24 -23.42
N THR D 195 -9.66 -35.52 -24.52
CA THR D 195 -9.82 -36.89 -24.96
C THR D 195 -8.49 -37.50 -25.37
N GLY D 196 -7.62 -36.70 -26.01
CA GLY D 196 -6.29 -37.19 -26.35
C GLY D 196 -5.46 -37.50 -25.12
N TRP D 197 -5.54 -36.65 -24.11
CA TRP D 197 -4.85 -36.93 -22.85
C TRP D 197 -5.33 -38.24 -22.24
N ASP D 198 -6.65 -38.42 -22.21
CA ASP D 198 -7.22 -39.66 -21.66
C ASP D 198 -6.74 -40.87 -22.44
N ASN D 199 -6.76 -40.78 -23.78
CA ASN D 199 -6.35 -41.89 -24.61
C ASN D 199 -4.87 -42.23 -24.42
N MET D 200 -4.02 -41.22 -24.34
CA MET D 200 -2.59 -41.46 -24.16
C MET D 200 -2.31 -42.10 -22.80
N PHE D 201 -2.92 -41.59 -21.73
CA PHE D 201 -2.71 -42.21 -20.43
C PHE D 201 -3.25 -43.63 -20.40
N GLU D 202 -4.40 -43.86 -21.05
CA GLU D 202 -4.94 -45.21 -21.16
C GLU D 202 -3.97 -46.14 -21.85
N GLY D 203 -3.39 -45.70 -22.97
CA GLY D 203 -2.45 -46.55 -23.68
C GLY D 203 -1.21 -46.85 -22.88
N ILE D 204 -0.66 -45.85 -22.21
CA ILE D 204 0.55 -46.06 -21.41
C ILE D 204 0.28 -47.03 -20.25
N ALA D 205 -0.84 -46.81 -19.54
CA ALA D 205 -1.17 -47.68 -18.42
C ALA D 205 -1.42 -49.11 -18.90
N ARG D 206 -2.12 -49.27 -20.02
CA ARG D 206 -2.34 -50.60 -20.56
C ARG D 206 -1.02 -51.28 -20.91
N TYR D 207 -0.15 -50.56 -21.62
CA TYR D 207 1.15 -51.10 -21.99
C TYR D 207 1.93 -51.57 -20.77
N PHE D 208 1.90 -50.80 -19.69
CA PHE D 208 2.71 -51.15 -18.53
C PHE D 208 2.04 -52.11 -17.55
N THR D 209 0.73 -52.36 -17.66
CA THR D 209 0.05 -53.16 -16.64
C THR D 209 -0.77 -54.33 -17.16
N LEU D 210 -1.21 -54.35 -18.41
CA LEU D 210 -2.25 -55.30 -18.81
C LEU D 210 -1.79 -56.76 -18.70
N LYS D 211 -0.56 -57.04 -19.13
CA LYS D 211 -0.09 -58.42 -19.19
C LYS D 211 0.60 -58.88 -17.91
N SER D 212 0.64 -58.06 -16.87
CA SER D 212 1.35 -58.39 -15.63
C SER D 212 0.47 -58.13 -14.42
N MET D 213 -0.76 -58.64 -14.47
CA MET D 213 -1.71 -58.50 -13.36
C MET D 213 -1.86 -59.79 -12.55
N ASP D 214 -0.93 -60.73 -12.72
CA ASP D 214 -1.00 -61.99 -11.98
C ASP D 214 -0.36 -61.90 -10.60
N ASP D 215 0.62 -61.03 -10.42
CA ASP D 215 1.30 -60.86 -9.14
C ASP D 215 0.87 -59.59 -8.42
N LYS D 216 -0.26 -59.00 -8.80
CA LYS D 216 -0.71 -57.73 -8.26
C LYS D 216 -1.78 -57.97 -7.20
N VAL D 217 -1.62 -57.31 -6.05
CA VAL D 217 -2.60 -57.35 -4.97
C VAL D 217 -2.91 -55.91 -4.58
N VAL D 218 -4.20 -55.58 -4.48
CA VAL D 218 -4.62 -54.21 -4.21
C VAL D 218 -4.21 -53.83 -2.79
N GLY D 219 -3.56 -52.67 -2.65
CA GLY D 219 -3.13 -52.19 -1.36
C GLY D 219 -1.79 -52.71 -0.90
N SER D 220 -1.03 -53.39 -1.76
CA SER D 220 0.26 -53.93 -1.35
C SER D 220 1.26 -52.84 -1.02
N ASN D 221 1.31 -51.79 -1.84
CA ASN D 221 2.27 -50.71 -1.65
C ASN D 221 1.78 -49.64 -0.69
N LYS D 222 0.54 -49.73 -0.20
CA LYS D 222 -0.02 -48.79 0.76
C LYS D 222 0.04 -47.36 0.23
N LYS D 223 -0.29 -47.18 -1.05
CA LYS D 223 -0.24 -45.89 -1.70
C LYS D 223 -1.53 -45.64 -2.46
N ILE D 224 -1.75 -44.37 -2.81
CA ILE D 224 -2.92 -43.93 -3.57
C ILE D 224 -2.42 -43.30 -4.87
N ASN D 225 -3.05 -43.66 -5.98
CA ASN D 225 -2.67 -43.13 -7.27
C ASN D 225 -3.52 -41.91 -7.63
N ILE D 226 -2.86 -40.88 -8.12
CA ILE D 226 -3.53 -39.64 -8.52
C ILE D 226 -3.31 -39.46 -10.02
N VAL D 227 -4.41 -39.37 -10.77
CA VAL D 227 -4.39 -39.07 -12.19
C VAL D 227 -4.89 -37.64 -12.36
N PRO D 228 -4.02 -36.68 -12.69
CA PRO D 228 -4.46 -35.27 -12.72
C PRO D 228 -5.22 -34.88 -13.96
N GLY D 229 -5.08 -35.61 -15.06
CA GLY D 229 -5.72 -35.21 -16.29
C GLY D 229 -4.99 -34.07 -16.98
N PHE D 230 -5.65 -33.51 -17.99
CA PHE D 230 -5.09 -32.40 -18.74
C PHE D 230 -4.99 -31.18 -17.84
N GLU D 231 -3.78 -30.84 -17.41
CA GLU D 231 -3.54 -29.72 -16.51
C GLU D 231 -2.48 -28.80 -17.09
N THR D 232 -2.73 -27.50 -17.00
CA THR D 232 -1.78 -26.50 -17.48
C THR D 232 -1.40 -25.51 -16.38
N TYR D 233 -1.74 -25.79 -15.12
CA TYR D 233 -1.32 -25.00 -13.98
C TYR D 233 -0.35 -25.84 -13.17
N LEU D 234 0.91 -25.39 -13.09
CA LEU D 234 1.91 -26.11 -12.33
C LEU D 234 1.55 -26.15 -10.84
N GLY D 235 1.00 -25.05 -10.34
CA GLY D 235 0.60 -25.01 -8.94
C GLY D 235 -0.40 -26.08 -8.56
N ASN D 236 -1.15 -26.59 -9.54
CA ASN D 236 -2.07 -27.69 -9.25
C ASN D 236 -1.31 -28.94 -8.86
N PHE D 237 -0.30 -29.32 -9.64
CA PHE D 237 0.55 -30.45 -9.27
C PHE D 237 1.22 -30.19 -7.93
N ARG D 238 1.76 -28.98 -7.74
CA ARG D 238 2.44 -28.67 -6.49
C ARG D 238 1.51 -28.79 -5.29
N VAL D 239 0.29 -28.27 -5.41
CA VAL D 239 -0.63 -28.27 -4.27
C VAL D 239 -1.12 -29.68 -3.98
N ILE D 240 -1.35 -30.48 -5.02
CA ILE D 240 -1.77 -31.87 -4.78
C ILE D 240 -0.67 -32.63 -4.05
N LYS D 241 0.57 -32.49 -4.53
CA LYS D 241 1.69 -33.15 -3.87
C LYS D 241 1.87 -32.67 -2.44
N ARG D 242 1.77 -31.35 -2.22
CA ARG D 242 1.96 -30.79 -0.89
C ARG D 242 0.89 -31.26 0.07
N MET D 243 -0.38 -31.24 -0.35
CA MET D 243 -1.46 -31.68 0.52
C MET D 243 -1.34 -33.16 0.84
N LEU D 244 -1.03 -33.98 -0.16
CA LEU D 244 -0.92 -35.42 0.09
C LEU D 244 0.26 -35.73 1.01
N SER D 245 1.40 -35.06 0.83
CA SER D 245 2.53 -35.28 1.71
C SER D 245 2.24 -34.77 3.12
N GLU D 246 1.53 -33.65 3.24
CA GLU D 246 1.23 -33.09 4.54
C GLU D 246 0.20 -33.93 5.29
N MET D 247 -0.65 -34.66 4.55
CA MET D 247 -1.57 -35.61 5.17
C MET D 247 -0.89 -36.89 5.63
N GLY D 248 0.36 -37.11 5.23
CA GLY D 248 1.03 -38.35 5.57
C GLY D 248 0.63 -39.53 4.72
N VAL D 249 0.20 -39.28 3.48
CA VAL D 249 -0.29 -40.32 2.59
C VAL D 249 0.76 -40.59 1.51
N GLY D 250 1.13 -41.86 1.37
CA GLY D 250 1.93 -42.26 0.22
C GLY D 250 1.12 -42.14 -1.06
N TYR D 251 1.66 -41.44 -2.04
CA TYR D 251 0.96 -41.19 -3.29
C TYR D 251 1.86 -41.50 -4.47
N SER D 252 1.22 -41.88 -5.58
CA SER D 252 1.92 -42.15 -6.83
C SER D 252 1.25 -41.28 -7.90
N LEU D 253 1.81 -40.10 -8.10
CA LEU D 253 1.22 -39.12 -9.02
C LEU D 253 1.67 -39.43 -10.43
N LEU D 254 0.79 -40.05 -11.20
CA LEU D 254 1.10 -40.50 -12.55
C LEU D 254 0.98 -39.35 -13.53
N SER D 255 1.87 -39.34 -14.54
CA SER D 255 1.90 -38.31 -15.58
C SER D 255 2.10 -36.92 -14.99
N ASP D 256 3.28 -36.74 -14.39
CA ASP D 256 3.69 -35.46 -13.84
C ASP D 256 4.61 -34.72 -14.81
N PRO D 257 4.11 -33.72 -15.53
CA PRO D 257 4.99 -32.90 -16.38
C PRO D 257 5.58 -31.72 -15.61
N GLU D 258 5.54 -31.80 -14.28
CA GLU D 258 5.90 -30.67 -13.43
C GLU D 258 7.31 -30.17 -13.71
N GLU D 259 8.30 -31.06 -13.63
CA GLU D 259 9.68 -30.61 -13.65
C GLU D 259 10.12 -30.19 -15.05
N VAL D 260 9.64 -30.88 -16.09
CA VAL D 260 10.06 -30.58 -17.45
C VAL D 260 9.54 -29.23 -17.93
N LEU D 261 8.45 -28.73 -17.34
CA LEU D 261 7.88 -27.45 -17.73
C LEU D 261 8.36 -26.29 -16.88
N ASP D 262 9.21 -26.54 -15.88
CA ASP D 262 9.73 -25.50 -15.00
C ASP D 262 11.22 -25.70 -14.80
N THR D 263 11.94 -26.01 -15.87
CA THR D 263 13.37 -26.21 -15.78
C THR D 263 14.08 -24.90 -15.43
N PRO D 264 15.00 -24.94 -14.47
CA PRO D 264 15.71 -23.72 -14.08
C PRO D 264 16.72 -23.27 -15.14
N ALA D 265 17.10 -22.01 -15.03
CA ALA D 265 18.08 -21.40 -15.93
C ALA D 265 19.43 -21.42 -15.24
N ASP D 266 20.33 -22.28 -15.71
CA ASP D 266 21.66 -22.42 -15.11
C ASP D 266 22.75 -22.53 -16.17
N GLY D 267 22.49 -22.08 -17.39
CA GLY D 267 23.47 -22.11 -18.45
C GLY D 267 23.48 -23.36 -19.30
N GLN D 268 22.63 -24.35 -19.00
CA GLN D 268 22.55 -25.57 -19.77
C GLN D 268 21.09 -25.93 -20.02
N PHE D 269 20.86 -26.67 -21.10
CA PHE D 269 19.52 -27.07 -21.51
C PHE D 269 19.27 -28.52 -21.10
N ARG D 270 18.14 -28.75 -20.43
CA ARG D 270 17.74 -30.09 -19.99
C ARG D 270 16.48 -30.48 -20.75
N MET D 271 16.62 -31.45 -21.66
CA MET D 271 15.47 -31.94 -22.41
C MET D 271 14.49 -32.66 -21.49
N TYR D 272 15.00 -33.48 -20.58
CA TYR D 272 14.17 -34.27 -19.67
C TYR D 272 14.38 -33.82 -18.24
N ALA D 273 13.31 -33.88 -17.44
CA ALA D 273 13.37 -33.54 -16.03
C ALA D 273 12.14 -34.09 -15.33
N GLY D 274 12.36 -34.78 -14.21
CA GLY D 274 11.26 -35.30 -13.43
C GLY D 274 10.45 -36.35 -14.18
N GLY D 275 9.16 -36.38 -13.90
CA GLY D 275 8.25 -37.29 -14.57
C GLY D 275 8.06 -38.59 -13.81
N THR D 276 6.94 -39.25 -14.11
CA THR D 276 6.64 -40.53 -13.49
C THR D 276 7.59 -41.60 -14.02
N THR D 277 8.10 -42.44 -13.11
CA THR D 277 9.00 -43.51 -13.46
C THR D 277 8.23 -44.74 -13.93
N GLN D 278 8.91 -45.59 -14.70
CA GLN D 278 8.29 -46.82 -15.17
C GLN D 278 8.00 -47.77 -14.03
N GLU D 279 8.82 -47.75 -12.97
CA GLU D 279 8.53 -48.57 -11.79
C GLU D 279 7.22 -48.16 -11.14
N GLU D 280 6.96 -46.85 -11.07
CA GLU D 280 5.69 -46.38 -10.53
C GLU D 280 4.52 -46.87 -11.37
N MET D 281 4.65 -46.80 -12.69
CA MET D 281 3.56 -47.26 -13.56
C MET D 281 3.32 -48.76 -13.42
N LYS D 282 4.40 -49.54 -13.28
CA LYS D 282 4.25 -50.98 -13.11
C LYS D 282 3.67 -51.32 -11.74
N ASP D 283 4.01 -50.55 -10.71
CA ASP D 283 3.53 -50.81 -9.36
C ASP D 283 2.16 -50.21 -9.09
N ALA D 284 1.65 -49.38 -10.01
CA ALA D 284 0.34 -48.76 -9.83
C ALA D 284 -0.80 -49.73 -9.51
N PRO D 285 -0.93 -50.90 -10.14
CA PRO D 285 -2.04 -51.80 -9.77
C PRO D 285 -1.99 -52.28 -8.33
N ASN D 286 -0.85 -52.17 -7.65
CA ASN D 286 -0.74 -52.58 -6.26
C ASN D 286 -1.22 -51.52 -5.28
N ALA D 287 -1.64 -50.36 -5.77
CA ALA D 287 -2.09 -49.29 -4.89
C ALA D 287 -3.46 -49.62 -4.29
N LEU D 288 -3.79 -48.93 -3.19
CA LEU D 288 -5.08 -49.12 -2.55
C LEU D 288 -6.22 -48.72 -3.47
N ASN D 289 -6.06 -47.61 -4.17
CA ASN D 289 -7.12 -47.07 -5.04
C ASN D 289 -6.47 -46.07 -5.99
N THR D 290 -7.28 -45.53 -6.90
CA THR D 290 -6.87 -44.50 -7.83
C THR D 290 -7.88 -43.37 -7.80
N VAL D 291 -7.39 -42.13 -7.75
CA VAL D 291 -8.23 -40.95 -7.69
C VAL D 291 -8.03 -40.16 -8.98
N LEU D 292 -9.13 -39.84 -9.65
CA LEU D 292 -9.11 -39.04 -10.87
C LEU D 292 -9.48 -37.61 -10.52
N LEU D 293 -8.55 -36.67 -10.72
CA LEU D 293 -8.79 -35.29 -10.34
C LEU D 293 -9.83 -34.63 -11.24
N GLN D 294 -9.91 -35.03 -12.50
CA GLN D 294 -10.88 -34.51 -13.46
C GLN D 294 -11.62 -35.70 -14.07
N PRO D 295 -12.65 -36.21 -13.39
CA PRO D 295 -13.31 -37.43 -13.86
C PRO D 295 -14.06 -37.26 -15.18
N TRP D 296 -14.35 -36.04 -15.61
CA TRP D 296 -15.20 -35.83 -16.78
C TRP D 296 -14.45 -35.90 -18.10
N HIS D 297 -13.13 -36.14 -18.08
CA HIS D 297 -12.42 -36.47 -19.30
C HIS D 297 -11.46 -37.63 -19.06
N LEU D 298 -11.75 -38.47 -18.08
CA LEU D 298 -10.98 -39.67 -17.78
C LEU D 298 -11.89 -40.89 -17.75
N GLU D 299 -12.81 -40.98 -18.72
CA GLU D 299 -13.76 -42.09 -18.74
C GLU D 299 -13.08 -43.38 -19.17
N LYS D 300 -12.24 -43.34 -20.20
CA LYS D 300 -11.52 -44.53 -20.63
C LYS D 300 -10.55 -45.01 -19.55
N THR D 301 -9.84 -44.07 -18.92
CA THR D 301 -8.94 -44.42 -17.82
C THR D 301 -9.72 -45.03 -16.66
N LYS D 302 -10.89 -44.46 -16.34
CA LYS D 302 -11.71 -45.01 -15.27
C LYS D 302 -12.17 -46.43 -15.61
N LYS D 303 -12.60 -46.65 -16.85
CA LYS D 303 -13.01 -48.00 -17.26
C LYS D 303 -11.87 -48.99 -17.12
N PHE D 304 -10.67 -48.60 -17.56
CA PHE D 304 -9.52 -49.50 -17.47
C PHE D 304 -9.17 -49.81 -16.03
N VAL D 305 -9.07 -48.78 -15.18
CA VAL D 305 -8.62 -49.00 -13.82
C VAL D 305 -9.68 -49.74 -13.00
N GLU D 306 -10.96 -49.58 -13.34
CA GLU D 306 -12.01 -50.31 -12.64
C GLU D 306 -12.21 -51.72 -13.18
N GLY D 307 -11.75 -51.98 -14.41
CA GLY D 307 -11.91 -53.30 -14.99
C GLY D 307 -10.67 -54.17 -14.92
N THR D 308 -9.49 -53.54 -15.01
CA THR D 308 -8.23 -54.27 -15.01
C THR D 308 -7.50 -54.17 -13.67
N TRP D 309 -7.26 -52.95 -13.19
CA TRP D 309 -6.59 -52.78 -11.90
C TRP D 309 -7.46 -53.18 -10.72
N LYS D 310 -8.77 -53.36 -10.93
CA LYS D 310 -9.71 -53.72 -9.87
C LYS D 310 -9.67 -52.72 -8.72
N HIS D 311 -9.66 -51.44 -9.06
CA HIS D 311 -9.70 -50.36 -8.09
C HIS D 311 -11.08 -49.73 -8.06
N GLU D 312 -11.64 -49.59 -6.86
CA GLU D 312 -12.94 -48.94 -6.69
C GLU D 312 -12.73 -47.44 -6.67
N VAL D 313 -12.69 -46.85 -7.86
CA VAL D 313 -12.41 -45.42 -8.00
C VAL D 313 -13.56 -44.62 -7.41
N PRO D 314 -13.31 -43.70 -6.49
CA PRO D 314 -14.41 -42.93 -5.88
C PRO D 314 -15.04 -41.98 -6.87
N LYS D 315 -16.31 -41.67 -6.62
CA LYS D 315 -17.05 -40.68 -7.42
C LYS D 315 -16.82 -39.32 -6.79
N LEU D 316 -15.71 -38.69 -7.16
CA LEU D 316 -15.33 -37.40 -6.64
C LEU D 316 -15.34 -36.35 -7.74
N ASN D 317 -15.72 -35.13 -7.37
CA ASN D 317 -15.60 -34.00 -8.27
C ASN D 317 -14.18 -33.42 -8.20
N ILE D 318 -13.90 -32.49 -9.10
CA ILE D 318 -12.57 -31.87 -9.10
C ILE D 318 -12.37 -31.09 -7.81
N PRO D 319 -11.22 -31.23 -7.13
CA PRO D 319 -11.03 -30.53 -5.85
C PRO D 319 -10.86 -29.03 -6.04
N MET D 320 -11.90 -28.36 -6.52
CA MET D 320 -11.92 -26.91 -6.66
C MET D 320 -12.95 -26.35 -5.69
N GLY D 321 -12.51 -25.46 -4.80
CA GLY D 321 -13.40 -24.83 -3.86
C GLY D 321 -13.51 -25.58 -2.55
N LEU D 322 -14.24 -24.95 -1.62
CA LEU D 322 -14.32 -25.44 -0.25
C LEU D 322 -14.92 -26.84 -0.18
N ASP D 323 -16.13 -27.00 -0.70
CA ASP D 323 -16.86 -28.25 -0.53
C ASP D 323 -16.13 -29.41 -1.18
N TRP D 324 -15.66 -29.22 -2.41
CA TRP D 324 -15.06 -30.32 -3.15
C TRP D 324 -13.65 -30.63 -2.63
N THR D 325 -12.91 -29.61 -2.18
CA THR D 325 -11.65 -29.90 -1.51
C THR D 325 -11.88 -30.69 -0.23
N ASP D 326 -12.93 -30.33 0.53
CA ASP D 326 -13.26 -31.08 1.74
C ASP D 326 -13.58 -32.53 1.42
N GLU D 327 -14.43 -32.76 0.42
CA GLU D 327 -14.80 -34.13 0.07
C GLU D 327 -13.60 -34.93 -0.41
N PHE D 328 -12.73 -34.31 -1.22
CA PHE D 328 -11.52 -34.99 -1.67
C PHE D 328 -10.63 -35.36 -0.49
N LEU D 329 -10.46 -34.45 0.46
CA LEU D 329 -9.61 -34.73 1.62
C LEU D 329 -10.20 -35.84 2.48
N MET D 330 -11.51 -35.83 2.71
CA MET D 330 -12.13 -36.90 3.49
C MET D 330 -12.00 -38.25 2.77
N LYS D 331 -12.18 -38.27 1.45
CA LYS D 331 -12.06 -39.53 0.74
C LYS D 331 -10.63 -40.05 0.78
N VAL D 332 -9.64 -39.16 0.63
CA VAL D 332 -8.24 -39.58 0.72
C VAL D 332 -7.95 -40.11 2.12
N SER D 333 -8.44 -39.43 3.15
CA SER D 333 -8.23 -39.88 4.52
C SER D 333 -8.86 -41.25 4.76
N GLU D 334 -10.07 -41.46 4.24
CA GLU D 334 -10.75 -42.75 4.42
C GLU D 334 -10.02 -43.87 3.71
N ILE D 335 -9.52 -43.61 2.49
CA ILE D 335 -8.80 -44.65 1.76
C ILE D 335 -7.48 -44.97 2.43
N SER D 336 -6.73 -43.95 2.81
CA SER D 336 -5.41 -44.16 3.39
C SER D 336 -5.44 -44.48 4.88
N GLY D 337 -6.49 -44.07 5.59
CA GLY D 337 -6.56 -44.26 7.01
C GLY D 337 -5.86 -43.20 7.84
N GLN D 338 -5.28 -42.18 7.21
CA GLN D 338 -4.56 -41.09 7.84
C GLN D 338 -5.52 -39.94 8.17
N PRO D 339 -5.45 -39.40 9.38
CA PRO D 339 -6.34 -38.28 9.73
C PRO D 339 -5.88 -36.99 9.04
N ILE D 340 -6.81 -36.04 8.99
CA ILE D 340 -6.57 -34.75 8.36
C ILE D 340 -5.75 -33.87 9.31
N PRO D 341 -4.61 -33.34 8.88
CA PRO D 341 -3.75 -32.59 9.80
C PRO D 341 -4.37 -31.24 10.17
N ALA D 342 -3.92 -30.71 11.30
CA ALA D 342 -4.44 -29.44 11.80
C ALA D 342 -4.06 -28.28 10.89
N SER D 343 -2.93 -28.38 10.19
CA SER D 343 -2.51 -27.30 9.29
C SER D 343 -3.46 -27.15 8.12
N LEU D 344 -3.97 -28.26 7.58
CA LEU D 344 -4.97 -28.18 6.51
C LEU D 344 -6.26 -27.54 7.03
N THR D 345 -6.65 -27.86 8.26
CA THR D 345 -7.80 -27.21 8.86
C THR D 345 -7.58 -25.71 9.00
N LYS D 346 -6.36 -25.31 9.41
CA LYS D 346 -6.04 -23.89 9.51
C LYS D 346 -6.10 -23.21 8.15
N GLU D 347 -5.62 -23.90 7.10
CA GLU D 347 -5.69 -23.34 5.75
C GLU D 347 -7.13 -23.17 5.31
N ARG D 348 -7.99 -24.15 5.61
CA ARG D 348 -9.41 -24.03 5.29
C ARG D 348 -10.03 -22.85 6.05
N GLY D 349 -9.67 -22.69 7.32
CA GLY D 349 -10.17 -21.57 8.08
C GLY D 349 -9.73 -20.24 7.51
N ARG D 350 -8.49 -20.17 7.01
CA ARG D 350 -8.02 -18.95 6.37
C ARG D 350 -8.78 -18.66 5.09
N LEU D 351 -9.09 -19.70 4.32
CA LEU D 351 -9.93 -19.51 3.14
C LEU D 351 -11.31 -18.97 3.51
N VAL D 352 -11.91 -19.53 4.57
CA VAL D 352 -13.21 -19.05 5.03
C VAL D 352 -13.12 -17.61 5.50
N ASP D 353 -12.02 -17.25 6.15
CA ASP D 353 -11.82 -15.88 6.60
C ASP D 353 -11.75 -14.92 5.42
N MET D 354 -11.01 -15.29 4.37
CA MET D 354 -10.97 -14.46 3.17
C MET D 354 -12.34 -14.34 2.53
N MET D 355 -13.11 -15.44 2.52
CA MET D 355 -14.46 -15.39 1.99
C MET D 355 -15.33 -14.40 2.75
N THR D 356 -15.25 -14.45 4.08
CA THR D 356 -16.01 -13.52 4.90
C THR D 356 -15.55 -12.08 4.69
N ASP D 357 -14.27 -11.88 4.40
CA ASP D 357 -13.76 -10.54 4.16
C ASP D 357 -14.24 -9.97 2.84
N SER D 358 -14.32 -10.80 1.79
CA SER D 358 -14.60 -10.32 0.45
C SER D 358 -16.03 -10.56 -0.02
N HIS D 359 -16.90 -11.16 0.82
CA HIS D 359 -18.26 -11.45 0.38
C HIS D 359 -19.03 -10.20 0.00
N THR D 360 -18.75 -9.06 0.65
CA THR D 360 -19.49 -7.84 0.37
C THR D 360 -19.31 -7.40 -1.09
N TRP D 361 -18.07 -7.42 -1.57
CA TRP D 361 -17.82 -7.08 -2.97
C TRP D 361 -18.19 -8.21 -3.91
N LEU D 362 -18.04 -9.47 -3.48
CA LEU D 362 -18.29 -10.59 -4.39
C LEU D 362 -19.78 -10.82 -4.64
N HIS D 363 -20.64 -10.41 -3.72
CA HIS D 363 -22.06 -10.75 -3.83
C HIS D 363 -22.72 -10.03 -5.01
N GLY D 364 -23.56 -10.76 -5.74
CA GLY D 364 -24.39 -10.20 -6.79
C GLY D 364 -23.74 -10.05 -8.14
N LYS D 365 -22.46 -10.39 -8.28
CA LYS D 365 -21.76 -10.18 -9.55
C LYS D 365 -22.09 -11.29 -10.54
N ARG D 366 -22.33 -10.90 -11.78
CA ARG D 366 -22.70 -11.82 -12.86
C ARG D 366 -21.47 -12.15 -13.68
N PHE D 367 -21.22 -13.45 -13.89
CA PHE D 367 -20.02 -13.92 -14.57
C PHE D 367 -20.39 -14.78 -15.77
N ALA D 368 -19.66 -14.61 -16.87
CA ALA D 368 -19.72 -15.49 -18.02
C ALA D 368 -18.38 -16.19 -18.16
N LEU D 369 -18.38 -17.52 -18.16
CA LEU D 369 -17.16 -18.29 -18.09
C LEU D 369 -17.20 -19.44 -19.09
N TRP D 370 -16.01 -19.93 -19.44
CA TRP D 370 -15.88 -21.04 -20.38
C TRP D 370 -14.54 -21.72 -20.16
N GLY D 371 -14.39 -22.91 -20.72
CA GLY D 371 -13.18 -23.67 -20.60
C GLY D 371 -13.47 -25.16 -20.64
N ASP D 372 -12.60 -25.94 -20.02
CA ASP D 372 -12.76 -27.38 -19.97
C ASP D 372 -13.88 -27.76 -19.02
N PRO D 373 -14.47 -28.95 -19.19
CA PRO D 373 -15.64 -29.32 -18.36
C PRO D 373 -15.37 -29.29 -16.85
N ASP D 374 -14.35 -30.00 -16.38
CA ASP D 374 -14.10 -30.08 -14.95
C ASP D 374 -13.73 -28.73 -14.37
N PHE D 375 -12.87 -27.98 -15.07
CA PHE D 375 -12.48 -26.65 -14.61
C PHE D 375 -13.68 -25.72 -14.56
N VAL D 376 -14.53 -25.75 -15.59
CA VAL D 376 -15.71 -24.91 -15.62
C VAL D 376 -16.65 -25.26 -14.47
N MET D 377 -16.85 -26.55 -14.22
CA MET D 377 -17.73 -26.96 -13.14
C MET D 377 -17.20 -26.53 -11.78
N GLY D 378 -15.89 -26.69 -11.56
CA GLY D 378 -15.30 -26.25 -10.31
C GLY D 378 -15.42 -24.74 -10.13
N LEU D 379 -15.19 -23.98 -11.21
CA LEU D 379 -15.35 -22.53 -11.14
C LEU D 379 -16.79 -22.15 -10.82
N VAL D 380 -17.75 -22.83 -11.43
CA VAL D 380 -19.17 -22.55 -11.16
C VAL D 380 -19.49 -22.85 -9.70
N LYS D 381 -18.99 -23.97 -9.18
CA LYS D 381 -19.23 -24.31 -7.78
C LYS D 381 -18.63 -23.25 -6.86
N PHE D 382 -17.39 -22.82 -7.13
CA PHE D 382 -16.76 -21.81 -6.28
C PHE D 382 -17.49 -20.49 -6.34
N LEU D 383 -17.96 -20.09 -7.54
CA LEU D 383 -18.73 -18.86 -7.66
C LEU D 383 -20.05 -18.96 -6.89
N LEU D 384 -20.70 -20.13 -6.93
CA LEU D 384 -21.92 -20.32 -6.17
C LEU D 384 -21.67 -20.26 -4.67
N GLU D 385 -20.49 -20.71 -4.22
CA GLU D 385 -20.14 -20.57 -2.81
C GLU D 385 -19.70 -19.15 -2.45
N LEU D 386 -19.38 -18.32 -3.43
CA LEU D 386 -18.96 -16.95 -3.19
C LEU D 386 -20.09 -15.95 -3.27
N GLY D 387 -21.32 -16.39 -3.54
CA GLY D 387 -22.43 -15.50 -3.69
C GLY D 387 -22.54 -14.83 -5.05
N CYS D 388 -21.76 -15.27 -6.03
CA CYS D 388 -21.83 -14.72 -7.38
C CYS D 388 -22.76 -15.56 -8.24
N GLU D 389 -23.43 -14.90 -9.19
CA GLU D 389 -24.32 -15.59 -10.11
C GLU D 389 -23.62 -15.81 -11.44
N PRO D 390 -23.24 -17.03 -11.79
CA PRO D 390 -22.87 -17.30 -13.18
C PRO D 390 -24.11 -17.24 -14.06
N VAL D 391 -23.97 -16.61 -15.23
CA VAL D 391 -25.08 -16.41 -16.15
C VAL D 391 -24.87 -17.18 -17.45
N HIS D 392 -23.68 -17.10 -18.02
CA HIS D 392 -23.37 -17.76 -19.29
C HIS D 392 -22.24 -18.75 -19.06
N ILE D 393 -22.58 -20.02 -18.91
CA ILE D 393 -21.62 -21.10 -18.75
C ILE D 393 -21.50 -21.82 -20.08
N LEU D 394 -20.30 -21.81 -20.66
CA LEU D 394 -20.05 -22.38 -21.97
C LEU D 394 -18.97 -23.44 -21.88
N CYS D 395 -19.13 -24.51 -22.65
CA CYS D 395 -18.12 -25.56 -22.72
C CYS D 395 -18.21 -26.18 -24.11
N HIS D 396 -17.24 -25.88 -24.97
CA HIS D 396 -17.31 -26.35 -26.36
C HIS D 396 -17.18 -27.87 -26.44
N ASN D 397 -16.35 -28.46 -25.59
CA ASN D 397 -16.10 -29.90 -25.61
C ASN D 397 -16.91 -30.65 -24.56
N GLY D 398 -18.03 -30.09 -24.11
CA GLY D 398 -18.88 -30.75 -23.14
C GLY D 398 -19.98 -31.57 -23.78
N ASN D 399 -20.54 -32.49 -23.01
CA ASN D 399 -21.60 -33.37 -23.46
C ASN D 399 -22.85 -33.15 -22.61
N LYS D 400 -23.87 -33.96 -22.86
CA LYS D 400 -25.17 -33.77 -22.21
C LYS D 400 -25.17 -34.22 -20.76
N ARG D 401 -24.41 -35.27 -20.42
CA ARG D 401 -24.33 -35.71 -19.03
C ARG D 401 -23.68 -34.65 -18.15
N TRP D 402 -22.59 -34.04 -18.63
CA TRP D 402 -21.95 -32.96 -17.90
C TRP D 402 -22.88 -31.77 -17.76
N LYS D 403 -23.65 -31.47 -18.81
CA LYS D 403 -24.61 -30.37 -18.74
C LYS D 403 -25.68 -30.66 -17.68
N LYS D 404 -26.15 -31.90 -17.61
CA LYS D 404 -27.13 -32.26 -16.59
C LYS D 404 -26.54 -32.15 -15.19
N ALA D 405 -25.30 -32.57 -15.01
CA ALA D 405 -24.65 -32.43 -13.71
C ALA D 405 -24.51 -30.96 -13.31
N VAL D 406 -24.13 -30.11 -14.26
CA VAL D 406 -23.99 -28.68 -13.97
C VAL D 406 -25.35 -28.07 -13.67
N ASP D 407 -26.41 -28.54 -14.36
CA ASP D 407 -27.76 -28.06 -14.07
C ASP D 407 -28.18 -28.45 -12.66
N ALA D 408 -27.84 -29.67 -12.24
CA ALA D 408 -28.14 -30.07 -10.86
C ALA D 408 -27.39 -29.21 -9.86
N ILE D 409 -26.11 -28.91 -10.14
CA ILE D 409 -25.33 -28.04 -9.26
C ILE D 409 -25.95 -26.66 -9.18
N LEU D 410 -26.42 -26.12 -10.31
CA LEU D 410 -27.02 -24.80 -10.32
C LEU D 410 -28.37 -24.78 -9.62
N ALA D 411 -29.12 -25.89 -9.71
CA ALA D 411 -30.38 -25.99 -8.98
C ALA D 411 -30.15 -26.10 -7.48
N ALA D 412 -29.01 -26.67 -7.08
CA ALA D 412 -28.72 -26.79 -5.66
C ALA D 412 -28.50 -25.45 -4.96
N SER D 413 -28.30 -24.37 -5.71
CA SER D 413 -27.98 -23.08 -5.11
C SER D 413 -28.93 -22.00 -5.61
N PRO D 414 -29.33 -21.07 -4.73
CA PRO D 414 -30.20 -19.96 -5.18
C PRO D 414 -29.52 -19.03 -6.17
N TYR D 415 -28.20 -19.00 -6.24
CA TYR D 415 -27.48 -18.11 -7.14
C TYR D 415 -27.34 -18.66 -8.55
N GLY D 416 -27.83 -19.88 -8.80
CA GLY D 416 -27.79 -20.45 -10.12
C GLY D 416 -29.11 -20.33 -10.86
N LYS D 417 -29.97 -19.43 -10.39
CA LYS D 417 -31.30 -19.28 -10.99
C LYS D 417 -31.21 -18.66 -12.37
N ASN D 418 -30.31 -17.69 -12.57
CA ASN D 418 -30.19 -16.98 -13.83
C ASN D 418 -29.14 -17.58 -14.75
N ALA D 419 -28.72 -18.82 -14.50
CA ALA D 419 -27.67 -19.45 -15.29
C ALA D 419 -28.26 -20.29 -16.41
N THR D 420 -27.45 -20.48 -17.46
CA THR D 420 -27.80 -21.36 -18.56
C THR D 420 -26.52 -21.97 -19.09
N VAL D 421 -26.51 -23.28 -19.30
CA VAL D 421 -25.32 -24.02 -19.68
C VAL D 421 -25.38 -24.30 -21.18
N TYR D 422 -24.28 -23.99 -21.88
CA TYR D 422 -24.18 -24.19 -23.32
C TYR D 422 -23.09 -25.22 -23.61
N ILE D 423 -23.40 -26.17 -24.49
CA ILE D 423 -22.44 -27.16 -24.95
C ILE D 423 -22.43 -27.13 -26.47
N GLY D 424 -21.25 -27.30 -27.05
CA GLY D 424 -21.11 -27.23 -28.50
C GLY D 424 -21.20 -25.85 -29.08
N LYS D 425 -20.93 -24.82 -28.28
CA LYS D 425 -20.97 -23.44 -28.72
C LYS D 425 -19.59 -22.81 -28.60
N ASP D 426 -19.32 -21.85 -29.48
CA ASP D 426 -18.02 -21.21 -29.58
C ASP D 426 -18.10 -19.78 -29.03
N LEU D 427 -17.00 -19.05 -29.17
CA LEU D 427 -16.88 -17.74 -28.55
C LEU D 427 -17.69 -16.66 -29.26
N TRP D 428 -18.10 -16.89 -30.52
CA TRP D 428 -19.03 -15.97 -31.16
C TRP D 428 -20.39 -16.01 -30.46
N HIS D 429 -20.83 -17.21 -30.06
CA HIS D 429 -22.04 -17.33 -29.26
C HIS D 429 -21.89 -16.57 -27.94
N LEU D 430 -20.72 -16.68 -27.31
CA LEU D 430 -20.48 -15.97 -26.06
C LEU D 430 -20.48 -14.45 -26.27
N ARG D 431 -19.94 -13.99 -27.39
CA ARG D 431 -19.98 -12.57 -27.72
C ARG D 431 -21.43 -12.10 -27.86
N SER D 432 -22.25 -12.88 -28.56
CA SER D 432 -23.66 -12.53 -28.67
C SER D 432 -24.33 -12.51 -27.30
N LEU D 433 -24.01 -13.48 -26.45
CA LEU D 433 -24.61 -13.55 -25.12
C LEU D 433 -24.23 -12.35 -24.27
N VAL D 434 -22.94 -11.98 -24.27
CA VAL D 434 -22.50 -10.86 -23.45
C VAL D 434 -22.99 -9.53 -24.02
N PHE D 435 -23.32 -9.49 -25.32
CA PHE D 435 -23.97 -8.31 -25.85
C PHE D 435 -25.46 -8.25 -25.48
N THR D 436 -26.11 -9.41 -25.38
CA THR D 436 -27.55 -9.44 -25.10
C THR D 436 -27.85 -9.41 -23.61
N ASP D 437 -27.22 -10.30 -22.84
CA ASP D 437 -27.39 -10.37 -21.39
C ASP D 437 -26.01 -10.07 -20.78
N LYS D 438 -25.76 -8.80 -20.53
CA LYS D 438 -24.42 -8.34 -20.17
C LYS D 438 -24.02 -8.82 -18.78
N PRO D 439 -22.91 -9.55 -18.65
CA PRO D 439 -22.38 -9.89 -17.32
C PRO D 439 -21.37 -8.85 -16.85
N ASP D 440 -21.10 -8.89 -15.54
CA ASP D 440 -20.12 -7.99 -14.96
C ASP D 440 -18.72 -8.31 -15.46
N PHE D 441 -18.36 -9.58 -15.53
CA PHE D 441 -17.01 -9.98 -15.88
C PHE D 441 -17.04 -11.27 -16.69
N MET D 442 -15.95 -11.53 -17.40
CA MET D 442 -15.74 -12.76 -18.14
C MET D 442 -14.52 -13.48 -17.59
N ILE D 443 -14.65 -14.79 -17.42
CA ILE D 443 -13.54 -15.64 -16.96
C ILE D 443 -13.22 -16.63 -18.08
N GLY D 444 -11.97 -16.66 -18.48
CA GLY D 444 -11.58 -17.54 -19.56
C GLY D 444 -10.14 -17.35 -19.95
N ASN D 445 -9.81 -17.77 -21.16
CA ASN D 445 -8.44 -17.72 -21.66
C ASN D 445 -8.21 -16.38 -22.37
N SER D 446 -7.08 -16.28 -23.08
CA SER D 446 -6.70 -15.04 -23.74
C SER D 446 -7.58 -14.71 -24.94
N TYR D 447 -8.45 -15.62 -25.37
CA TYR D 447 -9.29 -15.38 -26.54
C TYR D 447 -10.49 -14.49 -26.23
N GLY D 448 -10.73 -14.15 -24.97
CA GLY D 448 -11.80 -13.24 -24.61
C GLY D 448 -11.46 -11.77 -24.71
N LYS D 449 -10.20 -11.44 -24.97
CA LYS D 449 -9.81 -10.04 -25.13
C LYS D 449 -10.46 -9.43 -26.37
N PHE D 450 -10.69 -10.24 -27.41
CA PHE D 450 -11.41 -9.75 -28.59
C PHE D 450 -12.86 -9.42 -28.25
N ILE D 451 -13.50 -10.25 -27.43
CA ILE D 451 -14.85 -9.96 -26.97
C ILE D 451 -14.87 -8.68 -26.15
N GLN D 452 -13.88 -8.52 -25.27
CA GLN D 452 -13.79 -7.28 -24.49
C GLN D 452 -13.60 -6.07 -25.40
N ARG D 453 -12.79 -6.20 -26.44
CA ARG D 453 -12.61 -5.13 -27.41
C ARG D 453 -13.91 -4.78 -28.11
N ASP D 454 -14.68 -5.80 -28.51
CA ASP D 454 -15.97 -5.55 -29.16
C ASP D 454 -16.92 -4.83 -28.21
N THR D 455 -16.98 -5.27 -26.95
CA THR D 455 -17.86 -4.62 -25.98
C THR D 455 -17.44 -3.18 -25.73
N LEU D 456 -16.13 -2.92 -25.68
CA LEU D 456 -15.66 -1.55 -25.55
C LEU D 456 -16.02 -0.71 -26.76
N HIS D 457 -15.95 -1.31 -27.96
CA HIS D 457 -16.36 -0.59 -29.16
C HIS D 457 -17.83 -0.21 -29.11
N LYS D 458 -18.67 -1.10 -28.56
CA LYS D 458 -20.08 -0.74 -28.39
C LYS D 458 -20.22 0.45 -27.43
N GLY D 459 -19.44 0.46 -26.36
CA GLY D 459 -19.50 1.54 -25.39
C GLY D 459 -18.77 1.21 -24.10
N LYS D 460 -18.33 2.24 -23.38
CA LYS D 460 -17.63 2.01 -22.13
C LYS D 460 -18.52 1.34 -21.10
N GLU D 461 -19.79 1.76 -21.03
CA GLU D 461 -20.73 1.17 -20.08
C GLU D 461 -21.17 -0.23 -20.49
N PHE D 462 -20.85 -0.68 -21.70
CA PHE D 462 -21.12 -2.04 -22.12
C PHE D 462 -19.88 -2.94 -22.03
N GLU D 463 -18.77 -2.44 -21.51
CA GLU D 463 -17.53 -3.19 -21.50
C GLU D 463 -17.57 -4.30 -20.46
N VAL D 464 -17.18 -5.50 -20.86
CA VAL D 464 -17.09 -6.65 -19.95
C VAL D 464 -15.63 -7.03 -19.78
N PRO D 465 -14.99 -6.70 -18.66
CA PRO D 465 -13.58 -7.03 -18.48
C PRO D 465 -13.35 -8.54 -18.44
N LEU D 466 -12.17 -8.93 -18.92
CA LEU D 466 -11.79 -10.34 -19.01
C LEU D 466 -10.87 -10.70 -17.84
N ILE D 467 -11.28 -11.69 -17.06
CA ILE D 467 -10.45 -12.26 -16.01
C ILE D 467 -9.80 -13.52 -16.57
N ARG D 468 -8.47 -13.53 -16.62
CA ARG D 468 -7.73 -14.56 -17.35
C ARG D 468 -7.47 -15.75 -16.42
N ILE D 469 -8.37 -16.73 -16.47
CA ILE D 469 -8.18 -18.02 -15.80
C ILE D 469 -8.55 -19.11 -16.78
N GLY D 470 -7.63 -20.06 -16.99
CA GLY D 470 -7.86 -21.13 -17.93
C GLY D 470 -6.68 -21.43 -18.82
N PHE D 471 -6.95 -21.89 -20.05
CA PHE D 471 -5.90 -22.25 -20.99
C PHE D 471 -6.43 -22.02 -22.41
N PRO D 472 -5.61 -21.46 -23.31
CA PRO D 472 -4.25 -20.97 -23.09
C PRO D 472 -4.19 -19.48 -22.76
N ILE D 473 -3.21 -19.07 -21.96
CA ILE D 473 -2.99 -17.66 -21.64
C ILE D 473 -1.73 -17.23 -22.38
N PHE D 474 -1.89 -16.34 -23.35
CA PHE D 474 -0.79 -15.91 -24.20
C PHE D 474 -0.34 -14.48 -23.96
N ASP D 475 -1.23 -13.60 -23.50
CA ASP D 475 -0.93 -12.19 -23.35
C ASP D 475 -0.49 -11.81 -21.94
N ARG D 476 -0.33 -12.79 -21.05
CA ARG D 476 0.18 -12.55 -19.71
C ARG D 476 1.34 -13.50 -19.44
N HIS D 477 2.25 -13.07 -18.57
CA HIS D 477 3.45 -13.82 -18.27
C HIS D 477 3.32 -14.52 -16.91
N HIS D 478 3.69 -15.80 -16.87
CA HIS D 478 3.87 -16.59 -15.66
C HIS D 478 2.57 -16.88 -14.93
N LEU D 479 1.41 -16.69 -15.57
CA LEU D 479 0.16 -17.12 -14.95
C LEU D 479 0.06 -18.64 -14.88
N HIS D 480 0.82 -19.36 -15.70
CA HIS D 480 0.82 -20.82 -15.66
C HIS D 480 1.40 -21.37 -14.36
N ARG D 481 2.11 -20.55 -13.59
CA ARG D 481 2.65 -20.97 -12.31
C ARG D 481 1.64 -20.88 -11.18
N SER D 482 0.44 -20.39 -11.45
CA SER D 482 -0.58 -20.23 -10.42
C SER D 482 -1.22 -21.57 -10.10
N THR D 483 -2.16 -21.54 -9.16
CA THR D 483 -2.87 -22.73 -8.70
C THR D 483 -4.37 -22.50 -8.77
N THR D 484 -5.11 -23.56 -9.06
CA THR D 484 -6.55 -23.52 -9.06
C THR D 484 -7.20 -24.59 -8.18
N LEU D 485 -6.47 -25.62 -7.79
CA LEU D 485 -7.00 -26.72 -6.99
C LEU D 485 -6.77 -26.45 -5.51
N GLY D 486 -7.67 -26.98 -4.68
CA GLY D 486 -7.49 -26.92 -3.25
C GLY D 486 -7.71 -25.53 -2.67
N TYR D 487 -7.41 -25.44 -1.37
CA TYR D 487 -7.61 -24.19 -0.65
C TYR D 487 -6.74 -23.07 -1.20
N GLU D 488 -5.47 -23.36 -1.52
CA GLU D 488 -4.57 -22.33 -2.02
C GLU D 488 -5.06 -21.77 -3.35
N GLY D 489 -5.47 -22.65 -4.26
CA GLY D 489 -6.04 -22.19 -5.51
C GLY D 489 -7.31 -21.41 -5.30
N ALA D 490 -8.11 -21.81 -4.30
CA ALA D 490 -9.31 -21.06 -3.98
C ALA D 490 -8.99 -19.64 -3.52
N MET D 491 -7.98 -19.49 -2.66
CA MET D 491 -7.59 -18.14 -2.23
C MET D 491 -7.08 -17.32 -3.40
N GLN D 492 -6.27 -17.92 -4.27
CA GLN D 492 -5.75 -17.17 -5.42
C GLN D 492 -6.88 -16.72 -6.34
N ILE D 493 -7.84 -17.61 -6.61
CA ILE D 493 -8.97 -17.24 -7.47
C ILE D 493 -9.81 -16.15 -6.81
N LEU D 494 -10.06 -16.27 -5.50
CA LEU D 494 -10.82 -15.25 -4.79
C LEU D 494 -10.12 -13.90 -4.83
N THR D 495 -8.80 -13.89 -4.62
CA THR D 495 -8.06 -12.64 -4.66
C THR D 495 -8.12 -12.02 -6.04
N THR D 496 -7.94 -12.84 -7.09
CA THR D 496 -8.01 -12.32 -8.45
C THR D 496 -9.39 -11.72 -8.73
N LEU D 497 -10.45 -12.43 -8.34
CA LEU D 497 -11.80 -11.94 -8.58
C LEU D 497 -12.05 -10.61 -7.88
N VAL D 498 -11.76 -10.55 -6.57
CA VAL D 498 -12.07 -9.35 -5.80
C VAL D 498 -11.20 -8.18 -6.26
N ASN D 499 -9.94 -8.44 -6.62
CA ASN D 499 -9.09 -7.36 -7.07
C ASN D 499 -9.49 -6.87 -8.45
N SER D 500 -9.96 -7.76 -9.33
CA SER D 500 -10.49 -7.30 -10.61
C SER D 500 -11.73 -6.44 -10.41
N ILE D 501 -12.62 -6.84 -9.50
CA ILE D 501 -13.81 -6.05 -9.22
C ILE D 501 -13.42 -4.66 -8.71
N LEU D 502 -12.48 -4.62 -7.76
CA LEU D 502 -12.07 -3.34 -7.19
C LEU D 502 -11.33 -2.48 -8.20
N GLU D 503 -10.54 -3.10 -9.09
CA GLU D 503 -9.88 -2.33 -10.14
C GLU D 503 -10.89 -1.73 -11.11
N ARG D 504 -11.92 -2.49 -11.47
CA ARG D 504 -12.99 -1.93 -12.31
C ARG D 504 -13.68 -0.77 -11.61
N LEU D 505 -13.97 -0.92 -10.32
CA LEU D 505 -14.62 0.16 -9.58
C LEU D 505 -13.73 1.40 -9.52
N ASP D 506 -12.43 1.22 -9.31
CA ASP D 506 -11.50 2.35 -9.28
C ASP D 506 -11.42 3.02 -10.64
N GLU D 507 -11.41 2.23 -11.71
CA GLU D 507 -11.41 2.79 -13.06
C GLU D 507 -12.67 3.61 -13.31
N GLU D 508 -13.80 3.14 -12.81
CA GLU D 508 -15.07 3.84 -13.03
C GLU D 508 -15.27 5.05 -12.12
N THR D 509 -14.37 5.28 -11.16
CA THR D 509 -14.54 6.35 -10.18
C THR D 509 -13.37 7.34 -10.21
N ARG D 510 -12.56 7.33 -11.26
CA ARG D 510 -11.35 8.14 -11.31
C ARG D 510 -11.56 9.50 -11.96
N GLY D 511 -12.78 9.84 -12.38
CA GLY D 511 -13.04 11.10 -13.02
C GLY D 511 -13.27 12.24 -12.05
N MET D 512 -12.45 13.29 -12.15
CA MET D 512 -12.57 14.44 -11.25
C MET D 512 -13.92 15.13 -11.42
N GLN D 513 -14.56 15.43 -10.29
CA GLN D 513 -15.76 16.25 -10.23
C GLN D 513 -16.94 15.60 -10.96
N ALA D 514 -16.74 14.39 -11.48
CA ALA D 514 -17.81 13.66 -12.15
C ALA D 514 -18.19 12.38 -11.40
N THR D 515 -17.23 11.49 -11.15
CA THR D 515 -17.48 10.25 -10.42
C THR D 515 -16.47 10.01 -9.31
N ASP D 516 -15.67 11.00 -8.94
CA ASP D 516 -14.62 10.81 -7.96
C ASP D 516 -15.11 10.87 -6.51
N TYR D 517 -16.41 11.12 -6.30
CA TYR D 517 -16.94 11.08 -4.94
C TYR D 517 -16.86 9.69 -4.34
N ASN D 518 -16.84 8.65 -5.17
CA ASN D 518 -16.76 7.27 -4.71
C ASN D 518 -15.37 6.69 -4.87
N HIS D 519 -14.36 7.51 -5.15
CA HIS D 519 -12.97 7.07 -5.26
C HIS D 519 -12.39 6.94 -3.85
N ASP D 520 -12.90 5.96 -3.12
CA ASP D 520 -12.56 5.79 -1.71
C ASP D 520 -11.17 5.18 -1.57
N LEU D 521 -10.42 5.68 -0.58
CA LEU D 521 -9.12 5.10 -0.27
C LEU D 521 -9.26 3.71 0.33
N VAL D 522 -10.29 3.50 1.14
CA VAL D 522 -10.51 2.24 1.84
C VAL D 522 -11.67 1.50 1.18
N ARG D 523 -11.43 0.24 0.81
CA ARG D 523 -12.47 -0.59 0.21
C ARG D 523 -12.61 -1.91 0.95
N MET E 3 -11.96 46.93 35.09
CA MET E 3 -11.14 45.81 35.55
C MET E 3 -9.71 45.92 35.02
N ARG E 4 -8.75 45.88 35.93
CA ARG E 4 -7.34 45.91 35.58
C ARG E 4 -6.71 44.55 35.88
N GLN E 5 -6.08 43.96 34.87
CA GLN E 5 -5.44 42.66 35.00
C GLN E 5 -3.93 42.86 35.00
N CYS E 6 -3.28 42.44 36.07
CA CYS E 6 -1.84 42.64 36.25
C CYS E 6 -1.15 41.30 36.43
N ALA E 7 0.09 41.22 35.95
CA ALA E 7 0.91 40.03 36.05
C ALA E 7 2.22 40.37 36.75
N ILE E 8 2.58 39.57 37.74
CA ILE E 8 3.80 39.75 38.53
C ILE E 8 4.80 38.68 38.10
N TYR E 9 5.95 39.11 37.60
CA TYR E 9 7.00 38.21 37.14
C TYR E 9 8.30 38.49 37.90
N GLY E 10 9.27 37.61 37.69
CA GLY E 10 10.55 37.69 38.36
C GLY E 10 11.11 36.29 38.57
N LYS E 11 11.87 36.13 39.65
CA LYS E 11 12.41 34.85 40.05
C LYS E 11 11.72 34.36 41.31
N GLY E 12 12.00 33.10 41.67
CA GLY E 12 11.53 32.57 42.92
C GLY E 12 12.41 33.01 44.08
N GLY E 13 11.78 33.34 45.20
CA GLY E 13 12.48 33.75 46.39
C GLY E 13 12.76 35.23 46.51
N ILE E 14 12.54 36.01 45.44
CA ILE E 14 12.74 37.45 45.52
C ILE E 14 11.69 38.08 46.44
N GLY E 15 10.48 37.55 46.43
CA GLY E 15 9.40 38.14 47.19
C GLY E 15 8.19 38.46 46.33
N LYS E 16 8.09 37.73 45.20
CA LYS E 16 6.98 37.95 44.25
C LYS E 16 5.69 37.77 45.02
N SER E 17 5.41 36.54 45.43
CA SER E 17 4.17 36.26 46.20
C SER E 17 4.08 37.26 47.35
N THR E 18 4.93 37.11 48.35
CA THR E 18 4.85 37.95 49.56
C THR E 18 4.37 39.35 49.25
N THR E 19 5.13 40.06 48.45
CA THR E 19 4.85 41.46 48.13
C THR E 19 3.51 41.60 47.43
N THR E 20 3.19 40.67 46.53
CA THR E 20 1.88 40.72 45.86
C THR E 20 0.75 40.59 46.87
N GLN E 21 0.88 39.66 47.83
CA GLN E 21 -0.21 39.42 48.78
C GLN E 21 -0.42 40.63 49.68
N ASN E 22 0.67 41.21 50.21
CA ASN E 22 0.50 42.42 51.01
C ASN E 22 -0.03 43.58 50.17
N LEU E 23 0.41 43.66 48.91
CA LEU E 23 -0.09 44.70 48.01
C LEU E 23 -1.60 44.62 47.85
N VAL E 24 -2.12 43.43 47.55
CA VAL E 24 -3.56 43.30 47.30
C VAL E 24 -4.34 43.40 48.61
N ALA E 25 -3.75 42.99 49.74
CA ALA E 25 -4.41 43.19 51.02
C ALA E 25 -4.58 44.68 51.31
N ALA E 26 -3.51 45.46 51.14
CA ALA E 26 -3.60 46.90 51.34
C ALA E 26 -4.57 47.53 50.35
N LEU E 27 -4.56 47.06 49.09
CA LEU E 27 -5.47 47.60 48.09
C LEU E 27 -6.92 47.34 48.48
N ALA E 28 -7.21 46.15 49.01
CA ALA E 28 -8.55 45.87 49.50
C ALA E 28 -8.90 46.73 50.70
N GLU E 29 -7.90 47.06 51.54
CA GLU E 29 -8.16 47.96 52.66
C GLU E 29 -8.63 49.33 52.19
N MET E 30 -8.23 49.74 50.98
CA MET E 30 -8.72 51.00 50.41
C MET E 30 -10.07 50.86 49.74
N GLY E 31 -10.64 49.67 49.67
CA GLY E 31 -11.97 49.48 49.12
C GLY E 31 -11.98 49.07 47.66
N LYS E 32 -11.07 48.18 47.28
CA LYS E 32 -10.98 47.67 45.92
C LYS E 32 -11.29 46.18 45.91
N LYS E 33 -12.18 45.77 45.00
CA LYS E 33 -12.47 44.36 44.81
C LYS E 33 -11.39 43.75 43.92
N VAL E 34 -10.53 42.92 44.51
CA VAL E 34 -9.36 42.39 43.82
C VAL E 34 -9.44 40.87 43.78
N MET E 35 -8.80 40.29 42.76
CA MET E 35 -8.75 38.85 42.59
C MET E 35 -7.31 38.41 42.37
N ILE E 36 -6.91 37.37 43.09
CA ILE E 36 -5.58 36.78 42.96
C ILE E 36 -5.74 35.40 42.32
N VAL E 37 -5.08 35.19 41.19
CA VAL E 37 -5.04 33.91 40.52
C VAL E 37 -3.62 33.37 40.65
N GLY E 38 -3.47 32.29 41.41
CA GLY E 38 -2.15 31.76 41.68
C GLY E 38 -1.68 30.75 40.64
N CYS E 39 -0.81 31.19 39.73
CA CYS E 39 -0.22 30.30 38.74
C CYS E 39 0.98 29.54 39.29
N ASP E 40 1.13 29.50 40.61
CA ASP E 40 2.22 28.77 41.24
C ASP E 40 1.74 27.36 41.59
N PRO E 41 2.33 26.31 41.02
CA PRO E 41 1.91 24.95 41.37
C PRO E 41 2.17 24.60 42.84
N LYS E 42 3.05 25.31 43.52
CA LYS E 42 3.26 25.08 44.94
C LYS E 42 2.09 25.53 45.80
N ALA E 43 1.16 26.28 45.22
CA ALA E 43 0.01 26.81 45.98
C ALA E 43 0.53 27.60 47.18
N ASP E 44 0.99 28.82 46.95
CA ASP E 44 1.54 29.66 48.03
C ASP E 44 1.24 31.12 47.70
N SER E 45 0.27 31.36 46.84
CA SER E 45 0.02 32.75 46.39
C SER E 45 -1.18 33.34 47.14
N THR E 46 -1.98 32.50 47.78
CA THR E 46 -3.16 32.97 48.53
C THR E 46 -3.08 32.47 49.96
N ARG E 47 -1.87 32.22 50.47
CA ARG E 47 -1.75 31.58 51.81
C ARG E 47 -1.83 32.62 52.95
N LEU E 48 -2.00 33.91 52.63
CA LEU E 48 -2.11 34.93 53.65
C LEU E 48 -3.44 35.67 53.62
N ILE E 49 -4.25 35.49 52.58
CA ILE E 49 -5.58 36.09 52.52
C ILE E 49 -6.61 35.03 52.92
N LEU E 50 -6.53 33.86 52.31
CA LEU E 50 -7.42 32.75 52.67
C LEU E 50 -7.03 32.22 54.05
N HIS E 51 -8.04 31.98 54.88
CA HIS E 51 -7.77 31.39 56.19
C HIS E 51 -7.55 29.89 56.09
N SER E 52 -7.93 29.30 54.96
CA SER E 52 -7.69 27.88 54.73
C SER E 52 -6.19 27.60 54.63
N LYS E 53 -5.77 26.49 55.24
CA LYS E 53 -4.35 26.15 55.24
C LYS E 53 -3.85 25.77 53.86
N ALA E 54 -4.58 24.91 53.15
CA ALA E 54 -4.15 24.45 51.84
C ALA E 54 -5.16 24.69 50.73
N GLN E 55 -6.36 25.18 51.06
CA GLN E 55 -7.40 25.47 50.07
C GLN E 55 -7.85 24.22 49.31
N ASN E 56 -8.64 24.43 48.27
CA ASN E 56 -9.21 23.36 47.45
C ASN E 56 -8.93 23.75 46.00
N THR E 57 -7.75 23.36 45.51
CA THR E 57 -7.23 23.86 44.25
C THR E 57 -8.10 23.50 43.06
N ILE E 58 -7.90 24.22 41.94
CA ILE E 58 -8.75 24.03 40.76
C ILE E 58 -8.56 22.64 40.17
N MET E 59 -7.30 22.25 39.95
CA MET E 59 -7.04 20.97 39.29
C MET E 59 -7.27 19.79 40.21
N GLU E 60 -7.05 19.95 41.51
CA GLU E 60 -7.26 18.83 42.42
C GLU E 60 -8.74 18.46 42.47
N MET E 61 -9.62 19.47 42.53
CA MET E 61 -11.06 19.20 42.45
C MET E 61 -11.52 18.85 41.04
N ALA E 62 -10.81 19.30 40.00
CA ALA E 62 -11.10 18.81 38.66
C ALA E 62 -10.86 17.30 38.56
N ALA E 63 -9.77 16.83 39.16
CA ALA E 63 -9.49 15.39 39.21
C ALA E 63 -10.49 14.67 40.10
N GLU E 64 -10.82 15.25 41.26
CA GLU E 64 -11.79 14.61 42.15
C GLU E 64 -13.19 14.59 41.56
N ALA E 65 -13.49 15.49 40.63
CA ALA E 65 -14.78 15.54 39.95
C ALA E 65 -14.77 14.80 38.62
N GLY E 66 -13.68 14.12 38.31
CA GLY E 66 -13.57 13.40 37.06
C GLY E 66 -12.98 14.24 35.94
N THR E 67 -13.70 15.28 35.54
CA THR E 67 -13.24 16.19 34.48
C THR E 67 -13.45 17.62 34.92
N VAL E 68 -12.76 18.53 34.24
CA VAL E 68 -12.85 19.95 34.58
C VAL E 68 -14.25 20.48 34.31
N GLU E 69 -14.92 19.99 33.26
CA GLU E 69 -16.25 20.48 32.91
C GLU E 69 -17.27 20.19 34.01
N ASP E 70 -17.01 19.19 34.85
CA ASP E 70 -17.90 18.87 35.95
C ASP E 70 -17.63 19.72 37.20
N LEU E 71 -16.65 20.61 37.15
CA LEU E 71 -16.30 21.45 38.28
C LEU E 71 -16.97 22.81 38.14
N GLU E 72 -17.61 23.26 39.21
CA GLU E 72 -18.27 24.56 39.26
C GLU E 72 -17.35 25.62 39.86
N LEU E 73 -17.64 26.88 39.55
CA LEU E 73 -16.79 27.97 40.00
C LEU E 73 -16.82 28.12 41.51
N GLU E 74 -17.96 27.81 42.14
CA GLU E 74 -18.12 28.04 43.57
C GLU E 74 -17.24 27.12 44.41
N ASP E 75 -16.85 25.95 43.88
CA ASP E 75 -16.07 25.00 44.68
C ASP E 75 -14.61 25.43 44.84
N VAL E 76 -14.11 26.32 44.00
CA VAL E 76 -12.70 26.70 44.02
C VAL E 76 -12.48 28.19 44.29
N LEU E 77 -13.53 29.01 44.27
CA LEU E 77 -13.40 30.46 44.37
C LEU E 77 -13.95 30.87 45.74
N LYS E 78 -13.05 31.18 46.67
CA LYS E 78 -13.41 31.43 48.06
C LYS E 78 -12.89 32.78 48.51
N ALA E 79 -13.61 33.37 49.48
CA ALA E 79 -13.30 34.71 49.98
C ALA E 79 -12.19 34.66 51.03
N GLY E 80 -11.48 35.78 51.16
CA GLY E 80 -10.45 35.96 52.14
C GLY E 80 -10.66 37.26 52.91
N TYR E 81 -9.56 37.79 53.43
CA TYR E 81 -9.61 39.06 54.14
C TYR E 81 -10.05 40.18 53.21
N GLY E 82 -10.95 41.03 53.70
CA GLY E 82 -11.42 42.15 52.91
C GLY E 82 -12.26 41.77 51.71
N GLY E 83 -12.88 40.59 51.73
CA GLY E 83 -13.66 40.14 50.60
C GLY E 83 -12.87 39.92 49.33
N VAL E 84 -11.60 39.53 49.45
CA VAL E 84 -10.76 39.33 48.29
C VAL E 84 -11.05 37.98 47.66
N LYS E 85 -11.60 37.99 46.45
CA LYS E 85 -11.77 36.75 45.69
C LYS E 85 -10.41 36.19 45.33
N CYS E 86 -10.21 34.88 45.51
CA CYS E 86 -8.95 34.26 45.13
C CYS E 86 -9.17 32.81 44.71
N VAL E 87 -8.26 32.34 43.84
CA VAL E 87 -8.25 30.95 43.38
C VAL E 87 -6.80 30.49 43.32
N GLU E 88 -6.64 29.16 43.24
CA GLU E 88 -5.34 28.53 43.08
C GLU E 88 -5.39 27.56 41.92
N SER E 89 -4.45 27.73 40.98
CA SER E 89 -4.39 26.84 39.82
C SER E 89 -4.08 25.41 40.23
N GLY E 90 -3.24 25.24 41.24
CA GLY E 90 -2.84 23.91 41.66
C GLY E 90 -1.80 23.32 40.72
N GLY E 91 -1.57 22.03 40.88
CA GLY E 91 -0.63 21.33 40.06
C GLY E 91 -0.08 20.07 40.72
N PRO E 92 0.91 19.46 40.09
CA PRO E 92 1.49 18.22 40.61
C PRO E 92 2.58 18.47 41.62
N GLU E 93 2.97 17.40 42.31
CA GLU E 93 4.16 17.45 43.14
C GLU E 93 5.39 17.60 42.26
N PRO E 94 6.46 18.21 42.76
CA PRO E 94 7.64 18.46 41.93
C PRO E 94 8.23 17.16 41.38
N GLY E 95 8.67 17.22 40.12
CA GLY E 95 9.30 16.09 39.49
C GLY E 95 8.40 15.20 38.66
N VAL E 96 7.14 15.59 38.44
CA VAL E 96 6.22 14.77 37.67
C VAL E 96 5.16 15.66 37.04
N GLY E 97 4.63 15.24 35.91
CA GLY E 97 3.50 15.92 35.30
C GLY E 97 3.90 17.13 34.49
N CYS E 98 3.00 18.12 34.47
CA CYS E 98 3.20 19.34 33.68
C CYS E 98 2.41 20.46 34.35
N ALA E 99 3.11 21.34 35.06
CA ALA E 99 2.44 22.46 35.72
C ALA E 99 1.95 23.49 34.71
N GLY E 100 2.61 23.59 33.56
CA GLY E 100 2.15 24.52 32.54
C GLY E 100 0.75 24.20 32.05
N ARG E 101 0.48 22.91 31.82
CA ARG E 101 -0.88 22.52 31.48
C ARG E 101 -1.83 22.78 32.64
N GLY E 102 -1.36 22.66 33.88
CA GLY E 102 -2.20 22.98 35.02
C GLY E 102 -2.66 24.43 35.03
N VAL E 103 -1.73 25.36 34.84
CA VAL E 103 -2.09 26.77 34.83
C VAL E 103 -2.93 27.10 33.59
N ILE E 104 -2.61 26.47 32.46
CA ILE E 104 -3.41 26.69 31.24
C ILE E 104 -4.85 26.25 31.47
N THR E 105 -5.04 25.07 32.05
CA THR E 105 -6.39 24.57 32.30
C THR E 105 -7.12 25.44 33.32
N ALA E 106 -6.42 25.88 34.37
CA ALA E 106 -7.05 26.74 35.36
C ALA E 106 -7.50 28.07 34.74
N ILE E 107 -6.66 28.66 33.90
CA ILE E 107 -7.02 29.95 33.31
C ILE E 107 -8.15 29.79 32.30
N ASN E 108 -8.13 28.71 31.52
CA ASN E 108 -9.23 28.46 30.60
C ASN E 108 -10.53 28.18 31.35
N PHE E 109 -10.44 27.52 32.50
CA PHE E 109 -11.61 27.29 33.35
C PHE E 109 -12.16 28.61 33.88
N LEU E 110 -11.27 29.50 34.32
CA LEU E 110 -11.71 30.80 34.81
C LEU E 110 -12.37 31.61 33.71
N GLU E 111 -11.81 31.56 32.50
CA GLU E 111 -12.42 32.27 31.38
C GLU E 111 -13.76 31.65 30.98
N GLU E 112 -13.90 30.33 31.13
CA GLU E 112 -15.10 29.66 30.66
C GLU E 112 -16.32 30.06 31.47
N GLU E 113 -16.19 30.12 32.80
CA GLU E 113 -17.31 30.40 33.69
C GLU E 113 -17.28 31.82 34.24
N GLY E 114 -16.60 32.73 33.55
CA GLY E 114 -16.72 34.15 33.81
C GLY E 114 -16.37 34.63 35.20
N ALA E 115 -15.22 34.21 35.73
CA ALA E 115 -14.76 34.75 37.00
C ALA E 115 -14.52 36.25 36.94
N TYR E 116 -14.27 36.78 35.74
CA TYR E 116 -14.15 38.23 35.54
C TYR E 116 -15.55 38.78 35.25
N GLU E 117 -16.26 39.06 36.34
CA GLU E 117 -17.67 39.45 36.27
C GLU E 117 -17.88 40.94 36.04
N ASP E 118 -16.81 41.69 35.77
CA ASP E 118 -16.85 43.13 35.54
C ASP E 118 -17.29 43.92 36.78
N ASP E 119 -17.40 43.25 37.93
CA ASP E 119 -17.73 43.91 39.18
C ASP E 119 -16.52 44.07 40.09
N LEU E 120 -15.33 43.76 39.60
CA LEU E 120 -14.09 43.88 40.34
C LEU E 120 -13.27 45.04 39.79
N ASP E 121 -12.13 45.30 40.44
CA ASP E 121 -11.26 46.40 40.07
C ASP E 121 -9.91 45.93 39.55
N PHE E 122 -9.20 45.10 40.30
CA PHE E 122 -7.87 44.63 39.92
C PHE E 122 -7.83 43.11 39.93
N VAL E 123 -7.00 42.55 39.06
CA VAL E 123 -6.75 41.11 39.00
C VAL E 123 -5.23 40.92 38.91
N PHE E 124 -4.67 40.18 39.86
CA PHE E 124 -3.23 39.98 39.95
C PHE E 124 -2.90 38.51 39.73
N TYR E 125 -1.99 38.24 38.81
CA TYR E 125 -1.51 36.89 38.52
C TYR E 125 -0.15 36.69 39.17
N ASP E 126 -0.02 35.65 39.98
CA ASP E 126 1.24 35.27 40.59
C ASP E 126 1.79 34.07 39.82
N VAL E 127 2.90 34.27 39.11
CA VAL E 127 3.41 33.29 38.18
C VAL E 127 4.69 32.66 38.74
N LEU E 128 5.15 31.61 38.07
CA LEU E 128 6.41 30.97 38.42
C LEU E 128 7.60 31.84 38.01
N GLY E 129 8.65 31.78 38.84
CA GLY E 129 9.85 32.53 38.53
C GLY E 129 10.60 32.00 37.32
N ASP E 130 10.69 30.68 37.18
CA ASP E 130 11.48 30.09 36.11
C ASP E 130 10.92 30.42 34.73
N VAL E 131 9.58 30.36 34.59
CA VAL E 131 8.85 30.56 33.34
C VAL E 131 9.62 29.94 32.17
N VAL E 132 9.57 28.62 32.06
CA VAL E 132 10.36 27.89 31.09
C VAL E 132 9.50 27.28 29.98
N CYS E 133 8.23 27.67 29.90
CA CYS E 133 7.33 27.14 28.87
C CYS E 133 6.21 28.15 28.65
N GLY E 134 5.38 27.86 27.64
CA GLY E 134 4.27 28.75 27.31
C GLY E 134 3.11 28.68 28.29
N GLY E 135 3.04 27.63 29.09
CA GLY E 135 1.97 27.54 30.09
C GLY E 135 2.03 28.66 31.09
N PHE E 136 3.23 29.02 31.54
CA PHE E 136 3.41 30.14 32.46
C PHE E 136 3.47 31.48 31.74
N ALA E 137 3.58 31.47 30.41
CA ALA E 137 3.44 32.68 29.61
C ALA E 137 2.01 32.93 29.17
N MET E 138 1.10 32.00 29.46
CA MET E 138 -0.31 32.24 29.17
C MET E 138 -0.89 33.48 29.85
N PRO E 139 -0.56 33.80 31.11
CA PRO E 139 -1.16 35.00 31.74
C PRO E 139 -0.89 36.30 31.00
N ILE E 140 0.05 36.35 30.07
CA ILE E 140 0.41 37.59 29.38
C ILE E 140 -0.06 37.58 27.93
N ARG E 141 -1.09 36.80 27.61
CA ARG E 141 -1.62 36.74 26.26
C ARG E 141 -2.74 37.75 26.08
N GLU E 142 -3.41 37.69 24.93
CA GLU E 142 -4.52 38.59 24.65
C GLU E 142 -5.71 38.27 25.54
N ASN E 143 -6.48 39.32 25.86
CA ASN E 143 -7.61 39.23 26.80
C ASN E 143 -7.17 38.81 28.20
N LYS E 144 -5.89 39.01 28.50
CA LYS E 144 -5.29 38.66 29.78
C LYS E 144 -4.58 39.86 30.37
N ALA E 145 -3.76 39.63 31.39
CA ALA E 145 -3.06 40.72 32.07
C ALA E 145 -2.33 41.61 31.08
N GLN E 146 -2.53 42.93 31.24
CA GLN E 146 -1.93 43.93 30.37
C GLN E 146 -0.72 44.61 30.98
N GLU E 147 -0.69 44.78 32.30
CA GLU E 147 0.41 45.43 32.99
C GLU E 147 1.27 44.39 33.69
N ILE E 148 2.58 44.46 33.46
CA ILE E 148 3.53 43.52 34.03
C ILE E 148 4.45 44.28 34.97
N TYR E 149 4.58 43.79 36.20
CA TYR E 149 5.46 44.37 37.21
C TYR E 149 6.50 43.34 37.59
N ILE E 150 7.73 43.54 37.14
CA ILE E 150 8.82 42.61 37.39
C ILE E 150 9.42 42.90 38.75
N VAL E 151 9.40 41.91 39.63
CA VAL E 151 9.99 42.04 40.96
C VAL E 151 11.45 41.60 40.89
N CYS E 152 12.35 42.50 41.25
CA CYS E 152 13.79 42.26 41.17
C CYS E 152 14.42 42.47 42.54
N SER E 153 15.61 41.88 42.70
CA SER E 153 16.38 41.99 43.94
C SER E 153 17.74 42.58 43.61
N GLY E 154 18.53 42.82 44.65
CA GLY E 154 19.83 43.45 44.48
C GLY E 154 20.85 42.58 43.77
N GLU E 155 20.63 41.28 43.73
CA GLU E 155 21.58 40.36 43.10
C GLU E 155 21.66 40.60 41.59
N MET E 156 22.81 40.26 41.01
CA MET E 156 23.00 40.45 39.58
C MET E 156 22.23 39.42 38.76
N MET E 157 22.08 38.19 39.28
CA MET E 157 21.21 37.23 38.61
C MET E 157 19.76 37.67 38.62
N ALA E 158 19.37 38.54 39.57
CA ALA E 158 18.05 39.16 39.47
C ALA E 158 17.96 40.02 38.22
N MET E 159 19.01 40.78 37.91
CA MET E 159 19.05 41.53 36.65
C MET E 159 19.03 40.58 35.44
N TYR E 160 19.77 39.48 35.52
CA TYR E 160 19.81 38.54 34.40
C TYR E 160 18.43 37.97 34.12
N ALA E 161 17.76 37.49 35.17
CA ALA E 161 16.41 36.97 35.00
C ALA E 161 15.44 38.05 34.57
N ALA E 162 15.60 39.28 35.06
CA ALA E 162 14.71 40.36 34.66
C ALA E 162 14.84 40.65 33.17
N ASN E 163 16.07 40.71 32.66
CA ASN E 163 16.23 41.03 31.24
C ASN E 163 15.86 39.84 30.36
N ASN E 164 16.11 38.61 30.80
CA ASN E 164 15.63 37.45 30.05
C ASN E 164 14.11 37.42 30.01
N ILE E 165 13.46 37.71 31.14
CA ILE E 165 12.01 37.78 31.18
C ILE E 165 11.50 38.87 30.26
N SER E 166 12.16 40.03 30.26
CA SER E 166 11.76 41.12 29.37
C SER E 166 11.89 40.72 27.90
N LYS E 167 12.97 40.01 27.56
CA LYS E 167 13.12 39.49 26.21
C LYS E 167 11.99 38.55 25.86
N GLY E 168 11.59 37.70 26.81
CA GLY E 168 10.43 36.84 26.59
C GLY E 168 9.14 37.63 26.41
N ILE E 169 8.99 38.72 27.17
CA ILE E 169 7.79 39.54 27.06
C ILE E 169 7.72 40.21 25.70
N VAL E 170 8.87 40.60 25.16
CA VAL E 170 8.97 41.33 23.89
C VAL E 170 8.07 40.74 22.81
N LYS E 171 8.06 39.41 22.69
CA LYS E 171 7.28 38.78 21.63
C LYS E 171 5.78 38.97 21.84
N TYR E 172 5.31 38.86 23.09
CA TYR E 172 3.89 39.07 23.34
C TYR E 172 3.51 40.54 23.25
N ALA E 173 4.41 41.44 23.66
CA ALA E 173 4.17 42.86 23.52
C ALA E 173 4.05 43.26 22.05
N ASN E 174 4.91 42.68 21.20
CA ASN E 174 4.84 42.96 19.77
C ASN E 174 3.57 42.35 19.16
N SER E 175 3.26 41.10 19.52
CA SER E 175 2.08 40.45 18.96
C SER E 175 0.80 41.03 19.54
N GLY E 176 0.77 41.22 20.86
CA GLY E 176 -0.43 41.72 21.52
C GLY E 176 -0.32 43.15 22.00
N SER E 177 -0.88 43.42 23.18
CA SER E 177 -0.87 44.76 23.75
C SER E 177 -0.33 44.78 25.18
N VAL E 178 0.29 43.69 25.64
CA VAL E 178 0.81 43.65 27.00
C VAL E 178 2.02 44.56 27.11
N ARG E 179 2.14 45.26 28.24
CA ARG E 179 3.15 46.28 28.42
C ARG E 179 3.85 46.09 29.74
N LEU E 180 5.14 46.41 29.78
CA LEU E 180 5.87 46.40 31.04
C LEU E 180 5.55 47.66 31.83
N GLY E 181 5.04 47.48 33.05
CA GLY E 181 4.64 48.60 33.87
C GLY E 181 5.78 49.20 34.66
N GLY E 182 6.52 48.35 35.36
CA GLY E 182 7.62 48.84 36.18
C GLY E 182 8.29 47.70 36.91
N LEU E 183 9.18 48.07 37.84
CA LEU E 183 9.99 47.11 38.57
C LEU E 183 9.83 47.36 40.07
N ILE E 184 9.17 46.44 40.77
CA ILE E 184 9.15 46.44 42.23
C ILE E 184 10.48 45.85 42.67
N CYS E 185 11.36 46.68 43.21
CA CYS E 185 12.67 46.22 43.64
C CYS E 185 12.66 46.01 45.15
N ASN E 186 12.84 44.76 45.58
CA ASN E 186 12.89 44.42 46.98
C ASN E 186 14.33 44.53 47.47
N SER E 187 14.55 45.43 48.41
CA SER E 187 15.91 45.66 48.92
C SER E 187 16.41 44.43 49.66
N ARG E 188 17.64 44.04 49.37
CA ARG E 188 18.30 42.93 50.06
C ARG E 188 19.39 43.41 51.01
N ASN E 189 19.35 44.70 51.38
CA ASN E 189 20.37 45.33 52.21
C ASN E 189 21.75 45.18 51.59
N THR E 190 21.86 45.59 50.33
CA THR E 190 23.12 45.64 49.61
C THR E 190 23.57 47.08 49.45
N ASP E 191 24.76 47.24 48.87
CA ASP E 191 25.36 48.56 48.74
C ASP E 191 24.75 49.31 47.56
N ARG E 192 24.07 50.42 47.86
CA ARG E 192 23.50 51.36 46.88
C ARG E 192 22.91 50.64 45.67
N GLU E 193 22.02 49.68 45.95
CA GLU E 193 21.35 48.97 44.86
C GLU E 193 20.35 49.86 44.13
N ASP E 194 19.76 50.82 44.83
CA ASP E 194 18.68 51.62 44.24
C ASP E 194 19.16 52.37 43.01
N GLU E 195 20.39 52.88 43.02
CA GLU E 195 20.91 53.58 41.86
C GLU E 195 21.03 52.65 40.66
N LEU E 196 21.52 51.43 40.89
CA LEU E 196 21.65 50.46 39.80
C LEU E 196 20.29 50.09 39.23
N ILE E 197 19.30 49.91 40.11
CA ILE E 197 17.96 49.55 39.64
C ILE E 197 17.32 50.72 38.89
N ILE E 198 17.59 51.95 39.34
CA ILE E 198 17.12 53.13 38.61
C ILE E 198 17.74 53.16 37.21
N ALA E 199 19.04 52.89 37.11
CA ALA E 199 19.70 52.89 35.81
C ALA E 199 19.13 51.79 34.92
N LEU E 200 18.88 50.61 35.48
CA LEU E 200 18.29 49.52 34.70
C LEU E 200 16.90 49.88 34.20
N ALA E 201 16.09 50.53 35.04
CA ALA E 201 14.78 50.97 34.62
C ALA E 201 14.88 52.03 33.53
N ASN E 202 15.83 52.96 33.66
CA ASN E 202 16.01 53.99 32.65
C ASN E 202 16.40 53.38 31.30
N LYS E 203 17.30 52.40 31.31
CA LYS E 203 17.64 51.69 30.08
C LYS E 203 16.40 51.00 29.53
N LEU E 204 15.67 50.26 30.38
CA LEU E 204 14.44 49.61 29.97
C LEU E 204 13.37 50.63 29.61
N GLY E 205 13.50 51.87 30.09
CA GLY E 205 12.51 52.89 29.87
C GLY E 205 11.33 52.86 30.82
N THR E 206 11.32 51.93 31.76
CA THR E 206 10.23 51.80 32.71
C THR E 206 10.45 52.70 33.93
N GLN E 207 9.58 52.55 34.92
CA GLN E 207 9.67 53.29 36.17
C GLN E 207 9.85 52.31 37.31
N MET E 208 10.91 52.49 38.10
CA MET E 208 11.07 51.70 39.31
C MET E 208 9.93 52.00 40.26
N ILE E 209 9.31 50.95 40.81
CA ILE E 209 8.05 51.12 41.52
C ILE E 209 8.28 51.67 42.91
N HIS E 210 8.96 50.91 43.76
CA HIS E 210 9.18 51.31 45.15
C HIS E 210 10.34 50.51 45.70
N PHE E 211 10.73 50.85 46.93
CA PHE E 211 11.95 50.32 47.53
C PHE E 211 11.65 49.64 48.86
N VAL E 212 10.66 48.75 48.88
CA VAL E 212 10.31 48.00 50.08
C VAL E 212 11.55 47.26 50.58
N PRO E 213 11.99 47.50 51.82
CA PRO E 213 13.29 46.99 52.26
C PRO E 213 13.22 45.60 52.88
N ARG E 214 14.37 45.10 53.32
CA ARG E 214 14.46 43.82 54.01
C ARG E 214 14.30 44.05 55.51
N ASP E 215 13.45 43.25 56.14
CA ASP E 215 13.12 43.41 57.55
C ASP E 215 12.75 42.06 58.13
N ASN E 216 12.16 42.08 59.34
CA ASN E 216 11.74 40.88 60.03
C ASN E 216 10.26 40.87 60.38
N VAL E 217 9.58 42.02 60.38
CA VAL E 217 8.17 42.05 60.74
C VAL E 217 7.33 41.30 59.71
N VAL E 218 7.78 41.23 58.44
CA VAL E 218 7.05 40.45 57.45
C VAL E 218 7.07 38.97 57.79
N GLN E 219 8.20 38.46 58.29
CA GLN E 219 8.28 37.06 58.67
C GLN E 219 7.43 36.77 59.90
N ARG E 220 7.48 37.68 60.90
CA ARG E 220 6.67 37.49 62.10
C ARG E 220 5.18 37.62 61.79
N ALA E 221 4.82 38.36 60.74
CA ALA E 221 3.44 38.41 60.30
C ALA E 221 3.06 37.13 59.56
N GLU E 222 3.99 36.55 58.82
CA GLU E 222 3.73 35.27 58.17
C GLU E 222 3.51 34.17 59.20
N ILE E 223 4.31 34.14 60.26
CA ILE E 223 4.16 33.11 61.29
C ILE E 223 2.76 33.20 61.91
N ARG E 224 2.18 34.39 61.94
CA ARG E 224 0.79 34.57 62.34
C ARG E 224 -0.19 34.05 61.30
N ARG E 225 0.30 33.65 60.13
CA ARG E 225 -0.49 33.28 58.94
C ARG E 225 -1.56 34.33 58.62
N MET E 226 -1.11 35.57 58.39
CA MET E 226 -1.82 36.52 57.54
C MET E 226 -0.78 37.43 56.89
N THR E 227 -1.27 38.45 56.18
CA THR E 227 -0.41 39.40 55.49
C THR E 227 0.21 40.39 56.48
N VAL E 228 1.06 41.26 55.96
CA VAL E 228 1.77 42.23 56.81
C VAL E 228 0.81 43.31 57.30
N ILE E 229 -0.04 43.82 56.40
CA ILE E 229 -0.78 45.05 56.69
C ILE E 229 -1.73 44.85 57.87
N GLU E 230 -2.50 43.77 57.87
CA GLU E 230 -3.44 43.51 58.95
C GLU E 230 -2.90 42.55 60.02
N TYR E 231 -1.59 42.52 60.14
CA TYR E 231 -1.04 41.74 61.26
C TYR E 231 -0.85 42.79 62.36
N ASP E 232 -0.36 43.96 61.96
CA ASP E 232 -0.16 45.09 62.92
C ASP E 232 -0.27 46.42 62.16
N PRO E 233 -1.48 46.83 61.73
CA PRO E 233 -1.64 48.08 60.98
C PRO E 233 -1.03 49.23 61.76
N LYS E 234 0.26 49.51 61.53
CA LYS E 234 0.93 50.64 62.22
C LYS E 234 2.38 50.71 61.75
N ALA E 235 3.09 49.59 61.81
CA ALA E 235 4.48 49.49 61.37
C ALA E 235 4.72 50.33 60.13
N LYS E 236 5.97 50.75 59.96
CA LYS E 236 6.32 51.54 58.79
C LYS E 236 6.10 50.75 57.50
N GLN E 237 6.46 49.46 57.51
CA GLN E 237 6.33 48.63 56.31
C GLN E 237 4.89 48.58 55.81
N ALA E 238 3.92 48.61 56.72
CA ALA E 238 2.52 48.66 56.30
C ALA E 238 2.23 49.96 55.55
N ASP E 239 2.76 51.08 56.03
CA ASP E 239 2.58 52.35 55.34
C ASP E 239 3.25 52.33 53.97
N GLU E 240 4.43 51.73 53.88
CA GLU E 240 5.10 51.61 52.59
C GLU E 240 4.29 50.73 51.62
N TYR E 241 3.69 49.65 52.12
CA TYR E 241 2.84 48.82 51.27
C TYR E 241 1.60 49.59 50.81
N ARG E 242 1.01 50.40 51.69
CA ARG E 242 -0.13 51.22 51.29
C ARG E 242 0.27 52.24 50.24
N ALA E 243 1.45 52.85 50.39
CA ALA E 243 1.96 53.76 49.37
C ALA E 243 2.18 53.04 48.05
N LEU E 244 2.67 51.81 48.11
CA LEU E 244 2.82 51.00 46.91
C LEU E 244 1.48 50.75 46.24
N ALA E 245 0.45 50.45 47.04
CA ALA E 245 -0.89 50.26 46.49
C ALA E 245 -1.39 51.52 45.81
N ARG E 246 -1.20 52.67 46.46
CA ARG E 246 -1.64 53.94 45.88
C ARG E 246 -0.92 54.23 44.57
N LYS E 247 0.40 53.99 44.53
CA LYS E 247 1.12 54.40 43.34
C LYS E 247 0.88 53.43 42.19
N VAL E 248 0.69 52.14 42.47
CA VAL E 248 0.27 51.25 41.40
C VAL E 248 -1.16 51.54 40.99
N VAL E 249 -1.96 52.15 41.86
CA VAL E 249 -3.28 52.63 41.45
C VAL E 249 -3.15 53.77 40.46
N ASP E 250 -2.26 54.73 40.73
CA ASP E 250 -2.15 55.91 39.88
C ASP E 250 -1.09 55.78 38.78
N ASN E 251 -0.47 54.61 38.64
CA ASN E 251 0.54 54.41 37.61
C ASN E 251 -0.09 54.41 36.22
N LYS E 252 0.58 55.06 35.26
CA LYS E 252 0.10 55.12 33.90
C LYS E 252 1.17 54.97 32.84
N LEU E 253 2.42 54.70 33.22
CA LEU E 253 3.51 54.59 32.26
C LEU E 253 3.69 53.14 31.84
N LEU E 254 3.44 52.86 30.57
CA LEU E 254 3.54 51.50 30.01
C LEU E 254 4.44 51.57 28.78
N VAL E 255 5.58 50.89 28.83
CA VAL E 255 6.59 50.95 27.79
C VAL E 255 7.11 49.54 27.50
N ILE E 256 7.29 49.25 26.22
CA ILE E 256 7.84 47.95 25.81
C ILE E 256 9.27 47.81 26.34
N PRO E 257 9.64 46.68 26.93
CA PRO E 257 11.03 46.49 27.36
C PRO E 257 11.99 46.46 26.18
N ASN E 258 13.20 46.96 26.42
CA ASN E 258 14.27 46.87 25.44
C ASN E 258 15.36 45.96 25.99
N PRO E 259 15.49 44.72 25.50
CA PRO E 259 16.43 43.77 26.12
C PRO E 259 17.88 44.16 25.83
N ILE E 260 18.74 43.91 26.80
CA ILE E 260 20.15 44.25 26.71
C ILE E 260 20.97 42.97 26.70
N THR E 261 22.18 43.06 26.14
CA THR E 261 23.09 41.92 26.10
C THR E 261 23.85 41.80 27.42
N MET E 262 24.55 40.67 27.57
CA MET E 262 25.32 40.45 28.79
C MET E 262 26.52 41.39 28.91
N ASP E 263 27.07 41.85 27.79
CA ASP E 263 28.10 42.87 27.87
C ASP E 263 27.55 44.16 28.46
N GLU E 264 26.33 44.54 28.06
CA GLU E 264 25.68 45.71 28.65
C GLU E 264 25.49 45.53 30.15
N LEU E 265 24.95 44.38 30.55
CA LEU E 265 24.75 44.11 31.98
C LEU E 265 26.08 44.13 32.73
N GLU E 266 27.14 43.61 32.12
CA GLU E 266 28.46 43.71 32.71
C GLU E 266 28.87 45.16 32.91
N GLU E 267 28.53 46.03 31.96
CA GLU E 267 28.84 47.45 32.12
C GLU E 267 28.04 48.07 33.26
N LEU E 268 26.75 47.73 33.40
CA LEU E 268 26.02 48.24 34.56
C LEU E 268 26.62 47.74 35.88
N LEU E 269 27.05 46.48 35.93
CA LEU E 269 27.79 46.02 37.10
C LEU E 269 29.08 46.81 37.28
N MET E 270 29.70 47.24 36.17
CA MET E 270 30.97 47.94 36.24
C MET E 270 30.82 49.31 36.88
N GLU E 271 29.83 50.10 36.45
CA GLU E 271 29.75 51.46 36.97
C GLU E 271 29.33 51.50 38.44
N PHE E 272 28.67 50.45 38.93
CA PHE E 272 28.37 50.30 40.36
C PHE E 272 28.82 48.90 40.78
N GLY E 273 30.07 48.80 41.23
CA GLY E 273 30.62 47.53 41.67
C GLY E 273 30.00 47.00 42.94
N ALA F 2 35.14 6.98 40.64
CA ALA F 2 34.40 5.72 40.75
C ALA F 2 33.02 5.84 40.14
N MET F 3 32.89 6.71 39.13
CA MET F 3 31.63 6.96 38.44
C MET F 3 30.54 7.38 39.43
N ARG F 4 30.82 8.44 40.18
CA ARG F 4 29.90 8.96 41.18
C ARG F 4 29.03 10.03 40.54
N GLN F 5 27.74 9.74 40.40
CA GLN F 5 26.79 10.67 39.80
C GLN F 5 26.02 11.39 40.90
N CYS F 6 26.16 12.72 40.95
CA CYS F 6 25.53 13.52 41.97
C CYS F 6 24.71 14.64 41.32
N ALA F 7 23.85 15.27 42.12
CA ALA F 7 23.00 16.34 41.63
C ALA F 7 22.74 17.33 42.75
N ILE F 8 22.60 18.60 42.38
CA ILE F 8 22.34 19.69 43.31
C ILE F 8 20.89 20.13 43.12
N TYR F 9 20.15 20.22 44.23
CA TYR F 9 18.76 20.64 44.22
C TYR F 9 18.58 21.83 45.16
N GLY F 10 17.34 22.30 45.24
CA GLY F 10 17.00 23.51 45.95
C GLY F 10 16.26 24.50 45.05
N LYS F 11 15.79 25.57 45.68
CA LYS F 11 15.09 26.61 44.94
C LYS F 11 16.07 27.66 44.41
N GLY F 12 15.66 28.35 43.36
CA GLY F 12 16.50 29.38 42.78
C GLY F 12 16.71 30.53 43.74
N GLY F 13 17.89 31.13 43.68
CA GLY F 13 18.28 32.23 44.54
C GLY F 13 19.11 31.81 45.74
N ILE F 14 19.03 30.55 46.16
CA ILE F 14 19.87 30.08 47.25
C ILE F 14 21.30 29.85 46.78
N GLY F 15 21.50 29.67 45.48
CA GLY F 15 22.84 29.57 44.93
C GLY F 15 23.29 28.17 44.57
N LYS F 16 22.41 27.38 43.96
CA LYS F 16 22.79 26.02 43.58
C LYS F 16 23.91 26.03 42.56
N SER F 17 23.74 26.83 41.50
CA SER F 17 24.76 26.83 40.43
C SER F 17 26.11 27.24 41.02
N THR F 18 26.19 28.49 41.48
CA THR F 18 27.46 28.98 42.05
C THR F 18 28.03 27.89 42.96
N THR F 19 27.20 27.29 43.83
CA THR F 19 27.76 26.34 44.79
C THR F 19 28.41 25.17 44.08
N THR F 20 27.77 24.64 43.03
CA THR F 20 28.39 23.51 42.33
C THR F 20 29.57 23.96 41.48
N GLN F 21 29.59 25.20 40.98
CA GLN F 21 30.77 25.67 40.26
C GLN F 21 32.00 25.73 41.16
N ASN F 22 31.89 26.39 42.32
CA ASN F 22 33.05 26.35 43.21
C ASN F 22 33.30 24.95 43.78
N LEU F 23 32.27 24.12 43.89
CA LEU F 23 32.51 22.75 44.36
C LEU F 23 33.36 21.98 43.36
N VAL F 24 33.01 22.05 42.07
CA VAL F 24 33.81 21.36 41.06
C VAL F 24 35.18 21.99 40.93
N ALA F 25 35.28 23.32 41.08
CA ALA F 25 36.58 23.97 41.03
C ALA F 25 37.49 23.48 42.15
N ALA F 26 36.95 23.35 43.37
CA ALA F 26 37.73 22.81 44.47
C ALA F 26 38.05 21.33 44.26
N LEU F 27 37.11 20.58 43.68
CA LEU F 27 37.35 19.16 43.41
C LEU F 27 38.49 18.98 42.42
N ALA F 28 38.59 19.87 41.43
CA ALA F 28 39.54 19.71 40.34
C ALA F 28 40.99 19.93 40.75
N GLU F 29 41.24 20.40 41.98
CA GLU F 29 42.62 20.66 42.40
C GLU F 29 43.44 19.37 42.37
N MET F 30 43.10 18.42 43.24
CA MET F 30 43.88 17.19 43.39
C MET F 30 43.26 16.06 42.58
N GLY F 31 43.22 16.28 41.26
CA GLY F 31 42.98 15.20 40.32
C GLY F 31 41.61 14.57 40.25
N LYS F 32 40.62 15.31 39.75
CA LYS F 32 39.30 14.77 39.46
C LYS F 32 38.95 14.95 37.99
N LYS F 33 38.49 13.87 37.37
CA LYS F 33 37.95 13.90 36.01
C LYS F 33 36.44 14.19 36.04
N VAL F 34 36.08 15.27 36.73
CA VAL F 34 34.69 15.59 37.00
C VAL F 34 34.05 16.26 35.79
N MET F 35 32.88 15.77 35.40
CA MET F 35 32.08 16.37 34.33
C MET F 35 30.80 16.94 34.91
N ILE F 36 30.41 18.11 34.45
CA ILE F 36 29.21 18.79 34.92
C ILE F 36 28.22 18.90 33.77
N VAL F 37 26.93 18.79 34.10
CA VAL F 37 25.85 18.86 33.13
C VAL F 37 24.92 20.00 33.54
N GLY F 38 24.65 20.91 32.60
CA GLY F 38 23.75 22.01 32.86
C GLY F 38 22.34 21.75 32.38
N CYS F 39 21.44 21.44 33.31
CA CYS F 39 20.03 21.22 32.99
C CYS F 39 19.20 22.48 33.24
N ASP F 40 19.81 23.65 33.07
CA ASP F 40 19.14 24.92 33.27
C ASP F 40 18.98 25.62 31.93
N PRO F 41 17.75 25.92 31.49
CA PRO F 41 17.57 26.61 30.21
C PRO F 41 18.22 27.99 30.16
N LYS F 42 18.48 28.61 31.31
CA LYS F 42 19.11 29.93 31.34
C LYS F 42 20.57 29.89 30.88
N ALA F 43 21.17 28.71 30.75
CA ALA F 43 22.53 28.53 30.24
C ALA F 43 23.55 29.28 31.10
N ASP F 44 23.65 28.86 32.36
CA ASP F 44 24.65 29.42 33.27
C ASP F 44 25.29 28.39 34.19
N SER F 45 24.99 27.10 34.04
CA SER F 45 25.48 26.09 34.96
C SER F 45 26.96 25.77 34.75
N THR F 46 27.56 26.19 33.64
CA THR F 46 28.96 25.93 33.34
C THR F 46 29.74 27.22 33.13
N ARG F 47 29.22 28.34 33.62
CA ARG F 47 29.72 29.66 33.23
C ARG F 47 31.17 29.87 33.64
N LEU F 48 31.49 29.64 34.91
CA LEU F 48 32.82 30.02 35.41
C LEU F 48 33.91 29.04 34.99
N ILE F 49 33.60 27.74 34.96
CA ILE F 49 34.63 26.75 34.69
C ILE F 49 35.19 26.92 33.28
N LEU F 50 34.32 27.10 32.29
CA LEU F 50 34.76 27.25 30.91
C LEU F 50 35.22 28.66 30.57
N HIS F 51 35.02 29.62 31.47
CA HIS F 51 35.43 31.02 31.31
C HIS F 51 34.73 31.71 30.15
N SER F 52 33.74 31.07 29.54
CA SER F 52 32.96 31.66 28.46
C SER F 52 31.49 31.69 28.85
N LYS F 53 30.84 32.82 28.59
CA LYS F 53 29.46 32.98 29.03
C LYS F 53 28.54 31.93 28.41
N ALA F 54 28.68 31.70 27.11
CA ALA F 54 27.86 30.72 26.42
C ALA F 54 28.75 29.88 25.52
N GLN F 55 28.20 28.75 25.08
CA GLN F 55 28.89 27.85 24.17
C GLN F 55 27.84 27.17 23.30
N ASN F 56 28.25 26.13 22.61
CA ASN F 56 27.34 25.36 21.76
C ASN F 56 26.55 24.41 22.65
N THR F 57 25.39 24.85 23.10
CA THR F 57 24.51 24.01 23.89
C THR F 57 23.89 22.92 23.02
N ILE F 58 23.38 21.87 23.68
CA ILE F 58 22.88 20.71 22.95
C ILE F 58 21.70 21.10 22.06
N MET F 59 20.76 21.88 22.59
CA MET F 59 19.57 22.23 21.82
C MET F 59 19.89 23.18 20.68
N GLU F 60 20.82 24.12 20.91
CA GLU F 60 21.19 25.05 19.84
C GLU F 60 21.80 24.31 18.66
N MET F 61 22.71 23.38 18.94
CA MET F 61 23.31 22.60 17.85
C MET F 61 22.32 21.61 17.24
N ALA F 62 21.39 21.08 18.04
CA ALA F 62 20.36 20.22 17.48
C ALA F 62 19.47 20.99 16.51
N ALA F 63 19.15 22.24 16.84
CA ALA F 63 18.36 23.08 15.94
C ALA F 63 19.16 23.45 14.69
N GLU F 64 20.45 23.76 14.87
CA GLU F 64 21.27 24.14 13.72
C GLU F 64 21.45 22.96 12.76
N ALA F 65 21.83 21.79 13.28
CA ALA F 65 22.00 20.63 12.43
C ALA F 65 20.66 20.08 11.95
N GLY F 66 19.68 20.02 12.84
CA GLY F 66 18.35 19.55 12.49
C GLY F 66 17.88 18.38 13.31
N THR F 67 18.78 17.45 13.62
CA THR F 67 18.44 16.28 14.42
C THR F 67 19.60 15.96 15.36
N VAL F 68 19.26 15.26 16.44
CA VAL F 68 20.27 14.90 17.44
C VAL F 68 21.15 13.75 16.98
N GLU F 69 20.65 12.89 16.08
CA GLU F 69 21.43 11.74 15.63
C GLU F 69 22.70 12.18 14.91
N ASP F 70 22.61 13.21 14.06
CA ASP F 70 23.75 13.70 13.31
C ASP F 70 24.51 14.80 14.06
N LEU F 71 24.39 14.85 15.38
CA LEU F 71 25.10 15.83 16.20
C LEU F 71 26.26 15.14 16.90
N GLU F 72 27.45 15.73 16.79
CA GLU F 72 28.64 15.14 17.36
C GLU F 72 28.69 15.37 18.87
N LEU F 73 29.44 14.51 19.55
CA LEU F 73 29.62 14.65 20.99
C LEU F 73 30.58 15.78 21.33
N GLU F 74 31.70 15.88 20.61
CA GLU F 74 32.70 16.90 20.89
C GLU F 74 32.24 18.30 20.49
N ASP F 75 31.21 18.42 19.65
CA ASP F 75 30.70 19.73 19.29
C ASP F 75 30.04 20.45 20.45
N VAL F 76 29.53 19.70 21.44
CA VAL F 76 28.85 20.30 22.58
C VAL F 76 29.60 20.08 23.89
N LEU F 77 30.50 19.11 23.97
CA LEU F 77 31.22 18.79 25.19
C LEU F 77 32.65 19.32 25.10
N LYS F 78 33.05 20.10 26.09
CA LYS F 78 34.36 20.77 26.07
C LYS F 78 34.99 20.68 27.45
N ALA F 79 36.31 20.82 27.49
CA ALA F 79 37.09 20.73 28.72
C ALA F 79 37.65 22.08 29.09
N GLY F 80 37.71 22.34 30.39
CA GLY F 80 38.23 23.61 30.90
C GLY F 80 39.28 23.45 31.98
N TYR F 81 39.09 24.13 33.11
CA TYR F 81 40.03 24.04 34.22
C TYR F 81 40.10 22.61 34.77
N GLY F 82 41.32 22.14 35.01
CA GLY F 82 41.52 20.85 35.62
C GLY F 82 40.90 19.69 34.87
N GLY F 83 40.73 19.83 33.57
CA GLY F 83 40.09 18.79 32.79
C GLY F 83 38.64 18.56 33.15
N VAL F 84 37.93 19.61 33.55
CA VAL F 84 36.50 19.50 33.87
C VAL F 84 35.76 19.54 32.54
N LYS F 85 35.41 18.36 32.03
CA LYS F 85 34.63 18.27 30.80
C LYS F 85 33.24 18.83 31.05
N CYS F 86 32.84 19.79 30.22
CA CYS F 86 31.62 20.56 30.44
C CYS F 86 30.64 20.39 29.29
N VAL F 87 29.35 20.44 29.64
CA VAL F 87 28.29 20.31 28.66
C VAL F 87 27.04 20.94 29.27
N GLU F 88 26.16 21.45 28.41
CA GLU F 88 24.95 22.13 28.88
C GLU F 88 23.78 21.77 27.97
N SER F 89 22.63 21.47 28.60
CA SER F 89 21.46 21.10 27.83
C SER F 89 20.93 22.27 27.00
N GLY F 90 20.76 23.42 27.63
CA GLY F 90 20.18 24.55 26.95
C GLY F 90 18.67 24.42 26.83
N GLY F 91 18.09 25.34 26.07
CA GLY F 91 16.66 25.35 25.87
C GLY F 91 16.15 26.60 25.18
N PRO F 92 14.84 26.79 25.20
CA PRO F 92 14.24 27.93 24.50
C PRO F 92 14.32 29.20 25.33
N GLU F 93 14.04 30.31 24.66
CA GLU F 93 13.89 31.58 25.36
C GLU F 93 12.66 31.52 26.26
N PRO F 94 12.67 32.24 27.39
CA PRO F 94 11.57 32.12 28.35
C PRO F 94 10.23 32.48 27.73
N GLY F 95 9.20 31.73 28.14
CA GLY F 95 7.84 31.97 27.68
C GLY F 95 7.42 31.20 26.46
N VAL F 96 8.26 30.32 25.93
CA VAL F 96 7.93 29.54 24.74
C VAL F 96 8.59 28.17 24.84
N GLY F 97 7.98 27.20 24.17
CA GLY F 97 8.59 25.88 24.05
C GLY F 97 8.42 25.01 25.28
N CYS F 98 9.34 24.07 25.44
CA CYS F 98 9.28 23.07 26.52
C CYS F 98 10.72 22.71 26.90
N ALA F 99 11.17 23.26 28.02
CA ALA F 99 12.55 23.05 28.46
C ALA F 99 12.77 21.64 29.00
N GLY F 100 11.75 21.05 29.60
CA GLY F 100 11.90 19.70 30.14
C GLY F 100 12.20 18.68 29.05
N ARG F 101 11.54 18.81 27.90
CA ARG F 101 11.86 17.94 26.77
C ARG F 101 13.30 18.15 26.32
N GLY F 102 13.77 19.40 26.35
CA GLY F 102 15.16 19.66 26.01
C GLY F 102 16.13 18.98 26.95
N VAL F 103 15.85 19.03 28.26
CA VAL F 103 16.68 18.35 29.23
C VAL F 103 16.67 16.84 28.97
N ILE F 104 15.48 16.30 28.68
CA ILE F 104 15.37 14.86 28.44
C ILE F 104 16.22 14.44 27.24
N THR F 105 16.07 15.16 26.12
CA THR F 105 16.79 14.77 24.92
C THR F 105 18.29 15.01 25.05
N ALA F 106 18.69 16.06 25.78
CA ALA F 106 20.11 16.30 26.00
C ALA F 106 20.73 15.21 26.86
N ILE F 107 20.02 14.78 27.91
CA ILE F 107 20.55 13.72 28.77
C ILE F 107 20.61 12.40 28.01
N ASN F 108 19.60 12.11 27.19
CA ASN F 108 19.66 10.91 26.35
C ASN F 108 20.81 10.98 25.37
N PHE F 109 21.05 12.15 24.77
CA PHE F 109 22.19 12.36 23.91
C PHE F 109 23.49 12.03 24.62
N LEU F 110 23.68 12.60 25.81
CA LEU F 110 24.90 12.34 26.56
C LEU F 110 25.04 10.86 26.90
N GLU F 111 23.93 10.20 27.25
CA GLU F 111 24.01 8.81 27.69
C GLU F 111 24.32 7.88 26.53
N GLU F 112 23.77 8.14 25.35
CA GLU F 112 23.83 7.16 24.27
C GLU F 112 24.97 7.37 23.28
N GLU F 113 25.53 8.58 23.16
CA GLU F 113 26.83 8.71 22.51
C GLU F 113 27.95 8.09 23.33
N GLY F 114 27.84 8.14 24.65
CA GLY F 114 28.89 7.67 25.53
C GLY F 114 29.67 8.81 26.14
N ALA F 115 29.29 9.16 27.37
CA ALA F 115 30.04 10.12 28.17
C ALA F 115 30.44 9.57 29.53
N TYR F 116 29.81 8.50 29.98
CA TYR F 116 30.16 7.81 31.22
C TYR F 116 31.10 6.65 30.95
N GLU F 117 32.20 6.92 30.25
CA GLU F 117 33.15 5.89 29.83
C GLU F 117 34.54 6.10 30.40
N ASP F 118 35.00 7.34 30.50
CA ASP F 118 36.32 7.64 31.06
C ASP F 118 36.23 7.53 32.58
N ASP F 119 37.27 7.99 33.27
CA ASP F 119 37.32 7.87 34.72
C ASP F 119 36.07 8.48 35.37
N LEU F 120 35.77 9.73 35.03
CA LEU F 120 34.54 10.40 35.46
C LEU F 120 34.32 10.27 36.96
N ASP F 121 35.24 10.90 37.72
CA ASP F 121 35.14 10.88 39.17
C ASP F 121 33.81 11.48 39.65
N PHE F 122 33.24 12.40 38.90
CA PHE F 122 31.97 13.01 39.27
C PHE F 122 31.21 13.44 38.01
N VAL F 123 29.89 13.27 38.05
CA VAL F 123 29.02 13.56 36.92
C VAL F 123 27.99 14.58 37.42
N PHE F 124 28.45 15.52 38.24
CA PHE F 124 27.60 16.51 38.89
C PHE F 124 26.55 17.10 37.95
N TYR F 125 25.29 17.01 38.36
CA TYR F 125 24.17 17.60 37.64
C TYR F 125 23.72 18.88 38.34
N ASP F 126 23.25 19.83 37.54
CA ASP F 126 22.71 21.08 38.05
C ASP F 126 21.30 21.25 37.50
N VAL F 127 20.33 21.43 38.40
CA VAL F 127 18.92 21.53 38.03
C VAL F 127 18.41 22.89 38.49
N LEU F 128 17.22 23.23 38.01
CA LEU F 128 16.58 24.48 38.40
C LEU F 128 15.69 24.29 39.62
N GLY F 129 15.35 25.41 40.25
CA GLY F 129 14.57 25.34 41.48
C GLY F 129 13.16 24.82 41.27
N ASP F 130 12.49 25.28 40.21
CA ASP F 130 11.08 24.97 39.99
C ASP F 130 10.98 23.72 39.12
N VAL F 131 11.15 22.57 39.76
CA VAL F 131 11.00 21.28 39.09
C VAL F 131 9.51 21.03 38.91
N VAL F 132 9.01 21.27 37.69
CA VAL F 132 7.57 21.25 37.42
C VAL F 132 7.18 20.14 36.46
N CYS F 133 8.13 19.28 36.08
CA CYS F 133 7.83 18.20 35.15
C CYS F 133 8.89 17.11 35.31
N GLY F 134 8.61 15.96 34.73
CA GLY F 134 9.57 14.86 34.73
C GLY F 134 10.81 15.14 33.92
N GLY F 135 10.75 16.11 33.00
CA GLY F 135 11.93 16.48 32.25
C GLY F 135 13.06 16.97 33.13
N PHE F 136 12.73 17.72 34.17
CA PHE F 136 13.71 18.19 35.13
C PHE F 136 13.94 17.20 36.27
N ALA F 137 13.17 16.11 36.31
CA ALA F 137 13.42 15.00 37.21
C ALA F 137 14.19 13.87 36.52
N MET F 138 14.47 14.01 35.23
CA MET F 138 15.31 13.03 34.54
C MET F 138 16.69 12.84 35.17
N PRO F 139 17.39 13.88 35.63
CA PRO F 139 18.71 13.65 36.26
C PRO F 139 18.67 12.66 37.42
N ILE F 140 17.52 12.46 38.06
CA ILE F 140 17.41 11.53 39.18
C ILE F 140 16.70 10.24 38.77
N ARG F 141 16.64 9.96 37.47
CA ARG F 141 16.06 8.70 37.00
C ARG F 141 17.02 7.54 37.27
N GLU F 142 16.65 6.35 36.79
CA GLU F 142 17.49 5.18 36.96
C GLU F 142 18.73 5.27 36.08
N ASN F 143 19.80 4.61 36.53
CA ASN F 143 21.11 4.68 35.88
C ASN F 143 21.60 6.12 35.78
N LYS F 144 21.28 6.94 36.79
CA LYS F 144 21.61 8.34 36.81
C LYS F 144 22.01 8.70 38.24
N ALA F 145 22.01 10.00 38.55
CA ALA F 145 22.45 10.50 39.85
C ALA F 145 21.85 9.71 41.01
N GLN F 146 22.73 9.22 41.88
CA GLN F 146 22.33 8.44 43.05
C GLN F 146 22.58 9.17 44.36
N GLU F 147 22.89 10.47 44.31
CA GLU F 147 23.24 11.22 45.51
C GLU F 147 22.81 12.67 45.29
N ILE F 148 21.74 13.08 45.96
CA ILE F 148 21.13 14.39 45.76
C ILE F 148 21.50 15.29 46.93
N TYR F 149 22.00 16.47 46.62
CA TYR F 149 22.31 17.50 47.62
C TYR F 149 21.35 18.66 47.43
N ILE F 150 20.76 19.12 48.53
CA ILE F 150 19.81 20.23 48.52
C ILE F 150 20.50 21.44 49.13
N VAL F 151 20.61 22.52 48.36
CA VAL F 151 21.18 23.76 48.85
C VAL F 151 20.06 24.58 49.48
N CYS F 152 20.20 24.88 50.77
CA CYS F 152 19.16 25.56 51.52
C CYS F 152 19.79 26.47 52.57
N SER F 153 18.99 27.40 53.08
CA SER F 153 19.41 28.32 54.12
C SER F 153 18.35 28.33 55.21
N GLY F 154 18.60 29.13 56.25
CA GLY F 154 17.63 29.25 57.32
C GLY F 154 16.62 30.34 57.03
N GLU F 155 15.47 29.94 56.48
CA GLU F 155 14.41 30.85 56.09
C GLU F 155 13.22 30.01 55.62
N MET F 156 12.01 30.54 55.84
CA MET F 156 10.80 29.75 55.63
C MET F 156 10.73 29.17 54.22
N MET F 157 11.15 29.93 53.21
CA MET F 157 10.94 29.50 51.84
C MET F 157 11.90 28.37 51.49
N ALA F 158 13.12 28.43 52.04
CA ALA F 158 14.06 27.33 51.86
C ALA F 158 13.55 26.05 52.51
N MET F 159 12.96 26.15 53.70
CA MET F 159 12.38 24.95 54.33
C MET F 159 11.24 24.39 53.51
N TYR F 160 10.37 25.25 52.98
CA TYR F 160 9.28 24.77 52.13
C TYR F 160 9.84 24.07 50.89
N ALA F 161 10.85 24.66 50.25
CA ALA F 161 11.47 24.05 49.08
C ALA F 161 12.09 22.70 49.42
N ALA F 162 12.79 22.63 50.55
CA ALA F 162 13.43 21.38 50.95
C ALA F 162 12.40 20.30 51.23
N ASN F 163 11.30 20.66 51.89
CA ASN F 163 10.24 19.68 52.16
C ASN F 163 9.61 19.19 50.86
N ASN F 164 9.32 20.09 49.93
CA ASN F 164 8.73 19.67 48.66
C ASN F 164 9.68 18.79 47.87
N ILE F 165 10.98 19.11 47.88
CA ILE F 165 11.96 18.30 47.17
C ILE F 165 12.09 16.92 47.81
N SER F 166 12.10 16.86 49.14
CA SER F 166 12.16 15.57 49.82
C SER F 166 10.92 14.74 49.51
N LYS F 167 9.76 15.38 49.40
CA LYS F 167 8.57 14.68 48.95
C LYS F 167 8.75 14.16 47.53
N GLY F 168 9.35 14.96 46.66
CA GLY F 168 9.57 14.56 45.27
C GLY F 168 10.64 13.49 45.09
N ILE F 169 11.46 13.25 46.09
CA ILE F 169 12.49 12.21 46.01
C ILE F 169 12.02 11.01 46.82
N VAL F 170 10.70 10.83 46.92
CA VAL F 170 10.12 9.62 47.46
C VAL F 170 9.65 8.68 46.35
N LYS F 171 9.01 9.25 45.32
CA LYS F 171 8.53 8.43 44.20
C LYS F 171 9.69 7.77 43.45
N TYR F 172 10.77 8.52 43.23
CA TYR F 172 11.91 8.00 42.48
C TYR F 172 12.85 7.17 43.34
N ALA F 173 12.71 7.20 44.66
CA ALA F 173 13.60 6.46 45.56
C ALA F 173 13.03 5.13 45.99
N ASN F 174 11.70 5.04 46.19
CA ASN F 174 11.09 3.79 46.58
C ASN F 174 11.17 2.73 45.48
N SER F 175 11.46 3.14 44.25
CA SER F 175 11.59 2.24 43.11
C SER F 175 12.92 2.45 42.41
N GLY F 176 13.97 2.69 43.19
CA GLY F 176 15.28 2.92 42.61
C GLY F 176 16.35 2.97 43.67
N SER F 177 17.57 3.25 43.23
CA SER F 177 18.73 3.31 44.12
C SER F 177 19.20 4.73 44.39
N VAL F 178 18.47 5.74 43.95
CA VAL F 178 18.88 7.12 44.17
C VAL F 178 18.51 7.54 45.60
N ARG F 179 19.50 8.04 46.34
CA ARG F 179 19.31 8.44 47.72
C ARG F 179 19.69 9.91 47.90
N LEU F 180 19.51 10.39 49.12
CA LEU F 180 19.83 11.77 49.47
C LEU F 180 21.15 11.80 50.24
N GLY F 181 22.12 12.55 49.72
CA GLY F 181 23.43 12.62 50.33
C GLY F 181 23.49 13.52 51.53
N GLY F 182 23.09 14.78 51.35
CA GLY F 182 23.15 15.74 52.44
C GLY F 182 22.58 17.07 52.00
N LEU F 183 22.64 18.03 52.91
CA LEU F 183 22.11 19.37 52.69
C LEU F 183 23.25 20.38 52.76
N ILE F 184 23.39 21.18 51.72
CA ILE F 184 24.43 22.21 51.65
C ILE F 184 23.82 23.54 52.07
N CYS F 185 24.58 24.33 52.83
CA CYS F 185 24.11 25.58 53.40
C CYS F 185 24.74 26.77 52.69
N ASN F 186 23.91 27.72 52.28
CA ASN F 186 24.35 29.02 51.76
C ASN F 186 23.73 30.08 52.65
N SER F 187 24.53 30.65 53.54
CA SER F 187 24.01 31.51 54.59
C SER F 187 23.34 32.76 54.02
N ARG F 188 22.24 33.15 54.65
CA ARG F 188 21.56 34.41 54.37
C ARG F 188 21.88 35.50 55.40
N ASN F 189 22.80 35.13 56.31
CA ASN F 189 23.15 36.00 57.44
C ASN F 189 21.94 35.98 58.38
N THR F 190 21.52 34.78 58.77
CA THR F 190 20.32 34.62 59.65
C THR F 190 20.76 34.31 61.08
N ASP F 191 19.90 34.59 62.06
CA ASP F 191 20.25 34.48 63.50
C ASP F 191 20.37 33.00 63.89
N ARG F 192 21.27 32.70 64.83
CA ARG F 192 21.47 31.29 65.29
C ARG F 192 21.02 30.32 64.20
N GLU F 193 21.59 30.45 62.99
CA GLU F 193 21.13 29.59 61.86
C GLU F 193 21.75 28.21 61.98
N ASP F 194 23.04 28.14 62.27
CA ASP F 194 23.72 26.86 62.27
C ASP F 194 22.93 25.81 63.07
N GLU F 195 22.47 26.19 64.26
CA GLU F 195 21.69 25.26 65.08
C GLU F 195 20.37 24.90 64.42
N LEU F 196 19.72 25.86 63.77
CA LEU F 196 18.48 25.57 63.05
C LEU F 196 18.74 24.59 61.91
N ILE F 197 19.85 24.76 61.19
CA ILE F 197 20.11 23.89 60.05
C ILE F 197 20.46 22.48 60.52
N ILE F 198 21.24 22.36 61.60
CA ILE F 198 21.51 21.02 62.13
C ILE F 198 20.23 20.41 62.69
N ALA F 199 19.32 21.23 63.22
CA ALA F 199 18.03 20.73 63.65
C ALA F 199 17.24 20.16 62.50
N LEU F 200 17.25 20.84 61.35
CA LEU F 200 16.60 20.31 60.16
C LEU F 200 17.27 19.01 59.71
N ALA F 201 18.61 18.98 59.74
CA ALA F 201 19.34 17.81 59.29
C ALA F 201 18.99 16.58 60.12
N ASN F 202 18.95 16.73 61.45
CA ASN F 202 18.51 15.61 62.28
C ASN F 202 17.01 15.38 62.21
N LYS F 203 16.24 16.39 61.81
CA LYS F 203 14.80 16.20 61.61
C LYS F 203 14.53 15.28 60.42
N LEU F 204 15.40 15.31 59.41
CA LEU F 204 15.32 14.37 58.30
C LEU F 204 16.27 13.19 58.48
N GLY F 205 16.83 13.02 59.66
CA GLY F 205 17.74 11.91 59.92
C GLY F 205 19.00 11.96 59.08
N THR F 206 19.46 13.17 58.74
CA THR F 206 20.65 13.33 57.91
C THR F 206 21.64 14.26 58.62
N GLN F 207 22.68 14.67 57.90
CA GLN F 207 23.63 15.63 58.46
C GLN F 207 23.87 16.72 57.43
N MET F 208 24.26 17.89 57.94
CA MET F 208 24.60 19.04 57.12
C MET F 208 26.10 18.99 56.82
N ILE F 209 26.44 19.09 55.54
CA ILE F 209 27.84 18.91 55.13
C ILE F 209 28.65 20.14 55.47
N HIS F 210 28.23 21.30 54.97
CA HIS F 210 29.04 22.51 55.17
C HIS F 210 28.13 23.72 55.19
N PHE F 211 28.58 24.74 55.92
CA PHE F 211 27.91 26.03 56.02
C PHE F 211 28.76 27.06 55.30
N VAL F 212 28.19 27.72 54.31
CA VAL F 212 28.90 28.71 53.50
C VAL F 212 28.34 30.08 53.83
N PRO F 213 29.13 30.99 54.37
CA PRO F 213 28.60 32.31 54.75
C PRO F 213 28.25 33.14 53.54
N ARG F 214 27.48 34.21 53.80
CA ARG F 214 27.06 35.14 52.76
C ARG F 214 28.20 36.08 52.42
N ASP F 215 29.35 35.51 52.04
CA ASP F 215 30.54 36.30 51.73
C ASP F 215 30.34 37.08 50.44
N ASN F 216 31.01 38.23 50.37
CA ASN F 216 30.93 39.10 49.19
C ASN F 216 31.98 38.77 48.15
N VAL F 217 32.81 37.76 48.38
CA VAL F 217 33.81 37.35 47.40
C VAL F 217 33.15 36.74 46.18
N VAL F 218 32.06 35.98 46.40
CA VAL F 218 31.41 35.28 45.30
C VAL F 218 30.84 36.25 44.27
N GLN F 219 30.21 37.34 44.74
CA GLN F 219 29.67 38.31 43.81
C GLN F 219 30.74 39.06 43.04
N ARG F 220 31.94 39.18 43.61
CA ARG F 220 33.07 39.76 42.89
C ARG F 220 33.68 38.78 41.89
N ALA F 221 33.66 37.49 42.21
CA ALA F 221 34.17 36.47 41.30
C ALA F 221 33.21 36.22 40.15
N GLU F 222 31.91 36.44 40.35
CA GLU F 222 30.95 36.20 39.27
C GLU F 222 31.03 37.27 38.20
N ILE F 223 31.25 38.53 38.59
CA ILE F 223 31.35 39.60 37.60
C ILE F 223 32.60 39.45 36.74
N ARG F 224 33.70 38.96 37.32
CA ARG F 224 34.91 38.64 36.58
C ARG F 224 34.83 37.20 36.09
N ARG F 225 33.69 36.53 36.31
CA ARG F 225 33.36 35.20 35.80
C ARG F 225 34.49 34.18 36.01
N MET F 226 35.27 34.37 37.06
CA MET F 226 36.38 33.48 37.39
C MET F 226 36.13 32.94 38.78
N THR F 227 36.05 31.61 38.92
CA THR F 227 35.72 31.01 40.21
C THR F 227 36.81 31.33 41.24
N VAL F 228 36.46 31.15 42.51
CA VAL F 228 37.38 31.52 43.59
C VAL F 228 38.67 30.72 43.50
N ILE F 229 38.58 29.47 43.09
CA ILE F 229 39.80 28.69 42.84
C ILE F 229 40.61 29.32 41.72
N GLU F 230 39.94 29.69 40.62
CA GLU F 230 40.61 30.42 39.55
C GLU F 230 41.06 31.80 40.01
N TYR F 231 40.24 32.46 40.83
CA TYR F 231 40.55 33.79 41.33
C TYR F 231 41.91 33.83 42.01
N ASP F 232 42.09 33.00 43.04
CA ASP F 232 43.37 32.88 43.73
C ASP F 232 43.37 31.59 44.55
N PRO F 233 44.44 30.81 44.50
CA PRO F 233 44.46 29.54 45.23
C PRO F 233 44.73 29.69 46.73
N LYS F 234 44.66 30.93 47.24
CA LYS F 234 45.01 31.16 48.63
C LYS F 234 43.97 31.99 49.37
N ALA F 235 42.69 31.92 49.01
CA ALA F 235 41.66 32.70 49.64
C ALA F 235 41.00 31.92 50.79
N LYS F 236 40.14 32.61 51.53
CA LYS F 236 39.42 31.97 52.63
C LYS F 236 38.37 31.00 52.08
N GLN F 237 37.61 31.45 51.09
CA GLN F 237 36.65 30.57 50.41
C GLN F 237 37.32 29.41 49.72
N ALA F 238 38.55 29.57 49.24
CA ALA F 238 39.28 28.45 48.66
C ALA F 238 39.47 27.33 49.67
N ASP F 239 39.93 27.67 50.88
CA ASP F 239 40.08 26.66 51.93
C ASP F 239 38.73 26.09 52.33
N GLU F 240 37.71 26.94 52.43
CA GLU F 240 36.37 26.44 52.75
C GLU F 240 35.85 25.50 51.67
N TYR F 241 36.07 25.84 50.40
CA TYR F 241 35.59 24.96 49.34
C TYR F 241 36.41 23.68 49.26
N ARG F 242 37.68 23.71 49.68
CA ARG F 242 38.43 22.47 49.82
C ARG F 242 37.85 21.59 50.92
N ALA F 243 37.44 22.20 52.03
CA ALA F 243 36.77 21.44 53.08
C ALA F 243 35.46 20.85 52.57
N LEU F 244 34.71 21.63 51.78
CA LEU F 244 33.50 21.12 51.15
C LEU F 244 33.82 19.92 50.25
N ALA F 245 34.89 20.02 49.47
CA ALA F 245 35.29 18.93 48.59
C ALA F 245 35.61 17.67 49.39
N ARG F 246 36.36 17.82 50.48
CA ARG F 246 36.73 16.68 51.31
C ARG F 246 35.47 16.03 51.89
N LYS F 247 34.60 16.83 52.51
CA LYS F 247 33.42 16.24 53.14
C LYS F 247 32.39 15.78 52.14
N VAL F 248 32.52 16.14 50.86
CA VAL F 248 31.63 15.59 49.84
C VAL F 248 32.22 14.36 49.16
N VAL F 249 33.54 14.16 49.21
CA VAL F 249 34.10 12.93 48.66
C VAL F 249 34.13 11.81 49.69
N ASP F 250 34.22 12.13 50.98
CA ASP F 250 34.26 11.10 52.01
C ASP F 250 32.90 10.89 52.67
N ASN F 251 31.83 11.19 51.96
CA ASN F 251 30.48 11.06 52.52
C ASN F 251 30.01 9.60 52.45
N LYS F 252 29.38 9.15 53.52
CA LYS F 252 28.87 7.78 53.61
C LYS F 252 27.42 7.69 54.06
N LEU F 253 26.77 8.81 54.36
CA LEU F 253 25.41 8.80 54.89
C LEU F 253 24.43 9.14 53.78
N LEU F 254 23.45 8.25 53.58
CA LEU F 254 22.42 8.45 52.55
C LEU F 254 21.23 7.57 52.89
N VAL F 255 20.09 8.20 53.18
CA VAL F 255 18.88 7.49 53.60
C VAL F 255 17.71 7.97 52.75
N ILE F 256 16.70 7.12 52.62
CA ILE F 256 15.48 7.45 51.89
C ILE F 256 14.78 8.60 52.60
N PRO F 257 14.52 9.71 51.92
CA PRO F 257 13.81 10.82 52.57
C PRO F 257 12.38 10.45 52.93
N ASN F 258 11.91 11.01 54.03
CA ASN F 258 10.53 10.84 54.49
C ASN F 258 9.95 12.21 54.77
N PRO F 259 8.83 12.58 54.15
CA PRO F 259 8.24 13.91 54.41
C PRO F 259 7.86 14.06 55.87
N ILE F 260 8.06 15.27 56.39
CA ILE F 260 7.76 15.58 57.78
C ILE F 260 6.52 16.48 57.83
N THR F 261 5.99 16.64 59.03
CA THR F 261 4.74 17.37 59.21
C THR F 261 4.97 18.88 59.20
N MET F 262 3.85 19.62 59.16
CA MET F 262 3.86 21.05 58.98
C MET F 262 4.00 21.81 60.30
N ASP F 263 3.59 21.20 61.43
CA ASP F 263 3.66 21.88 62.72
C ASP F 263 5.07 22.34 63.05
N GLU F 264 6.07 21.52 62.72
CA GLU F 264 7.46 21.94 62.93
C GLU F 264 7.81 23.15 62.09
N LEU F 265 7.33 23.20 60.85
CA LEU F 265 7.54 24.39 60.03
C LEU F 265 6.89 25.61 60.67
N GLU F 266 5.72 25.41 61.29
CA GLU F 266 5.03 26.52 61.94
C GLU F 266 5.81 27.04 63.15
N GLU F 267 6.33 26.13 63.99
CA GLU F 267 6.89 26.54 65.27
C GLU F 267 8.41 26.42 65.33
N LEU F 268 9.09 26.37 64.18
CA LEU F 268 10.54 26.40 64.18
C LEU F 268 11.09 27.69 64.77
N LEU F 269 10.48 28.83 64.40
CA LEU F 269 11.00 30.11 64.86
C LEU F 269 10.88 30.26 66.37
N MET F 270 9.80 29.72 66.96
CA MET F 270 9.65 29.79 68.41
C MET F 270 10.77 29.06 69.13
N GLU F 271 11.16 27.88 68.62
CA GLU F 271 12.27 27.14 69.21
C GLU F 271 13.57 27.90 69.08
N PHE F 272 13.80 28.53 67.92
CA PHE F 272 15.03 29.27 67.68
C PHE F 272 14.79 30.77 67.70
#